data_6EK4
#
_entry.id   6EK4
#
_cell.length_a   104.590
_cell.length_b   70.180
_cell.length_c   136.890
_cell.angle_alpha   90.00
_cell.angle_beta   108.41
_cell.angle_gamma   90.00
#
_symmetry.space_group_name_H-M   'P 1 21 1'
#
loop_
_entity.id
_entity.type
_entity.pdbx_description
1 polymer PaxB
2 non-polymer 'SODIUM ION'
3 water water
#
_entity_poly.entity_id   1
_entity_poly.type   'polypeptide(L)'
_entity_poly.pdbx_seq_one_letter_code
;MSEIITFPQQTVVYPEINVKTLSQAVKNIWRLSHQQKSGIEIIQEKTLRISLYSRDLDEAARASVPQLQTVLRQLPPQDY
FLTLTEIDTELEDPELDDETRNTLLEARSEHIRNLKKDVKGVIRSLRKEANLMASRIADVSNVVILERLESSLKEEQERK
AEIQADIAQQEKNKAKLVVDRNKIIESQDVIRQYNLADMFKDYIPNISDLDKLDLANPKKELIKQAIKQGVEIAKKILGN
ISKGLKYIELADARAKLDERINQINKDCDDLKIQLKGVEQRIAGIEDVHQIDKERTTLLLQAAKLEQAWNIFAKQLQNTI
DGKIDQQDLTKIIHKQLDFLDDLALQYHSMLLS
;
_entity_poly.pdbx_strand_id   A,B,C,D
#
# COMPACT_ATOMS: atom_id res chain seq x y z
N VAL A 12 31.98 10.01 45.94
CA VAL A 12 31.51 9.55 44.59
C VAL A 12 30.36 8.54 44.75
N VAL A 13 29.34 8.69 43.90
CA VAL A 13 28.20 7.76 43.90
C VAL A 13 27.95 7.27 42.47
N TYR A 14 27.70 5.97 42.32
CA TYR A 14 27.40 5.37 41.02
C TYR A 14 25.92 5.52 40.70
N PRO A 15 25.56 5.69 39.40
CA PRO A 15 24.15 5.77 39.03
C PRO A 15 23.41 4.44 39.20
N GLU A 16 22.14 4.51 39.60
CA GLU A 16 21.28 3.33 39.64
C GLU A 16 20.69 3.12 38.25
N ILE A 17 21.04 2.00 37.62
CA ILE A 17 20.64 1.72 36.24
C ILE A 17 19.75 0.47 36.19
N ASN A 18 18.62 0.60 35.51
CA ASN A 18 17.71 -0.52 35.27
C ASN A 18 17.81 -0.91 33.79
N VAL A 19 18.55 -1.99 33.51
CA VAL A 19 18.74 -2.46 32.13
C VAL A 19 17.50 -3.14 31.55
N LYS A 20 16.57 -3.55 32.41
CA LYS A 20 15.28 -4.10 31.96
C LYS A 20 14.44 -3.00 31.34
N THR A 21 14.38 -1.85 32.00
CA THR A 21 13.69 -0.67 31.47
C THR A 21 14.32 -0.22 30.15
N LEU A 22 15.64 -0.38 30.04
CA LEU A 22 16.37 -0.04 28.83
C LEU A 22 16.01 -1.02 27.70
N SER A 23 16.12 -2.32 27.98
CA SER A 23 15.88 -3.35 26.97
C SER A 23 14.41 -3.50 26.57
N GLN A 24 13.51 -3.32 27.53
CA GLN A 24 12.08 -3.38 27.26
C GLN A 24 11.63 -2.24 26.36
N ALA A 25 12.24 -1.06 26.55
CA ALA A 25 11.95 0.10 25.71
C ALA A 25 12.41 -0.13 24.27
N VAL A 26 13.56 -0.79 24.11
CA VAL A 26 14.07 -1.16 22.79
C VAL A 26 13.14 -2.19 22.14
N LYS A 27 12.65 -3.13 22.93
CA LYS A 27 11.68 -4.13 22.48
C LYS A 27 10.37 -3.48 22.03
N ASN A 28 9.92 -2.48 22.79
CA ASN A 28 8.69 -1.76 22.46
C ASN A 28 8.80 -0.89 21.21
N ILE A 29 9.98 -0.33 20.98
CA ILE A 29 10.22 0.47 19.77
C ILE A 29 10.16 -0.41 18.52
N TRP A 30 10.73 -1.60 18.60
CA TRP A 30 10.67 -2.58 17.50
C TRP A 30 9.23 -2.94 17.18
N ARG A 31 8.46 -3.29 18.20
CA ARG A 31 7.06 -3.68 18.04
C ARG A 31 6.23 -2.54 17.44
N LEU A 32 6.41 -1.34 17.98
CA LEU A 32 5.66 -0.16 17.52
C LEU A 32 6.08 0.29 16.12
N SER A 33 7.36 0.20 15.80
CA SER A 33 7.86 0.65 14.50
C SER A 33 7.40 -0.22 13.33
N HIS A 34 6.91 -1.43 13.62
CA HIS A 34 6.45 -2.35 12.58
C HIS A 34 4.92 -2.43 12.44
N GLN A 35 4.18 -2.14 13.51
CA GLN A 35 2.72 -2.15 13.46
C GLN A 35 2.14 -0.77 13.12
N GLN A 36 2.88 0.29 13.46
CA GLN A 36 2.49 1.67 13.14
C GLN A 36 2.22 1.84 11.64
N LYS A 37 1.06 2.41 11.32
CA LYS A 37 0.65 2.66 9.94
C LYS A 37 0.02 4.05 9.79
N SER A 38 0.86 5.08 9.99
CA SER A 38 0.44 6.47 9.79
C SER A 38 0.41 6.84 8.31
N GLY A 39 1.19 6.13 7.50
CA GLY A 39 1.19 6.31 6.04
C GLY A 39 1.92 7.54 5.55
N ILE A 40 2.90 8.00 6.33
CA ILE A 40 3.71 9.16 5.95
C ILE A 40 4.96 8.73 5.18
N GLU A 41 5.45 7.51 5.47
CA GLU A 41 6.51 6.84 4.71
C GLU A 41 7.93 7.25 5.16
N ILE A 42 8.24 8.54 5.12
CA ILE A 42 9.51 9.03 5.66
C ILE A 42 9.57 8.80 7.17
N ILE A 43 8.42 8.95 7.83
CA ILE A 43 8.31 8.64 9.25
C ILE A 43 8.46 7.13 9.47
N GLN A 44 7.86 6.35 8.57
CA GLN A 44 7.96 4.90 8.62
C GLN A 44 9.42 4.44 8.50
N GLU A 45 10.19 5.11 7.65
CA GLU A 45 11.61 4.79 7.49
C GLU A 45 12.43 5.26 8.69
N LYS A 46 12.16 6.47 9.17
CA LYS A 46 12.87 7.02 10.32
C LYS A 46 12.64 6.21 11.59
N THR A 47 11.43 5.70 11.78
CA THR A 47 11.12 4.85 12.93
C THR A 47 11.89 3.54 12.88
N LEU A 48 12.09 3.01 11.67
CA LEU A 48 12.89 1.80 11.48
C LEU A 48 14.38 2.07 11.77
N ARG A 49 14.84 3.29 11.51
CA ARG A 49 16.20 3.68 11.86
C ARG A 49 16.39 3.72 13.38
N ILE A 50 15.37 4.22 14.08
CA ILE A 50 15.42 4.34 15.54
C ILE A 50 15.43 2.95 16.18
N SER A 51 14.60 2.04 15.68
CA SER A 51 14.55 0.67 16.21
C SER A 51 15.86 -0.09 15.94
N LEU A 52 16.45 0.16 14.77
CA LEU A 52 17.69 -0.51 14.38
C LEU A 52 18.87 -0.05 15.24
N TYR A 53 18.99 1.27 15.41
CA TYR A 53 20.02 1.84 16.28
C TYR A 53 19.74 1.57 17.77
N SER A 54 18.46 1.48 18.14
CA SER A 54 18.07 1.13 19.50
C SER A 54 18.57 -0.26 19.87
N ARG A 55 18.43 -1.20 18.93
CA ARG A 55 18.89 -2.57 19.11
C ARG A 55 20.42 -2.62 19.18
N ASP A 56 21.08 -1.80 18.37
CA ASP A 56 22.55 -1.68 18.42
C ASP A 56 23.03 -1.14 19.77
N LEU A 57 22.30 -0.18 20.32
CA LEU A 57 22.61 0.38 21.63
C LEU A 57 22.44 -0.68 22.71
N ASP A 58 21.36 -1.45 22.62
CA ASP A 58 21.09 -2.54 23.55
C ASP A 58 22.19 -3.61 23.49
N GLU A 59 22.65 -3.92 22.28
CA GLU A 59 23.75 -4.86 22.07
C GLU A 59 25.04 -4.37 22.74
N ALA A 60 25.32 -3.08 22.60
CA ALA A 60 26.49 -2.46 23.20
C ALA A 60 26.42 -2.51 24.74
N ALA A 61 25.23 -2.25 25.27
CA ALA A 61 25.00 -2.28 26.71
C ALA A 61 25.20 -3.69 27.28
N ARG A 62 24.66 -4.70 26.58
CA ARG A 62 24.78 -6.09 27.00
C ARG A 62 26.22 -6.61 26.96
N ALA A 63 26.98 -6.17 25.96
CA ALA A 63 28.36 -6.63 25.76
C ALA A 63 29.35 -5.93 26.70
N SER A 64 29.02 -4.69 27.08
CA SER A 64 29.92 -3.90 27.94
C SER A 64 30.14 -4.54 29.31
N VAL A 65 29.09 -5.16 29.86
CA VAL A 65 29.16 -5.72 31.21
C VAL A 65 30.19 -6.86 31.33
N PRO A 66 30.06 -7.93 30.51
CA PRO A 66 31.06 -9.01 30.56
C PRO A 66 32.44 -8.60 30.03
N GLN A 67 32.49 -7.56 29.20
CA GLN A 67 33.76 -7.04 28.69
C GLN A 67 34.55 -6.36 29.81
N LEU A 68 33.89 -5.44 30.51
CA LEU A 68 34.54 -4.71 31.61
C LEU A 68 34.81 -5.59 32.82
N GLN A 69 33.96 -6.60 33.06
CA GLN A 69 34.21 -7.58 34.11
C GLN A 69 35.52 -8.31 33.86
N THR A 70 35.71 -8.79 32.63
CA THR A 70 36.95 -9.47 32.25
C THR A 70 38.18 -8.61 32.50
N VAL A 71 38.10 -7.33 32.11
CA VAL A 71 39.23 -6.41 32.24
C VAL A 71 39.57 -6.13 33.72
N LEU A 72 38.56 -5.81 34.51
CA LEU A 72 38.76 -5.50 35.94
C LEU A 72 39.20 -6.71 36.76
N ARG A 73 38.77 -7.90 36.35
CA ARG A 73 39.12 -9.14 37.07
C ARG A 73 40.58 -9.57 36.88
N GLN A 74 41.27 -9.00 35.90
CA GLN A 74 42.68 -9.32 35.65
C GLN A 74 43.64 -8.66 36.65
N LEU A 75 43.20 -7.58 37.30
CA LEU A 75 44.06 -6.83 38.21
C LEU A 75 44.27 -7.49 39.59
N PRO A 76 43.19 -7.84 40.31
CA PRO A 76 43.33 -8.44 41.65
C PRO A 76 44.32 -9.61 41.79
N PRO A 77 44.32 -10.58 40.84
CA PRO A 77 45.24 -11.71 41.00
C PRO A 77 46.73 -11.41 40.77
N GLN A 78 47.08 -10.16 40.45
CA GLN A 78 48.47 -9.76 40.25
C GLN A 78 49.24 -9.81 41.58
N ASP A 79 50.55 -10.06 41.48
CA ASP A 79 51.40 -10.24 42.66
C ASP A 79 51.63 -8.95 43.46
N TYR A 80 51.68 -7.82 42.76
CA TYR A 80 52.05 -6.55 43.40
C TYR A 80 51.06 -6.04 44.45
N PHE A 81 49.80 -6.44 44.37
CA PHE A 81 48.79 -6.03 45.37
C PHE A 81 49.15 -6.49 46.79
N LEU A 82 49.60 -7.73 46.92
CA LEU A 82 49.93 -8.30 48.23
C LEU A 82 51.35 -7.91 48.65
N THR A 83 52.30 -8.02 47.72
CA THR A 83 53.71 -7.79 48.04
C THR A 83 54.07 -6.33 48.31
N LEU A 84 53.26 -5.38 47.82
CA LEU A 84 53.47 -3.96 48.13
C LEU A 84 53.12 -3.66 49.59
N THR A 85 52.06 -4.28 50.11
CA THR A 85 51.73 -4.19 51.54
C THR A 85 52.83 -4.84 52.38
N GLU A 86 53.37 -5.96 51.90
CA GLU A 86 54.47 -6.65 52.59
C GLU A 86 55.78 -5.85 52.53
N ILE A 87 55.99 -5.12 51.44
CA ILE A 87 57.14 -4.22 51.32
C ILE A 87 57.01 -3.05 52.28
N ASP A 88 55.89 -2.34 52.20
CA ASP A 88 55.66 -1.13 53.00
C ASP A 88 55.62 -1.39 54.51
N THR A 89 55.15 -2.57 54.91
CA THR A 89 55.13 -2.96 56.32
C THR A 89 56.53 -3.30 56.84
N GLU A 90 57.34 -3.92 55.98
CA GLU A 90 58.73 -4.24 56.33
C GLU A 90 59.66 -3.03 56.12
N LEU A 91 59.14 -1.97 55.51
CA LEU A 91 59.90 -0.75 55.25
C LEU A 91 59.70 0.26 56.40
N GLU A 92 59.81 -0.22 57.64
CA GLU A 92 59.49 0.59 58.82
C GLU A 92 60.61 0.57 59.87
N ASP A 93 60.94 -0.62 60.36
CA ASP A 93 61.94 -0.79 61.43
C ASP A 93 63.35 -0.37 61.01
N PRO A 94 64.26 -0.14 61.99
CA PRO A 94 65.65 0.17 61.66
C PRO A 94 66.33 -0.95 60.87
N GLU A 95 66.60 -0.69 59.59
CA GLU A 95 67.09 -1.70 58.65
C GLU A 95 68.41 -1.29 58.00
N LEU A 96 68.97 -2.21 57.22
CA LEU A 96 70.15 -1.93 56.41
C LEU A 96 69.79 -0.88 55.36
N ASP A 97 70.37 0.30 55.48
CA ASP A 97 69.97 1.46 54.67
C ASP A 97 70.24 1.32 53.17
N ASP A 98 71.19 0.45 52.80
CA ASP A 98 71.52 0.23 51.38
C ASP A 98 71.08 -1.16 50.91
N GLU A 99 71.49 -2.20 51.63
CA GLU A 99 71.19 -3.57 51.24
C GLU A 99 69.69 -3.87 51.19
N THR A 100 68.95 -3.38 52.19
CA THR A 100 67.52 -3.68 52.30
C THR A 100 66.65 -2.51 51.84
N ARG A 101 66.88 -1.32 52.40
CA ARG A 101 65.99 -0.18 52.19
C ARG A 101 66.03 0.34 50.75
N ASN A 102 67.23 0.54 50.22
CA ASN A 102 67.38 1.02 48.83
C ASN A 102 66.89 0.00 47.80
N THR A 103 67.11 -1.28 48.07
CA THR A 103 66.71 -2.35 47.16
C THR A 103 65.19 -2.53 47.15
N LEU A 104 64.58 -2.51 48.33
CA LEU A 104 63.12 -2.66 48.46
C LEU A 104 62.36 -1.49 47.81
N LEU A 105 62.93 -0.30 47.87
CA LEU A 105 62.36 0.87 47.18
C LEU A 105 62.34 0.67 45.67
N GLU A 106 63.43 0.13 45.13
CA GLU A 106 63.54 -0.14 43.70
C GLU A 106 62.63 -1.28 43.25
N ALA A 107 62.32 -2.18 44.17
CA ALA A 107 61.37 -3.27 43.92
C ALA A 107 59.93 -2.77 43.88
N ARG A 108 59.59 -1.85 44.77
CA ARG A 108 58.24 -1.27 44.81
C ARG A 108 58.02 -0.31 43.66
N SER A 109 59.10 0.33 43.19
CA SER A 109 59.04 1.18 42.00
C SER A 109 58.77 0.36 40.74
N GLU A 110 59.25 -0.88 40.73
CA GLU A 110 58.98 -1.82 39.64
C GLU A 110 57.51 -2.24 39.67
N HIS A 111 57.02 -2.58 40.85
CA HIS A 111 55.63 -2.99 41.06
C HIS A 111 54.66 -1.86 40.69
N ILE A 112 54.98 -0.64 41.12
CA ILE A 112 54.14 0.53 40.84
C ILE A 112 54.07 0.84 39.35
N ARG A 113 55.17 0.64 38.64
CA ARG A 113 55.20 0.90 37.19
C ARG A 113 54.31 -0.08 36.44
N ASN A 114 54.25 -1.32 36.92
CA ASN A 114 53.34 -2.34 36.37
C ASN A 114 51.89 -2.07 36.76
N LEU A 115 51.69 -1.56 37.97
CA LEU A 115 50.35 -1.22 38.47
C LEU A 115 49.75 -0.07 37.66
N LYS A 116 50.54 0.98 37.44
CA LYS A 116 50.12 2.11 36.60
C LYS A 116 49.78 1.65 35.18
N LYS A 117 50.62 0.78 34.63
CA LYS A 117 50.45 0.28 33.27
C LYS A 117 49.18 -0.54 33.09
N ASP A 118 48.84 -1.35 34.10
CA ASP A 118 47.60 -2.13 34.09
C ASP A 118 46.38 -1.23 34.26
N VAL A 119 46.44 -0.31 35.22
CA VAL A 119 45.32 0.60 35.50
C VAL A 119 45.11 1.58 34.35
N LYS A 120 46.18 1.97 33.66
CA LYS A 120 46.05 2.74 32.42
C LYS A 120 45.24 1.97 31.39
N GLY A 121 45.48 0.66 31.31
CA GLY A 121 44.81 -0.21 30.35
C GLY A 121 43.32 -0.38 30.59
N VAL A 122 42.92 -0.55 31.84
CA VAL A 122 41.50 -0.71 32.17
C VAL A 122 40.74 0.61 31.99
N ILE A 123 41.43 1.73 32.18
CA ILE A 123 40.87 3.05 31.94
C ILE A 123 40.57 3.24 30.45
N ARG A 124 41.47 2.77 29.59
CA ARG A 124 41.25 2.81 28.15
C ARG A 124 40.07 1.92 27.73
N SER A 125 39.89 0.79 28.41
CA SER A 125 38.75 -0.08 28.18
C SER A 125 37.44 0.57 28.60
N LEU A 126 37.44 1.25 29.75
CA LEU A 126 36.26 1.97 30.24
C LEU A 126 35.91 3.14 29.32
N ARG A 127 36.92 3.88 28.87
CA ARG A 127 36.73 4.99 27.95
C ARG A 127 36.22 4.51 26.58
N LYS A 128 36.71 3.36 26.15
CA LYS A 128 36.27 2.74 24.89
C LYS A 128 34.77 2.39 24.92
N GLU A 129 34.29 1.92 26.08
CA GLU A 129 32.87 1.61 26.26
C GLU A 129 32.02 2.86 26.40
N ALA A 130 32.58 3.90 27.02
CA ALA A 130 31.88 5.18 27.17
C ALA A 130 31.71 5.87 25.83
N ASN A 131 32.78 5.92 25.03
CA ASN A 131 32.74 6.50 23.70
C ASN A 131 31.83 5.73 22.75
N LEU A 132 31.80 4.41 22.91
CA LEU A 132 30.93 3.55 22.11
C LEU A 132 29.45 3.80 22.45
N MET A 133 29.13 3.81 23.75
CA MET A 133 27.77 4.08 24.20
C MET A 133 27.32 5.49 23.82
N ALA A 134 28.25 6.43 23.80
CA ALA A 134 27.97 7.81 23.37
C ALA A 134 27.64 7.86 21.89
N SER A 135 28.32 7.05 21.08
CA SER A 135 28.05 6.96 19.65
C SER A 135 26.68 6.32 19.37
N ARG A 136 26.29 5.38 20.23
CA ARG A 136 24.98 4.73 20.12
C ARG A 136 23.86 5.70 20.50
N ILE A 137 24.06 6.43 21.58
CA ILE A 137 23.12 7.45 22.04
C ILE A 137 22.91 8.52 20.96
N ALA A 138 23.99 8.92 20.30
CA ALA A 138 23.92 9.92 19.23
C ALA A 138 23.08 9.41 18.06
N ASP A 139 23.30 8.15 17.67
CA ASP A 139 22.61 7.56 16.53
C ASP A 139 21.09 7.49 16.71
N VAL A 140 20.64 7.06 17.89
CA VAL A 140 19.21 6.93 18.16
C VAL A 140 18.52 8.29 18.34
N SER A 141 19.21 9.22 19.00
CA SER A 141 18.61 10.53 19.34
C SER A 141 18.56 11.50 18.16
N ASN A 142 19.49 11.39 17.23
CA ASN A 142 19.58 12.33 16.10
C ASN A 142 18.52 12.14 15.01
N VAL A 143 17.76 11.04 15.06
CA VAL A 143 16.65 10.84 14.14
C VAL A 143 15.48 11.69 14.59
N VAL A 144 15.06 12.64 13.76
CA VAL A 144 13.99 13.58 14.11
C VAL A 144 12.65 13.07 13.59
N ILE A 145 11.70 12.85 14.50
CA ILE A 145 10.38 12.30 14.15
C ILE A 145 9.18 13.17 14.55
N LEU A 146 9.37 14.09 15.49
CA LEU A 146 8.25 14.89 16.03
C LEU A 146 8.06 16.26 15.36
N GLU A 147 8.70 16.49 14.22
CA GLU A 147 8.51 17.73 13.48
C GLU A 147 7.09 17.79 12.90
N ARG A 148 6.32 18.79 13.34
CA ARG A 148 4.91 18.96 12.98
C ARG A 148 4.07 17.67 13.02
N LEU A 149 4.30 16.84 14.02
CA LEU A 149 3.51 15.64 14.24
C LEU A 149 2.33 15.95 15.18
N GLU A 150 2.54 16.89 16.09
CA GLU A 150 1.44 17.47 16.88
C GLU A 150 0.48 18.23 15.98
N SER A 151 1.01 18.81 14.90
CA SER A 151 0.21 19.47 13.88
C SER A 151 -0.63 18.46 13.09
N SER A 152 0.00 17.36 12.69
CA SER A 152 -0.66 16.29 11.96
C SER A 152 -1.75 15.61 12.79
N LEU A 153 -1.45 15.35 14.06
CA LEU A 153 -2.42 14.74 14.97
C LEU A 153 -3.66 15.64 15.14
N LYS A 154 -3.44 16.95 15.13
CA LYS A 154 -4.54 17.92 15.23
C LYS A 154 -5.38 17.92 13.95
N GLU A 155 -4.72 17.79 12.80
CA GLU A 155 -5.39 17.78 11.50
C GLU A 155 -6.30 16.56 11.33
N GLU A 156 -5.78 15.38 11.67
CA GLU A 156 -6.52 14.13 11.52
C GLU A 156 -7.70 14.04 12.49
N GLN A 157 -7.51 14.53 13.71
CA GLN A 157 -8.57 14.54 14.71
C GLN A 157 -9.66 15.57 14.37
N GLU A 158 -9.29 16.64 13.67
CA GLU A 158 -10.27 17.58 13.13
C GLU A 158 -11.05 16.95 11.98
N ARG A 159 -10.35 16.23 11.10
CA ARG A 159 -11.00 15.51 10.00
C ARG A 159 -11.88 14.37 10.53
N LYS A 160 -11.44 13.72 11.61
CA LYS A 160 -12.23 12.69 12.27
C LYS A 160 -13.50 13.28 12.88
N ALA A 161 -13.41 14.48 13.42
CA ALA A 161 -14.54 15.15 14.07
C ALA A 161 -15.67 15.46 13.08
N GLU A 162 -15.30 16.04 11.93
CA GLU A 162 -16.29 16.40 10.91
C GLU A 162 -16.84 15.20 10.13
N ILE A 163 -16.05 14.12 10.01
CA ILE A 163 -16.55 12.87 9.42
C ILE A 163 -17.58 12.22 10.35
N GLN A 164 -17.24 12.14 11.63
CA GLN A 164 -18.17 11.60 12.64
C GLN A 164 -19.43 12.46 12.73
N ALA A 165 -19.26 13.78 12.58
CA ALA A 165 -20.39 14.72 12.58
C ALA A 165 -21.28 14.55 11.34
N ASP A 166 -20.65 14.27 10.20
CA ASP A 166 -21.39 14.05 8.95
C ASP A 166 -22.20 12.75 9.02
N ILE A 167 -21.56 11.67 9.47
CA ILE A 167 -22.23 10.39 9.67
C ILE A 167 -23.44 10.53 10.60
N ALA A 168 -23.28 11.29 11.69
CA ALA A 168 -24.35 11.53 12.64
C ALA A 168 -25.50 12.32 12.01
N GLN A 169 -25.19 13.30 11.19
CA GLN A 169 -26.27 14.02 10.59
C GLN A 169 -26.92 13.14 9.56
N GLN A 170 -26.12 12.48 8.75
CA GLN A 170 -26.69 11.62 7.71
C GLN A 170 -27.62 10.56 8.30
N GLU A 171 -27.18 9.92 9.39
CA GLU A 171 -27.98 8.92 10.07
C GLU A 171 -29.31 9.49 10.61
N LYS A 172 -29.29 10.76 11.00
CA LYS A 172 -30.48 11.41 11.53
C LYS A 172 -31.46 11.80 10.41
N ASN A 173 -30.92 12.31 9.31
CA ASN A 173 -31.72 12.62 8.12
C ASN A 173 -32.31 11.36 7.49
N LYS A 174 -31.59 10.25 7.58
CA LYS A 174 -32.08 8.96 7.08
C LYS A 174 -33.22 8.45 7.97
N ALA A 175 -33.04 8.56 9.29
CA ALA A 175 -34.05 8.12 10.25
C ALA A 175 -35.39 8.84 10.08
N LYS A 176 -35.34 10.11 9.69
CA LYS A 176 -36.56 10.88 9.42
C LYS A 176 -37.23 10.39 8.13
N LEU A 177 -36.43 10.18 7.09
CA LEU A 177 -36.93 9.67 5.81
C LEU A 177 -37.49 8.25 5.93
N VAL A 178 -36.95 7.46 6.85
CA VAL A 178 -37.42 6.08 7.07
C VAL A 178 -38.85 6.06 7.61
N VAL A 179 -39.16 6.93 8.57
CA VAL A 179 -40.53 7.01 9.10
C VAL A 179 -41.47 7.65 8.07
N ASP A 180 -41.02 8.69 7.37
CA ASP A 180 -41.80 9.32 6.30
C ASP A 180 -42.15 8.31 5.21
N ARG A 181 -41.22 7.42 4.91
CA ARG A 181 -41.46 6.32 3.97
C ARG A 181 -42.46 5.32 4.56
N ASN A 182 -42.27 4.94 5.82
CA ASN A 182 -43.14 3.97 6.49
C ASN A 182 -44.57 4.48 6.69
N LYS A 183 -44.74 5.80 6.75
CA LYS A 183 -46.08 6.41 6.85
C LYS A 183 -46.82 6.23 5.53
N ILE A 184 -46.11 6.41 4.41
CA ILE A 184 -46.68 6.21 3.08
C ILE A 184 -46.98 4.72 2.82
N ILE A 185 -46.12 3.85 3.33
CA ILE A 185 -46.33 2.40 3.20
C ILE A 185 -47.60 1.97 3.93
N GLU A 186 -47.84 2.53 5.11
CA GLU A 186 -49.06 2.24 5.87
C GLU A 186 -50.30 2.75 5.16
N SER A 187 -50.19 3.89 4.48
CA SER A 187 -51.29 4.43 3.68
C SER A 187 -51.65 3.49 2.53
N GLN A 188 -50.64 3.01 1.83
CA GLN A 188 -50.84 2.06 0.74
C GLN A 188 -51.50 0.76 1.23
N ASP A 189 -51.06 0.28 2.39
CA ASP A 189 -51.60 -0.95 2.97
C ASP A 189 -53.10 -0.86 3.23
N VAL A 190 -53.55 0.24 3.84
CA VAL A 190 -54.98 0.43 4.10
C VAL A 190 -55.78 0.67 2.81
N ILE A 191 -55.14 1.28 1.82
CA ILE A 191 -55.73 1.44 0.48
C ILE A 191 -55.87 0.08 -0.20
N ARG A 192 -54.81 -0.71 -0.15
CA ARG A 192 -54.78 -2.04 -0.76
C ARG A 192 -55.69 -3.04 -0.03
N GLN A 193 -55.72 -2.96 1.30
CA GLN A 193 -56.50 -3.88 2.12
C GLN A 193 -58.01 -3.68 1.95
N TYR A 194 -58.44 -2.43 1.93
CA TYR A 194 -59.87 -2.10 1.83
C TYR A 194 -60.34 -1.72 0.42
N ASN A 195 -59.47 -1.92 -0.56
CA ASN A 195 -59.79 -1.69 -1.98
C ASN A 195 -60.31 -0.28 -2.26
N LEU A 196 -59.63 0.72 -1.71
CA LEU A 196 -60.05 2.11 -1.89
C LEU A 196 -59.91 2.61 -3.34
N ALA A 197 -58.97 2.03 -4.08
CA ALA A 197 -58.78 2.36 -5.50
C ALA A 197 -59.95 1.89 -6.37
N ASP A 198 -60.64 0.84 -5.91
CA ASP A 198 -61.80 0.30 -6.61
C ASP A 198 -63.01 1.23 -6.47
N MET A 199 -63.22 1.77 -5.27
CA MET A 199 -64.32 2.71 -5.02
C MET A 199 -64.03 4.09 -5.61
N PHE A 200 -62.94 4.71 -5.13
CA PHE A 200 -62.59 6.07 -5.51
C PHE A 200 -61.59 6.06 -6.65
N LYS A 201 -62.02 6.51 -7.83
CA LYS A 201 -61.19 6.48 -9.03
C LYS A 201 -60.04 7.47 -8.94
N ASP A 202 -58.84 7.03 -9.35
CA ASP A 202 -57.67 7.89 -9.52
C ASP A 202 -57.17 8.56 -8.23
N TYR A 203 -57.99 9.42 -7.64
CA TYR A 203 -57.59 10.17 -6.45
C TYR A 203 -57.89 9.44 -5.15
N ILE A 204 -57.01 9.62 -4.16
CA ILE A 204 -57.16 9.04 -2.84
C ILE A 204 -58.33 9.71 -2.13
N PRO A 205 -59.18 8.93 -1.43
CA PRO A 205 -60.32 9.55 -0.74
C PRO A 205 -59.91 10.52 0.35
N ASN A 206 -60.70 11.59 0.52
CA ASN A 206 -60.49 12.55 1.59
C ASN A 206 -60.81 11.94 2.94
N ILE A 207 -60.45 12.66 4.01
CA ILE A 207 -60.67 12.20 5.36
C ILE A 207 -62.17 12.13 5.71
N SER A 208 -62.96 13.01 5.10
CA SER A 208 -64.41 13.04 5.30
C SER A 208 -65.11 11.86 4.63
N ASP A 209 -64.61 11.45 3.47
CA ASP A 209 -65.21 10.37 2.70
C ASP A 209 -65.10 9.01 3.42
N LEU A 210 -64.03 8.82 4.18
CA LEU A 210 -63.78 7.56 4.89
C LEU A 210 -64.77 7.29 6.03
N ASP A 211 -65.35 8.34 6.58
CA ASP A 211 -66.34 8.20 7.66
C ASP A 211 -67.61 7.50 7.19
N LYS A 212 -68.00 7.74 5.94
CA LYS A 212 -69.26 7.23 5.40
C LYS A 212 -69.20 5.74 5.02
N LEU A 213 -68.01 5.15 5.06
CA LEU A 213 -67.83 3.73 4.74
C LEU A 213 -68.39 2.83 5.83
N ASP A 214 -68.90 1.67 5.44
CA ASP A 214 -69.43 0.68 6.39
C ASP A 214 -68.27 -0.04 7.06
N LEU A 215 -67.78 0.54 8.15
CA LEU A 215 -66.68 -0.03 8.92
C LEU A 215 -66.92 0.10 10.41
N ALA A 216 -66.30 -0.78 11.19
CA ALA A 216 -66.33 -0.67 12.64
C ALA A 216 -65.59 0.61 13.06
N ASN A 217 -66.05 1.23 14.14
CA ASN A 217 -65.52 2.52 14.57
C ASN A 217 -64.01 2.53 14.86
N PRO A 218 -63.48 1.45 15.49
CA PRO A 218 -62.02 1.36 15.63
C PRO A 218 -61.28 1.29 14.29
N LYS A 219 -61.87 0.59 13.31
CA LYS A 219 -61.28 0.49 11.98
C LYS A 219 -61.29 1.81 11.21
N LYS A 220 -62.32 2.63 11.44
CA LYS A 220 -62.40 3.95 10.79
C LYS A 220 -61.19 4.80 11.16
N GLU A 221 -60.98 4.99 12.46
CA GLU A 221 -59.88 5.81 12.95
C GLU A 221 -58.50 5.22 12.59
N LEU A 222 -58.45 3.90 12.42
CA LEU A 222 -57.22 3.23 12.00
C LEU A 222 -56.79 3.70 10.61
N ILE A 223 -57.69 3.54 9.63
CA ILE A 223 -57.40 3.89 8.24
C ILE A 223 -57.42 5.39 8.00
N LYS A 224 -58.27 6.10 8.76
CA LYS A 224 -58.41 7.54 8.61
C LYS A 224 -57.12 8.28 9.00
N GLN A 225 -56.41 7.73 9.99
CA GLN A 225 -55.14 8.31 10.44
C GLN A 225 -54.02 7.94 9.48
N ALA A 226 -54.06 6.72 8.95
CA ALA A 226 -53.06 6.24 7.99
C ALA A 226 -53.06 7.06 6.71
N ILE A 227 -54.24 7.23 6.11
CA ILE A 227 -54.39 7.99 4.87
C ILE A 227 -53.92 9.43 5.07
N LYS A 228 -54.44 10.09 6.10
CA LYS A 228 -54.12 11.50 6.36
C LYS A 228 -52.61 11.74 6.51
N GLN A 229 -51.93 10.85 7.22
CA GLN A 229 -50.50 10.99 7.47
C GLN A 229 -49.65 10.78 6.21
N GLY A 230 -49.94 9.70 5.47
CA GLY A 230 -49.19 9.39 4.26
C GLY A 230 -49.44 10.34 3.10
N VAL A 231 -50.68 10.83 2.99
CA VAL A 231 -51.03 11.81 1.97
C VAL A 231 -50.32 13.14 2.22
N GLU A 232 -50.33 13.59 3.47
CA GLU A 232 -49.72 14.88 3.83
C GLU A 232 -48.22 14.89 3.53
N ILE A 233 -47.55 13.76 3.79
CA ILE A 233 -46.12 13.63 3.53
C ILE A 233 -45.85 13.57 2.03
N ALA A 234 -46.60 12.74 1.32
CA ALA A 234 -46.42 12.58 -0.13
C ALA A 234 -46.66 13.89 -0.88
N LYS A 235 -47.69 14.63 -0.49
CA LYS A 235 -48.00 15.92 -1.09
C LYS A 235 -46.85 16.93 -0.91
N LYS A 236 -46.25 16.93 0.27
CA LYS A 236 -45.13 17.83 0.58
C LYS A 236 -43.89 17.51 -0.25
N ILE A 237 -43.67 16.22 -0.53
CA ILE A 237 -42.53 15.76 -1.32
C ILE A 237 -42.68 16.13 -2.80
N LEU A 238 -43.89 15.98 -3.33
CA LEU A 238 -44.17 16.27 -4.73
C LEU A 238 -44.45 17.75 -5.01
N GLY A 239 -44.45 18.56 -3.96
CA GLY A 239 -44.73 20.00 -4.10
C GLY A 239 -46.20 20.28 -4.34
N ASN A 240 -47.07 19.48 -3.73
CA ASN A 240 -48.52 19.63 -3.89
C ASN A 240 -49.12 20.36 -2.70
N ILE A 241 -49.50 21.62 -2.91
CA ILE A 241 -50.13 22.44 -1.88
C ILE A 241 -51.51 22.94 -2.37
N SER A 242 -52.09 22.21 -3.32
CA SER A 242 -53.28 22.68 -4.04
C SER A 242 -54.27 21.55 -4.35
N LYS A 243 -53.80 20.57 -5.11
CA LYS A 243 -54.67 19.51 -5.63
C LYS A 243 -54.71 18.28 -4.72
N GLY A 244 -55.60 17.35 -5.05
CA GLY A 244 -55.66 16.06 -4.37
C GLY A 244 -54.57 15.13 -4.88
N LEU A 245 -54.34 14.04 -4.15
CA LEU A 245 -53.25 13.12 -4.45
C LEU A 245 -53.77 11.86 -5.14
N LYS A 246 -53.12 11.48 -6.24
CA LYS A 246 -53.43 10.23 -6.93
C LYS A 246 -52.70 9.06 -6.27
N TYR A 247 -53.14 7.84 -6.57
CA TYR A 247 -52.51 6.65 -6.02
C TYR A 247 -51.11 6.45 -6.61
N ILE A 248 -50.98 6.63 -7.92
CA ILE A 248 -49.68 6.55 -8.59
C ILE A 248 -48.70 7.61 -8.08
N GLU A 249 -49.23 8.77 -7.66
CA GLU A 249 -48.40 9.84 -7.10
C GLU A 249 -47.90 9.48 -5.69
N LEU A 250 -48.70 8.70 -4.95
CA LEU A 250 -48.29 8.18 -3.65
C LEU A 250 -47.10 7.24 -3.79
N ALA A 251 -47.16 6.35 -4.78
CA ALA A 251 -46.06 5.43 -5.09
C ALA A 251 -44.85 6.19 -5.64
N ASP A 252 -45.11 7.21 -6.44
CA ASP A 252 -44.06 8.09 -6.98
C ASP A 252 -43.35 8.84 -5.84
N ALA A 253 -44.10 9.25 -4.83
CA ALA A 253 -43.54 9.95 -3.67
C ALA A 253 -42.63 9.04 -2.84
N ARG A 254 -43.02 7.77 -2.72
CA ARG A 254 -42.21 6.77 -2.02
C ARG A 254 -40.92 6.49 -2.79
N ALA A 255 -41.01 6.44 -4.11
CA ALA A 255 -39.85 6.15 -4.97
C ALA A 255 -38.73 7.18 -4.81
N LYS A 256 -39.10 8.44 -4.58
CA LYS A 256 -38.11 9.50 -4.33
C LYS A 256 -37.44 9.34 -2.98
N LEU A 257 -38.19 8.92 -1.97
CA LEU A 257 -37.65 8.65 -0.63
C LEU A 257 -36.69 7.47 -0.63
N ASP A 258 -37.09 6.38 -1.29
CA ASP A 258 -36.22 5.20 -1.44
C ASP A 258 -34.92 5.55 -2.15
N GLU A 259 -34.99 6.44 -3.13
CA GLU A 259 -33.82 6.92 -3.86
C GLU A 259 -32.91 7.77 -2.97
N ARG A 260 -33.50 8.57 -2.09
CA ARG A 260 -32.74 9.45 -1.21
C ARG A 260 -32.14 8.69 -0.03
N ILE A 261 -32.91 7.73 0.50
CA ILE A 261 -32.41 6.86 1.58
C ILE A 261 -31.27 5.98 1.09
N ASN A 262 -31.42 5.41 -0.09
CA ASN A 262 -30.35 4.63 -0.72
C ASN A 262 -29.10 5.47 -0.97
N GLN A 263 -29.29 6.73 -1.37
CA GLN A 263 -28.18 7.65 -1.58
C GLN A 263 -27.45 7.98 -0.26
N ILE A 264 -28.21 8.11 0.82
CA ILE A 264 -27.63 8.37 2.14
C ILE A 264 -26.85 7.17 2.66
N ASN A 265 -27.38 5.96 2.42
CA ASN A 265 -26.67 4.72 2.78
C ASN A 265 -25.34 4.59 2.04
N LYS A 266 -25.32 4.96 0.76
CA LYS A 266 -24.09 4.95 -0.03
C LYS A 266 -23.10 5.99 0.49
N ASP A 267 -23.60 7.19 0.82
CA ASP A 267 -22.75 8.26 1.34
C ASP A 267 -22.18 7.92 2.73
N CYS A 268 -22.98 7.24 3.56
CA CYS A 268 -22.51 6.80 4.88
C CYS A 268 -21.45 5.71 4.78
N ASP A 269 -21.57 4.83 3.79
CA ASP A 269 -20.56 3.80 3.55
C ASP A 269 -19.23 4.40 3.12
N ASP A 270 -19.27 5.43 2.27
CA ASP A 270 -18.06 6.14 1.86
C ASP A 270 -17.42 6.90 3.02
N LEU A 271 -18.25 7.46 3.91
CA LEU A 271 -17.75 8.16 5.09
C LEU A 271 -17.13 7.19 6.10
N LYS A 272 -17.71 6.00 6.23
CA LYS A 272 -17.20 4.96 7.13
C LYS A 272 -15.86 4.38 6.65
N ILE A 273 -15.63 4.41 5.34
CA ILE A 273 -14.32 4.04 4.78
C ILE A 273 -13.28 5.10 5.15
N GLN A 274 -13.64 6.37 4.98
CA GLN A 274 -12.75 7.48 5.35
C GLN A 274 -12.46 7.50 6.85
N LEU A 275 -13.45 7.08 7.66
CA LEU A 275 -13.32 7.05 9.12
C LEU A 275 -12.28 6.02 9.58
N LYS A 276 -12.28 4.85 8.94
CA LYS A 276 -11.25 3.85 9.20
C LYS A 276 -9.86 4.38 8.83
N GLY A 277 -9.81 5.18 7.77
CA GLY A 277 -8.56 5.78 7.31
C GLY A 277 -7.95 6.72 8.33
N VAL A 278 -8.74 7.69 8.81
CA VAL A 278 -8.25 8.66 9.79
C VAL A 278 -7.92 7.99 11.13
N GLU A 279 -8.74 7.03 11.54
CA GLU A 279 -8.52 6.32 12.81
C GLU A 279 -7.24 5.48 12.79
N GLN A 280 -6.92 4.89 11.64
CA GLN A 280 -5.68 4.15 11.47
C GLN A 280 -4.48 5.08 11.48
N ARG A 281 -4.62 6.25 10.88
CA ARG A 281 -3.53 7.24 10.83
C ARG A 281 -3.31 7.93 12.17
N ILE A 282 -4.38 8.18 12.91
CA ILE A 282 -4.27 8.71 14.27
C ILE A 282 -3.58 7.69 15.18
N ALA A 283 -3.93 6.42 15.00
CA ALA A 283 -3.29 5.32 15.73
C ALA A 283 -1.80 5.22 15.39
N GLY A 284 -1.47 5.44 14.12
CA GLY A 284 -0.10 5.46 13.66
C GLY A 284 0.70 6.62 14.25
N ILE A 285 0.11 7.81 14.25
CA ILE A 285 0.74 8.99 14.84
C ILE A 285 0.96 8.81 16.34
N GLU A 286 0.02 8.18 17.03
CA GLU A 286 0.16 7.88 18.46
C GLU A 286 1.27 6.87 18.77
N ASP A 287 1.54 5.96 17.83
CA ASP A 287 2.64 5.02 17.98
C ASP A 287 3.99 5.71 17.81
N VAL A 288 4.05 6.69 16.91
CA VAL A 288 5.28 7.47 16.69
C VAL A 288 5.58 8.33 17.93
N HIS A 289 4.54 8.91 18.52
CA HIS A 289 4.67 9.63 19.79
C HIS A 289 5.15 8.70 20.90
N GLN A 290 4.66 7.46 20.90
CA GLN A 290 5.09 6.45 21.86
C GLN A 290 6.54 6.04 21.63
N ILE A 291 6.95 5.95 20.37
CA ILE A 291 8.34 5.63 20.02
C ILE A 291 9.31 6.67 20.58
N ASP A 292 8.92 7.94 20.56
CA ASP A 292 9.72 9.01 21.13
C ASP A 292 9.81 8.89 22.65
N LYS A 293 8.71 8.49 23.29
CA LYS A 293 8.66 8.32 24.74
C LYS A 293 9.44 7.07 25.19
N GLU A 294 9.41 6.02 24.38
CA GLU A 294 10.22 4.83 24.64
C GLU A 294 11.70 5.12 24.41
N ARG A 295 12.00 5.95 23.41
CA ARG A 295 13.38 6.36 23.14
C ARG A 295 13.94 7.21 24.28
N THR A 296 13.10 8.10 24.83
CA THR A 296 13.49 8.92 25.96
C THR A 296 13.80 8.05 27.18
N THR A 297 13.00 7.00 27.38
CA THR A 297 13.17 6.09 28.52
C THR A 297 14.48 5.31 28.45
N LEU A 298 14.81 4.77 27.28
CA LEU A 298 16.03 3.97 27.11
C LEU A 298 17.29 4.84 27.16
N LEU A 299 17.20 6.06 26.64
CA LEU A 299 18.34 6.99 26.64
C LEU A 299 18.73 7.46 28.05
N LEU A 300 17.75 7.56 28.95
CA LEU A 300 18.02 7.84 30.37
C LEU A 300 18.89 6.75 30.99
N GLN A 301 18.55 5.49 30.69
CA GLN A 301 19.32 4.35 31.16
C GLN A 301 20.64 4.24 30.41
N ALA A 302 20.63 4.59 29.13
CA ALA A 302 21.84 4.54 28.29
C ALA A 302 22.86 5.59 28.71
N ALA A 303 22.38 6.79 29.04
CA ALA A 303 23.24 7.87 29.49
C ALA A 303 23.92 7.56 30.82
N LYS A 304 23.23 6.81 31.68
CA LYS A 304 23.78 6.42 32.98
C LYS A 304 24.89 5.38 32.84
N LEU A 305 24.84 4.56 31.79
CA LEU A 305 25.92 3.61 31.50
C LEU A 305 27.18 4.36 31.06
N GLU A 306 27.01 5.31 30.15
CA GLU A 306 28.11 6.18 29.71
C GLU A 306 28.71 6.92 30.90
N GLN A 307 27.85 7.46 31.76
CA GLN A 307 28.27 8.19 32.95
C GLN A 307 29.04 7.27 33.90
N ALA A 308 28.53 6.06 34.11
CA ALA A 308 29.17 5.09 35.00
C ALA A 308 30.60 4.77 34.58
N TRP A 309 30.81 4.55 33.29
CA TRP A 309 32.14 4.17 32.79
C TRP A 309 33.13 5.34 32.86
N ASN A 310 32.65 6.55 32.59
CA ASN A 310 33.49 7.75 32.73
C ASN A 310 33.81 8.06 34.20
N ILE A 311 32.87 7.75 35.09
CA ILE A 311 33.11 7.84 36.54
C ILE A 311 34.14 6.79 36.95
N PHE A 312 33.93 5.56 36.51
CA PHE A 312 34.86 4.44 36.77
C PHE A 312 36.27 4.76 36.31
N ALA A 313 36.40 5.39 35.15
CA ALA A 313 37.71 5.72 34.57
C ALA A 313 38.43 6.78 35.39
N LYS A 314 37.75 7.88 35.67
CA LYS A 314 38.34 8.99 36.43
C LYS A 314 38.61 8.62 37.90
N GLN A 315 37.86 7.67 38.42
CA GLN A 315 38.07 7.17 39.78
C GLN A 315 39.40 6.42 39.89
N LEU A 316 39.69 5.59 38.90
CA LEU A 316 40.97 4.87 38.83
C LEU A 316 42.11 5.80 38.41
N GLN A 317 41.79 6.84 37.66
CA GLN A 317 42.77 7.83 37.23
C GLN A 317 43.34 8.58 38.44
N ASN A 318 42.46 9.03 39.33
CA ASN A 318 42.85 9.78 40.53
C ASN A 318 43.64 8.93 41.53
N THR A 319 43.48 7.61 41.45
CA THR A 319 44.24 6.69 42.29
C THR A 319 45.72 6.61 41.86
N ILE A 320 45.97 6.76 40.56
CA ILE A 320 47.34 6.66 40.02
C ILE A 320 47.92 8.00 39.55
N ASP A 321 47.23 9.10 39.81
CA ASP A 321 47.76 10.44 39.50
C ASP A 321 48.88 10.78 40.50
N GLY A 322 48.53 10.74 41.79
CA GLY A 322 49.48 11.03 42.86
C GLY A 322 50.13 9.77 43.40
N LYS A 323 50.19 9.65 44.72
CA LYS A 323 50.82 8.51 45.38
C LYS A 323 49.88 7.30 45.30
N ILE A 324 50.46 6.12 45.09
CA ILE A 324 49.67 4.90 44.88
C ILE A 324 49.26 4.30 46.22
N ASP A 325 47.95 4.35 46.51
CA ASP A 325 47.40 3.70 47.70
C ASP A 325 46.89 2.31 47.31
N GLN A 326 47.85 1.40 47.10
CA GLN A 326 47.60 -0.01 46.80
C GLN A 326 46.27 -0.60 47.28
N GLN A 327 45.99 -0.45 48.57
CA GLN A 327 44.84 -1.08 49.19
C GLN A 327 43.53 -0.32 48.96
N ASP A 328 43.64 0.98 48.64
CA ASP A 328 42.48 1.79 48.27
C ASP A 328 41.96 1.33 46.89
N LEU A 329 42.89 1.13 45.96
CA LEU A 329 42.57 0.63 44.62
C LEU A 329 41.82 -0.70 44.64
N THR A 330 42.20 -1.56 45.58
CA THR A 330 41.53 -2.86 45.76
C THR A 330 40.05 -2.68 46.12
N LYS A 331 39.74 -1.63 46.88
CA LYS A 331 38.35 -1.31 47.21
C LYS A 331 37.59 -0.75 46.01
N ILE A 332 38.26 0.11 45.24
CA ILE A 332 37.66 0.72 44.06
C ILE A 332 37.30 -0.33 43.00
N ILE A 333 38.19 -1.30 42.81
CA ILE A 333 37.95 -2.39 41.85
C ILE A 333 36.77 -3.25 42.29
N HIS A 334 36.74 -3.62 43.57
CA HIS A 334 35.66 -4.46 44.11
C HIS A 334 34.31 -3.75 44.13
N LYS A 335 34.32 -2.43 44.32
CA LYS A 335 33.11 -1.63 44.26
C LYS A 335 32.60 -1.54 42.82
N GLN A 336 33.54 -1.33 41.89
CA GLN A 336 33.23 -1.32 40.46
C GLN A 336 32.77 -2.68 39.97
N LEU A 337 33.35 -3.74 40.51
CA LEU A 337 32.96 -5.11 40.14
C LEU A 337 31.57 -5.47 40.66
N ASP A 338 31.30 -5.11 41.91
CA ASP A 338 29.96 -5.32 42.50
C ASP A 338 28.87 -4.62 41.70
N PHE A 339 29.20 -3.46 41.15
CA PHE A 339 28.27 -2.72 40.29
C PHE A 339 28.00 -3.48 38.99
N LEU A 340 29.04 -4.07 38.42
CA LEU A 340 28.90 -4.88 37.20
C LEU A 340 28.20 -6.21 37.49
N ASP A 341 28.49 -6.80 38.65
CA ASP A 341 27.81 -8.03 39.10
C ASP A 341 26.31 -7.83 39.19
N ASP A 342 25.90 -6.63 39.60
CA ASP A 342 24.48 -6.26 39.67
C ASP A 342 23.86 -6.17 38.28
N LEU A 343 24.57 -5.55 37.33
CA LEU A 343 24.08 -5.41 35.97
C LEU A 343 23.93 -6.77 35.29
N ALA A 344 24.88 -7.67 35.55
CA ALA A 344 24.80 -9.04 35.04
C ALA A 344 23.62 -9.80 35.67
N LEU A 345 23.37 -9.53 36.95
CA LEU A 345 22.24 -10.13 37.67
C LEU A 345 20.90 -9.71 37.06
N GLN A 346 20.82 -8.48 36.57
CA GLN A 346 19.60 -7.98 35.92
C GLN A 346 19.39 -8.66 34.56
N TYR A 347 20.46 -8.72 33.76
CA TYR A 347 20.40 -9.38 32.44
C TYR A 347 20.10 -10.88 32.57
N HIS A 348 20.73 -11.52 33.55
CA HIS A 348 20.54 -12.95 33.78
C HIS A 348 19.09 -13.32 34.06
N SER A 349 18.42 -12.51 34.89
CA SER A 349 17.05 -12.79 35.32
C SER A 349 16.01 -11.91 34.63
N MET A 350 16.33 -11.46 33.42
CA MET A 350 15.45 -10.53 32.69
C MET A 350 14.31 -11.29 32.01
N LEU A 351 13.08 -10.84 32.25
CA LEU A 351 11.88 -11.37 31.59
C LEU A 351 11.18 -10.24 30.84
N LEU A 352 11.37 -10.18 29.53
CA LEU A 352 10.75 -9.14 28.69
C LEU A 352 9.35 -9.56 28.25
N SER A 353 8.62 -8.60 27.65
CA SER A 353 7.28 -8.85 27.13
C SER A 353 6.87 -7.79 26.12
N THR B 11 60.24 -6.54 3.76
CA THR B 11 59.53 -5.29 3.32
C THR B 11 58.20 -5.65 2.64
N VAL B 12 57.14 -4.93 3.02
CA VAL B 12 55.79 -5.26 2.59
C VAL B 12 55.14 -4.12 1.78
N VAL B 13 54.24 -4.49 0.87
CA VAL B 13 53.50 -3.53 0.07
C VAL B 13 52.12 -3.29 0.70
N TYR B 14 51.64 -2.04 0.62
CA TYR B 14 50.34 -1.68 1.18
C TYR B 14 49.20 -2.05 0.24
N PRO B 15 47.94 -2.07 0.74
CA PRO B 15 46.78 -2.37 -0.10
C PRO B 15 46.56 -1.39 -1.26
N GLU B 16 45.58 -1.70 -2.11
CA GLU B 16 45.37 -1.01 -3.38
C GLU B 16 43.92 -0.54 -3.44
N ILE B 17 43.63 0.54 -2.71
CA ILE B 17 42.24 0.96 -2.50
C ILE B 17 41.85 2.21 -3.28
N ASN B 18 40.67 2.15 -3.89
CA ASN B 18 40.03 3.31 -4.50
C ASN B 18 38.81 3.65 -3.68
N VAL B 19 38.83 4.81 -3.02
CA VAL B 19 37.70 5.24 -2.19
C VAL B 19 36.57 5.89 -2.98
N LYS B 20 36.83 6.20 -4.25
CA LYS B 20 35.78 6.73 -5.14
C LYS B 20 34.76 5.63 -5.44
N THR B 21 35.26 4.41 -5.68
CA THR B 21 34.41 3.25 -5.92
C THR B 21 33.58 2.90 -4.69
N LEU B 22 34.15 3.13 -3.51
CA LEU B 22 33.46 2.87 -2.24
C LEU B 22 32.27 3.81 -2.05
N SER B 23 32.55 5.12 -2.11
CA SER B 23 31.52 6.13 -1.88
C SER B 23 30.46 6.17 -2.99
N GLN B 24 30.87 5.84 -4.21
CA GLN B 24 29.93 5.76 -5.34
C GLN B 24 28.99 4.57 -5.16
N ALA B 25 29.53 3.45 -4.67
CA ALA B 25 28.73 2.26 -4.40
C ALA B 25 27.73 2.52 -3.29
N VAL B 26 28.19 3.18 -2.23
CA VAL B 26 27.33 3.54 -1.09
C VAL B 26 26.18 4.45 -1.54
N LYS B 27 26.47 5.37 -2.45
CA LYS B 27 25.45 6.26 -3.00
C LYS B 27 24.47 5.51 -3.90
N ASN B 28 24.98 4.54 -4.66
CA ASN B 28 24.13 3.70 -5.52
C ASN B 28 23.16 2.85 -4.71
N ILE B 29 23.61 2.31 -3.58
CA ILE B 29 22.75 1.53 -2.68
C ILE B 29 21.62 2.39 -2.13
N TRP B 30 21.92 3.66 -1.84
CA TRP B 30 20.89 4.60 -1.38
C TRP B 30 19.85 4.87 -2.46
N ARG B 31 20.30 5.02 -3.71
CA ARG B 31 19.40 5.25 -4.83
C ARG B 31 18.57 4.01 -5.13
N LEU B 32 19.22 2.86 -5.20
CA LEU B 32 18.56 1.59 -5.50
C LEU B 32 17.53 1.18 -4.45
N SER B 33 17.89 1.34 -3.18
CA SER B 33 17.01 0.93 -2.07
C SER B 33 15.75 1.79 -1.97
N HIS B 34 15.81 3.03 -2.42
CA HIS B 34 14.67 3.95 -2.32
C HIS B 34 13.78 3.99 -3.55
N GLN B 35 14.28 3.53 -4.69
CA GLN B 35 13.48 3.43 -5.92
C GLN B 35 12.91 2.01 -6.11
N GLN B 36 13.54 1.02 -5.49
CA GLN B 36 13.16 -0.39 -5.64
C GLN B 36 11.77 -0.68 -5.08
N LYS B 37 10.94 -1.32 -5.90
CA LYS B 37 9.59 -1.74 -5.51
C LYS B 37 9.39 -3.21 -5.90
N SER B 38 10.08 -4.10 -5.19
CA SER B 38 10.09 -5.53 -5.49
C SER B 38 8.78 -6.23 -5.13
N GLY B 39 8.01 -5.64 -4.23
CA GLY B 39 6.74 -6.22 -3.76
C GLY B 39 6.88 -7.03 -2.49
N ILE B 40 8.11 -7.23 -2.02
CA ILE B 40 8.38 -8.00 -0.82
C ILE B 40 8.65 -7.04 0.34
N GLU B 41 7.92 -7.21 1.44
CA GLU B 41 7.94 -6.26 2.54
C GLU B 41 9.25 -6.28 3.32
N ILE B 42 9.76 -7.47 3.59
CA ILE B 42 10.96 -7.62 4.42
C ILE B 42 12.22 -7.19 3.66
N ILE B 43 12.22 -7.37 2.34
CA ILE B 43 13.37 -6.99 1.51
C ILE B 43 13.46 -5.47 1.34
N GLN B 44 12.32 -4.79 1.33
CA GLN B 44 12.31 -3.33 1.35
C GLN B 44 13.00 -2.81 2.61
N GLU B 45 12.68 -3.44 3.74
CA GLU B 45 13.27 -3.09 5.03
C GLU B 45 14.76 -3.42 5.09
N LYS B 46 15.13 -4.60 4.57
CA LYS B 46 16.52 -5.05 4.62
C LYS B 46 17.45 -4.21 3.74
N THR B 47 16.97 -3.77 2.58
CA THR B 47 17.76 -2.90 1.70
C THR B 47 18.00 -1.53 2.35
N LEU B 48 17.07 -1.08 3.19
CA LEU B 48 17.24 0.15 3.95
C LEU B 48 18.28 0.01 5.05
N ARG B 49 18.37 -1.19 5.64
CA ARG B 49 19.40 -1.50 6.63
C ARG B 49 20.78 -1.46 5.98
N ILE B 50 20.88 -2.07 4.80
CA ILE B 50 22.15 -2.14 4.07
C ILE B 50 22.60 -0.74 3.66
N SER B 51 21.66 0.09 3.21
CA SER B 51 21.97 1.48 2.84
C SER B 51 22.39 2.30 4.05
N LEU B 52 21.72 2.06 5.18
CA LEU B 52 21.98 2.83 6.41
C LEU B 52 23.36 2.52 6.99
N TYR B 53 23.72 1.24 7.05
CA TYR B 53 25.03 0.83 7.54
C TYR B 53 26.14 1.12 6.52
N SER B 54 25.78 1.16 5.24
CA SER B 54 26.72 1.58 4.19
C SER B 54 27.07 3.05 4.33
N ARG B 55 26.06 3.88 4.64
CA ARG B 55 26.27 5.29 4.95
C ARG B 55 27.22 5.41 6.15
N ASP B 56 26.95 4.65 7.20
CA ASP B 56 27.76 4.66 8.41
C ASP B 56 29.19 4.17 8.16
N LEU B 57 29.36 3.28 7.19
CA LEU B 57 30.68 2.77 6.82
C LEU B 57 31.47 3.84 6.05
N ASP B 58 30.81 4.51 5.12
CA ASP B 58 31.43 5.61 4.35
C ASP B 58 31.80 6.77 5.29
N GLU B 59 31.00 6.98 6.31
CA GLU B 59 31.31 7.97 7.36
C GLU B 59 32.58 7.58 8.13
N ALA B 60 32.72 6.29 8.43
CA ALA B 60 33.87 5.78 9.16
C ALA B 60 35.15 5.80 8.32
N ALA B 61 35.02 5.51 7.02
CA ALA B 61 36.14 5.55 6.10
C ALA B 61 36.66 6.98 5.91
N ARG B 62 35.73 7.91 5.67
CA ARG B 62 36.06 9.33 5.52
C ARG B 62 36.70 9.92 6.77
N ALA B 63 36.33 9.41 7.94
CA ALA B 63 36.83 9.93 9.22
C ALA B 63 38.19 9.37 9.62
N SER B 64 38.50 8.15 9.17
CA SER B 64 39.75 7.48 9.52
C SER B 64 40.98 8.16 8.91
N VAL B 65 40.83 8.70 7.70
CA VAL B 65 41.95 9.32 6.98
C VAL B 65 42.51 10.57 7.67
N PRO B 66 41.66 11.56 7.98
CA PRO B 66 42.15 12.75 8.69
C PRO B 66 42.51 12.49 10.16
N GLN B 67 41.87 11.50 10.77
CA GLN B 67 42.16 11.12 12.14
C GLN B 67 43.58 10.55 12.25
N LEU B 68 43.87 9.55 11.43
CA LEU B 68 45.20 8.92 11.42
C LEU B 68 46.28 9.87 10.92
N GLN B 69 45.93 10.77 10.00
CA GLN B 69 46.84 11.83 9.54
C GLN B 69 47.28 12.71 10.72
N THR B 70 46.32 13.09 11.56
CA THR B 70 46.60 13.89 12.74
C THR B 70 47.47 13.15 13.75
N VAL B 71 47.22 11.85 13.93
CA VAL B 71 47.93 11.03 14.91
C VAL B 71 49.37 10.74 14.47
N LEU B 72 49.60 10.53 13.18
CA LEU B 72 50.94 10.24 12.66
C LEU B 72 51.82 11.49 12.51
N ARG B 73 51.20 12.67 12.40
CA ARG B 73 51.96 13.92 12.31
C ARG B 73 52.44 14.44 13.68
N GLN B 74 52.03 13.76 14.76
CA GLN B 74 52.45 14.14 16.11
C GLN B 74 53.76 13.49 16.56
N LEU B 75 54.31 12.58 15.74
CA LEU B 75 55.60 11.94 16.04
C LEU B 75 56.80 12.73 15.47
N PRO B 76 56.74 13.15 14.19
CA PRO B 76 57.78 14.05 13.69
C PRO B 76 57.75 15.42 14.35
N ALA B 107 70.12 7.75 30.49
CA ALA B 107 69.74 8.94 29.72
C ALA B 107 68.99 8.56 28.45
N ARG B 108 69.58 7.65 27.66
CA ARG B 108 68.94 7.16 26.44
C ARG B 108 67.80 6.19 26.75
N SER B 109 67.80 5.62 27.95
CA SER B 109 66.74 4.72 28.39
C SER B 109 65.39 5.41 28.53
N GLU B 110 65.41 6.72 28.81
CA GLU B 110 64.18 7.51 28.95
C GLU B 110 63.57 7.85 27.59
N HIS B 111 64.41 8.29 26.65
CA HIS B 111 63.95 8.67 25.31
C HIS B 111 63.48 7.48 24.47
N ILE B 112 63.95 6.27 24.81
CA ILE B 112 63.41 5.05 24.23
C ILE B 112 62.01 4.80 24.76
N ARG B 113 61.87 4.82 26.10
CA ARG B 113 60.60 4.50 26.75
C ARG B 113 59.52 5.55 26.49
N ASN B 114 59.92 6.78 26.16
CA ASN B 114 58.97 7.83 25.79
C ASN B 114 58.40 7.63 24.39
N LEU B 115 59.26 7.37 23.41
CA LEU B 115 58.83 7.15 22.03
C LEU B 115 58.17 5.77 21.85
N LYS B 116 58.58 4.79 22.66
CA LYS B 116 57.90 3.49 22.70
C LYS B 116 56.47 3.65 23.21
N LYS B 117 56.28 4.53 24.19
CA LYS B 117 54.96 4.87 24.70
C LYS B 117 54.13 5.61 23.65
N ASP B 118 54.78 6.54 22.93
CA ASP B 118 54.11 7.31 21.87
C ASP B 118 53.72 6.44 20.68
N VAL B 119 54.59 5.52 20.30
CA VAL B 119 54.33 4.60 19.20
C VAL B 119 53.24 3.59 19.56
N LYS B 120 53.25 3.11 20.81
CA LYS B 120 52.17 2.25 21.30
C LYS B 120 50.81 2.97 21.25
N GLY B 121 50.84 4.29 21.44
CA GLY B 121 49.63 5.11 21.37
C GLY B 121 49.03 5.18 19.98
N VAL B 122 49.86 5.36 18.96
CA VAL B 122 49.38 5.42 17.57
C VAL B 122 48.99 4.04 17.04
N ILE B 123 49.61 2.99 17.58
CA ILE B 123 49.23 1.61 17.26
C ILE B 123 47.80 1.34 17.72
N ARG B 124 47.41 1.91 18.86
CA ARG B 124 46.04 1.82 19.34
C ARG B 124 45.05 2.57 18.44
N SER B 125 45.46 3.76 17.98
CA SER B 125 44.65 4.55 17.06
C SER B 125 44.40 3.83 15.73
N LEU B 126 45.43 3.12 15.24
CA LEU B 126 45.30 2.32 14.03
C LEU B 126 44.35 1.15 14.25
N ARG B 127 44.55 0.42 15.35
CA ARG B 127 43.71 -0.73 15.68
C ARG B 127 42.27 -0.32 16.06
N LYS B 128 42.09 0.92 16.50
CA LYS B 128 40.76 1.45 16.78
C LYS B 128 39.96 1.56 15.48
N GLU B 129 40.56 2.19 14.48
CA GLU B 129 39.93 2.36 13.17
C GLU B 129 39.77 1.03 12.43
N ALA B 130 40.67 0.09 12.69
CA ALA B 130 40.61 -1.25 12.09
C ALA B 130 39.40 -2.02 12.63
N ASN B 131 39.27 -2.06 13.96
CA ASN B 131 38.12 -2.71 14.60
C ASN B 131 36.80 -1.97 14.35
N LEU B 132 36.87 -0.65 14.19
CA LEU B 132 35.72 0.15 13.83
C LEU B 132 35.23 -0.22 12.44
N MET B 133 36.17 -0.29 11.49
CA MET B 133 35.84 -0.68 10.12
C MET B 133 35.37 -2.14 10.04
N ALA B 134 35.98 -3.00 10.85
CA ALA B 134 35.61 -4.41 10.90
C ALA B 134 34.17 -4.60 11.40
N SER B 135 33.74 -3.71 12.31
CA SER B 135 32.35 -3.71 12.78
C SER B 135 31.40 -3.23 11.70
N ARG B 136 31.79 -2.18 10.98
CA ARG B 136 30.97 -1.60 9.92
C ARG B 136 30.80 -2.56 8.75
N ILE B 137 31.87 -3.29 8.42
CA ILE B 137 31.81 -4.34 7.40
C ILE B 137 30.85 -5.45 7.84
N ALA B 138 30.91 -5.82 9.12
CA ALA B 138 30.02 -6.84 9.67
C ALA B 138 28.56 -6.41 9.64
N ASP B 139 28.30 -5.13 9.90
CA ASP B 139 26.94 -4.59 9.91
C ASP B 139 26.25 -4.70 8.54
N VAL B 140 26.95 -4.29 7.48
CA VAL B 140 26.40 -4.30 6.13
C VAL B 140 26.30 -5.71 5.53
N SER B 141 27.17 -6.62 5.98
CA SER B 141 27.24 -7.97 5.40
C SER B 141 26.29 -8.99 6.03
N ASN B 142 25.82 -8.72 7.26
CA ASN B 142 24.90 -9.61 7.96
C ASN B 142 23.51 -9.69 7.31
N VAL B 143 23.12 -8.64 6.58
CA VAL B 143 21.79 -8.55 6.00
C VAL B 143 21.68 -9.47 4.79
N VAL B 144 20.95 -10.57 4.93
CA VAL B 144 20.77 -11.55 3.87
C VAL B 144 19.61 -11.11 2.98
N ILE B 145 19.87 -10.95 1.68
CA ILE B 145 18.85 -10.50 0.73
C ILE B 145 18.67 -11.40 -0.51
N LEU B 146 19.66 -12.24 -0.82
CA LEU B 146 19.59 -13.11 -2.00
C LEU B 146 18.97 -14.48 -1.72
N GLU B 147 18.89 -14.88 -0.44
CA GLU B 147 18.30 -16.17 -0.08
C GLU B 147 16.82 -16.20 -0.48
N ARG B 148 16.40 -17.31 -1.06
CA ARG B 148 15.09 -17.45 -1.73
C ARG B 148 14.65 -16.19 -2.50
N LEU B 149 15.60 -15.61 -3.23
CA LEU B 149 15.31 -14.51 -4.17
C LEU B 149 15.38 -15.04 -5.62
N GLU B 150 16.09 -16.14 -5.81
CA GLU B 150 16.21 -16.78 -7.13
C GLU B 150 14.85 -17.32 -7.59
N SER B 151 14.12 -17.94 -6.68
CA SER B 151 12.80 -18.50 -6.97
C SER B 151 11.76 -17.39 -7.19
N SER B 152 11.90 -16.28 -6.45
CA SER B 152 11.00 -15.14 -6.59
C SER B 152 11.10 -14.52 -7.98
N LEU B 153 12.32 -14.37 -8.48
CA LEU B 153 12.55 -13.82 -9.82
C LEU B 153 12.03 -14.76 -10.91
N LYS B 154 12.16 -16.07 -10.68
CA LYS B 154 11.64 -17.07 -11.62
C LYS B 154 10.11 -17.04 -11.64
N GLU B 155 9.50 -16.97 -10.46
CA GLU B 155 8.05 -16.92 -10.33
C GLU B 155 7.44 -15.73 -11.06
N GLU B 156 8.09 -14.57 -10.96
CA GLU B 156 7.60 -13.35 -11.60
C GLU B 156 7.83 -13.37 -13.12
N GLN B 157 8.93 -13.97 -13.55
CA GLN B 157 9.20 -14.15 -14.97
C GLN B 157 8.26 -15.18 -15.60
N GLU B 158 7.78 -16.12 -14.80
CA GLU B 158 6.77 -17.09 -15.24
C GLU B 158 5.39 -16.45 -15.37
N ARG B 159 5.03 -15.62 -14.39
CA ARG B 159 3.76 -14.87 -14.44
C ARG B 159 3.77 -13.88 -15.61
N LYS B 160 4.92 -13.25 -15.84
CA LYS B 160 5.10 -12.36 -17.00
C LYS B 160 4.90 -13.14 -18.31
N ALA B 161 5.48 -14.33 -18.38
CA ALA B 161 5.43 -15.16 -19.57
C ALA B 161 4.01 -15.64 -19.91
N GLU B 162 3.23 -15.95 -18.88
CA GLU B 162 1.88 -16.48 -19.08
C GLU B 162 0.82 -15.39 -19.25
N ILE B 163 1.08 -14.17 -18.76
CA ILE B 163 0.21 -13.02 -19.03
C ILE B 163 0.35 -12.59 -20.48
N GLN B 164 1.59 -12.49 -20.97
CA GLN B 164 1.85 -12.15 -22.37
C GLN B 164 1.26 -13.17 -23.33
N ALA B 165 1.35 -14.45 -22.96
CA ALA B 165 0.74 -15.53 -23.73
C ALA B 165 -0.78 -15.42 -23.72
N ASP B 166 -1.34 -15.04 -22.57
CA ASP B 166 -2.77 -14.84 -22.41
C ASP B 166 -3.24 -13.66 -23.28
N ILE B 167 -2.49 -12.56 -23.23
CA ILE B 167 -2.77 -11.39 -24.06
C ILE B 167 -2.71 -11.75 -25.54
N ALA B 168 -1.64 -12.42 -25.95
CA ALA B 168 -1.45 -12.82 -27.34
C ALA B 168 -2.60 -13.70 -27.85
N GLN B 169 -3.05 -14.60 -27.00
CA GLN B 169 -4.13 -15.45 -27.33
C GLN B 169 -5.36 -14.62 -27.50
N GLN B 170 -5.64 -13.82 -26.50
CA GLN B 170 -6.84 -12.98 -26.46
C GLN B 170 -6.94 -12.07 -27.70
N GLU B 171 -5.83 -11.48 -28.10
CA GLU B 171 -5.80 -10.62 -29.29
C GLU B 171 -5.99 -11.42 -30.58
N LYS B 172 -5.61 -12.70 -30.56
CA LYS B 172 -5.84 -13.60 -31.68
C LYS B 172 -7.33 -13.93 -31.80
N ASN B 173 -7.96 -14.24 -30.67
CA ASN B 173 -9.40 -14.52 -30.62
C ASN B 173 -10.24 -13.28 -30.92
N LYS B 174 -9.75 -12.11 -30.51
CA LYS B 174 -10.42 -10.84 -30.81
C LYS B 174 -10.42 -10.60 -32.32
N ALA B 175 -9.27 -10.83 -32.95
CA ALA B 175 -9.12 -10.66 -34.39
C ALA B 175 -10.06 -11.56 -35.18
N LYS B 176 -10.25 -12.78 -34.72
CA LYS B 176 -11.16 -13.74 -35.35
C LYS B 176 -12.62 -13.31 -35.21
N LEU B 177 -12.96 -12.68 -34.10
CA LEU B 177 -14.31 -12.14 -33.90
C LEU B 177 -14.55 -10.88 -34.73
N VAL B 178 -13.48 -10.14 -35.04
CA VAL B 178 -13.58 -8.92 -35.83
C VAL B 178 -13.89 -9.22 -37.30
N VAL B 179 -13.22 -10.21 -37.88
CA VAL B 179 -13.51 -10.61 -39.25
C VAL B 179 -14.96 -11.13 -39.36
N ASP B 180 -15.39 -11.92 -38.39
CA ASP B 180 -16.77 -12.42 -38.34
C ASP B 180 -17.79 -11.29 -38.27
N ARG B 181 -17.47 -10.26 -37.47
CA ARG B 181 -18.33 -9.08 -37.35
C ARG B 181 -18.37 -8.29 -38.67
N ASN B 182 -17.22 -8.20 -39.34
CA ASN B 182 -17.13 -7.49 -40.62
C ASN B 182 -17.86 -8.21 -41.76
N LYS B 183 -17.95 -9.53 -41.68
CA LYS B 183 -18.67 -10.32 -42.68
C LYS B 183 -20.18 -10.08 -42.54
N ILE B 184 -20.65 -9.90 -41.31
CA ILE B 184 -22.06 -9.60 -41.04
C ILE B 184 -22.39 -8.16 -41.42
N ILE B 185 -21.49 -7.22 -41.13
CA ILE B 185 -21.68 -5.83 -41.52
C ILE B 185 -21.73 -5.71 -43.06
N GLU B 186 -20.89 -6.48 -43.74
CA GLU B 186 -20.89 -6.51 -45.21
C GLU B 186 -22.20 -7.08 -45.74
N SER B 187 -22.74 -8.09 -45.07
CA SER B 187 -24.03 -8.68 -45.44
C SER B 187 -25.16 -7.68 -45.21
N GLN B 188 -25.04 -6.88 -44.16
CA GLN B 188 -26.03 -5.84 -43.88
C GLN B 188 -25.93 -4.67 -44.87
N ASP B 189 -24.73 -4.39 -45.35
CA ASP B 189 -24.52 -3.31 -46.33
C ASP B 189 -25.23 -3.57 -47.65
N VAL B 190 -25.10 -4.79 -48.17
CA VAL B 190 -25.74 -5.14 -49.45
C VAL B 190 -27.27 -5.23 -49.33
N ILE B 191 -27.76 -5.60 -48.14
CA ILE B 191 -29.20 -5.60 -47.88
C ILE B 191 -29.74 -4.15 -47.89
N ARG B 192 -28.95 -3.21 -47.39
CA ARG B 192 -29.27 -1.78 -47.47
C ARG B 192 -29.18 -1.28 -48.91
N GLN B 193 -28.05 -1.57 -49.56
CA GLN B 193 -27.74 -1.06 -50.89
C GLN B 193 -28.74 -1.52 -51.95
N TYR B 194 -29.04 -2.82 -51.96
CA TYR B 194 -29.92 -3.40 -52.97
C TYR B 194 -31.38 -3.50 -52.53
N ASN B 195 -31.71 -2.91 -51.38
CA ASN B 195 -33.08 -2.85 -50.87
C ASN B 195 -33.75 -4.23 -50.83
N LEU B 196 -33.02 -5.22 -50.33
CA LEU B 196 -33.53 -6.59 -50.25
C LEU B 196 -34.61 -6.77 -49.18
N ALA B 197 -34.59 -5.90 -48.17
CA ALA B 197 -35.58 -5.95 -47.10
C ALA B 197 -36.99 -5.61 -47.57
N ASP B 198 -37.10 -4.80 -48.62
CA ASP B 198 -38.40 -4.41 -49.18
C ASP B 198 -38.98 -5.47 -50.12
N MET B 199 -38.11 -6.11 -50.89
CA MET B 199 -38.50 -7.18 -51.80
C MET B 199 -38.81 -8.46 -51.03
N PHE B 200 -37.96 -8.75 -50.04
CA PHE B 200 -38.12 -9.92 -49.18
C PHE B 200 -38.27 -9.43 -47.73
N LYS B 201 -39.49 -9.51 -47.20
CA LYS B 201 -39.89 -8.68 -46.06
C LYS B 201 -39.23 -9.01 -44.71
N ASP B 202 -39.35 -10.25 -44.24
CA ASP B 202 -38.88 -10.61 -42.90
C ASP B 202 -37.60 -11.44 -42.91
N TYR B 203 -37.52 -12.40 -43.83
CA TYR B 203 -36.36 -13.28 -43.92
C TYR B 203 -35.40 -12.84 -45.02
N ILE B 204 -34.12 -13.13 -44.81
CA ILE B 204 -33.08 -12.83 -45.80
C ILE B 204 -33.28 -13.76 -47.00
N PRO B 205 -33.09 -13.24 -48.23
CA PRO B 205 -33.25 -14.05 -49.44
C PRO B 205 -32.44 -15.35 -49.47
N ASN B 206 -32.95 -16.34 -50.19
CA ASN B 206 -32.23 -17.58 -50.46
C ASN B 206 -31.22 -17.34 -51.59
N ILE B 207 -30.44 -18.37 -51.91
CA ILE B 207 -29.57 -18.32 -53.09
C ILE B 207 -30.43 -18.40 -54.36
N SER B 208 -31.56 -19.11 -54.28
CA SER B 208 -32.51 -19.18 -55.38
C SER B 208 -33.18 -17.83 -55.64
N ASP B 209 -33.39 -17.05 -54.59
CA ASP B 209 -34.01 -15.73 -54.70
C ASP B 209 -33.12 -14.70 -55.40
N LEU B 210 -31.83 -14.72 -55.06
CA LEU B 210 -30.88 -13.76 -55.61
C LEU B 210 -30.58 -14.00 -57.09
N ASP B 211 -30.78 -15.24 -57.55
CA ASP B 211 -30.67 -15.56 -58.97
C ASP B 211 -31.80 -14.93 -59.78
N LYS B 212 -32.98 -14.84 -59.18
CA LYS B 212 -34.17 -14.32 -59.86
C LYS B 212 -34.18 -12.78 -59.97
N LEU B 213 -33.26 -12.10 -59.29
CA LEU B 213 -33.17 -10.65 -59.35
C LEU B 213 -32.74 -10.17 -60.73
N ASP B 214 -33.26 -9.02 -61.15
CA ASP B 214 -32.92 -8.42 -62.44
C ASP B 214 -31.65 -7.59 -62.30
N LEU B 215 -30.50 -8.27 -62.26
CA LEU B 215 -29.19 -7.62 -62.15
C LEU B 215 -28.16 -8.34 -63.01
N ALA B 216 -26.98 -7.74 -63.12
CA ALA B 216 -25.88 -8.32 -63.91
C ALA B 216 -25.33 -9.58 -63.27
N ASN B 217 -24.61 -10.37 -64.05
CA ASN B 217 -24.07 -11.66 -63.58
C ASN B 217 -22.97 -11.55 -62.51
N PRO B 218 -21.99 -10.63 -62.70
CA PRO B 218 -20.94 -10.52 -61.68
C PRO B 218 -21.43 -9.91 -60.35
N LYS B 219 -22.52 -9.16 -60.39
CA LYS B 219 -23.14 -8.60 -59.18
C LYS B 219 -23.95 -9.66 -58.41
N LYS B 220 -24.61 -10.56 -59.15
CA LYS B 220 -25.30 -11.69 -58.53
C LYS B 220 -24.33 -12.52 -57.68
N GLU B 221 -23.20 -12.87 -58.29
CA GLU B 221 -22.19 -13.70 -57.63
C GLU B 221 -21.54 -13.01 -56.43
N LEU B 222 -21.38 -11.69 -56.51
CA LEU B 222 -20.75 -10.92 -55.43
C LEU B 222 -21.63 -10.89 -54.18
N ILE B 223 -22.90 -10.54 -54.35
CA ILE B 223 -23.83 -10.44 -53.22
C ILE B 223 -24.26 -11.82 -52.72
N LYS B 224 -24.22 -12.83 -53.58
CA LYS B 224 -24.37 -14.23 -53.14
C LYS B 224 -23.33 -14.56 -52.09
N GLN B 225 -22.06 -14.33 -52.44
CA GLN B 225 -20.93 -14.59 -51.54
C GLN B 225 -21.04 -13.78 -50.26
N ALA B 226 -21.43 -12.51 -50.38
CA ALA B 226 -21.57 -11.62 -49.24
C ALA B 226 -22.67 -12.10 -48.28
N ILE B 227 -23.86 -12.36 -48.82
CA ILE B 227 -25.00 -12.80 -48.01
C ILE B 227 -24.77 -14.19 -47.40
N LYS B 228 -24.25 -15.11 -48.19
CA LYS B 228 -23.99 -16.48 -47.72
C LYS B 228 -23.14 -16.49 -46.45
N GLN B 229 -22.03 -15.77 -46.48
CA GLN B 229 -21.07 -15.75 -45.38
C GLN B 229 -21.66 -15.18 -44.09
N GLY B 230 -22.38 -14.06 -44.21
CA GLY B 230 -22.99 -13.42 -43.05
C GLY B 230 -24.04 -14.29 -42.38
N VAL B 231 -24.83 -14.99 -43.19
CA VAL B 231 -25.87 -15.88 -42.67
C VAL B 231 -25.27 -17.14 -42.06
N GLU B 232 -24.20 -17.65 -42.68
CA GLU B 232 -23.47 -18.80 -42.13
C GLU B 232 -22.92 -18.52 -40.73
N ILE B 233 -22.26 -17.37 -40.60
CA ILE B 233 -21.64 -16.96 -39.33
C ILE B 233 -22.71 -16.68 -38.28
N ALA B 234 -23.79 -16.02 -38.68
CA ALA B 234 -24.87 -15.66 -37.77
C ALA B 234 -25.59 -16.89 -37.21
N LYS B 235 -25.81 -17.89 -38.05
CA LYS B 235 -26.48 -19.13 -37.62
C LYS B 235 -25.63 -19.91 -36.61
N LYS B 236 -24.32 -19.94 -36.83
CA LYS B 236 -23.40 -20.62 -35.91
C LYS B 236 -23.36 -19.92 -34.54
N ILE B 237 -23.31 -18.58 -34.56
CA ILE B 237 -23.28 -17.79 -33.33
C ILE B 237 -24.57 -17.93 -32.52
N LEU B 238 -25.71 -17.80 -33.19
CA LEU B 238 -27.01 -17.90 -32.54
C LEU B 238 -27.37 -19.33 -32.13
N GLY B 239 -26.79 -20.31 -32.80
CA GLY B 239 -27.23 -21.70 -32.68
C GLY B 239 -28.56 -21.86 -33.41
N ASN B 240 -28.69 -21.17 -34.54
CA ASN B 240 -29.91 -21.19 -35.32
C ASN B 240 -29.90 -22.35 -36.31
N ILE B 241 -30.93 -23.21 -36.20
CA ILE B 241 -31.05 -24.38 -37.07
C ILE B 241 -32.31 -24.33 -37.94
N SER B 242 -33.00 -23.19 -37.92
CA SER B 242 -34.25 -23.04 -38.67
C SER B 242 -33.98 -22.66 -40.12
N LYS B 243 -35.02 -22.80 -40.94
CA LYS B 243 -34.96 -22.37 -42.34
C LYS B 243 -34.81 -20.85 -42.41
N GLY B 244 -33.82 -20.39 -43.17
CA GLY B 244 -33.57 -18.96 -43.34
C GLY B 244 -33.08 -18.26 -42.08
N LEU B 245 -32.98 -16.93 -42.17
CA LEU B 245 -32.55 -16.10 -41.06
C LEU B 245 -33.20 -14.72 -41.22
N LYS B 246 -33.72 -14.17 -40.12
CA LYS B 246 -34.35 -12.86 -40.15
C LYS B 246 -33.30 -11.76 -40.16
N TYR B 247 -33.71 -10.56 -40.57
CA TYR B 247 -32.82 -9.40 -40.57
C TYR B 247 -32.46 -8.98 -39.15
N ILE B 248 -33.45 -9.07 -38.24
CA ILE B 248 -33.21 -8.78 -36.83
C ILE B 248 -32.34 -9.85 -36.15
N GLU B 249 -32.45 -11.09 -36.60
CA GLU B 249 -31.61 -12.18 -36.09
C GLU B 249 -30.16 -12.03 -36.55
N LEU B 250 -29.96 -11.45 -37.74
CA LEU B 250 -28.62 -11.10 -38.21
C LEU B 250 -27.99 -10.02 -37.32
N ALA B 251 -28.83 -9.13 -36.80
CA ALA B 251 -28.38 -8.09 -35.87
C ALA B 251 -28.05 -8.66 -34.50
N ASP B 252 -28.82 -9.66 -34.06
CA ASP B 252 -28.55 -10.34 -32.79
C ASP B 252 -27.19 -11.05 -32.81
N ALA B 253 -26.90 -11.73 -33.92
CA ALA B 253 -25.60 -12.37 -34.11
C ALA B 253 -24.48 -11.36 -33.98
N ARG B 254 -24.64 -10.21 -34.64
CA ARG B 254 -23.68 -9.12 -34.58
C ARG B 254 -23.59 -8.54 -33.17
N ALA B 255 -24.74 -8.41 -32.51
CA ALA B 255 -24.79 -7.89 -31.14
C ALA B 255 -24.01 -8.77 -30.16
N LYS B 256 -24.13 -10.09 -30.32
CA LYS B 256 -23.41 -11.04 -29.48
C LYS B 256 -21.89 -10.98 -29.73
N LEU B 257 -21.49 -10.74 -30.98
CA LEU B 257 -20.07 -10.57 -31.30
C LEU B 257 -19.51 -9.31 -30.63
N ASP B 258 -20.27 -8.22 -30.67
CA ASP B 258 -19.92 -6.99 -29.96
C ASP B 258 -19.79 -7.24 -28.46
N GLU B 259 -20.69 -8.08 -27.94
CA GLU B 259 -20.71 -8.46 -26.52
C GLU B 259 -19.43 -9.18 -26.09
N ARG B 260 -18.94 -10.08 -26.95
CA ARG B 260 -17.70 -10.81 -26.67
C ARG B 260 -16.46 -9.95 -26.86
N ILE B 261 -16.48 -9.10 -27.89
CA ILE B 261 -15.36 -8.19 -28.16
C ILE B 261 -15.16 -7.21 -26.99
N ASN B 262 -16.24 -6.77 -26.37
CA ASN B 262 -16.17 -5.95 -25.16
C ASN B 262 -15.49 -6.71 -24.01
N GLN B 263 -15.86 -7.98 -23.85
CA GLN B 263 -15.31 -8.83 -22.80
C GLN B 263 -13.81 -9.05 -22.96
N ILE B 264 -13.36 -9.25 -24.20
CA ILE B 264 -11.95 -9.46 -24.48
C ILE B 264 -11.14 -8.19 -24.24
N ASN B 265 -11.69 -7.04 -24.62
CA ASN B 265 -11.04 -5.76 -24.37
C ASN B 265 -10.93 -5.46 -22.88
N LYS B 266 -11.98 -5.79 -22.12
CA LYS B 266 -11.98 -5.60 -20.67
C LYS B 266 -10.94 -6.52 -19.99
N ASP B 267 -10.90 -7.77 -20.42
CA ASP B 267 -9.95 -8.74 -19.88
C ASP B 267 -8.51 -8.38 -20.26
N CYS B 268 -8.32 -7.84 -21.46
CA CYS B 268 -6.99 -7.39 -21.90
C CYS B 268 -6.50 -6.20 -21.06
N ASP B 269 -7.40 -5.27 -20.75
CA ASP B 269 -7.05 -4.15 -19.87
C ASP B 269 -6.67 -4.63 -18.47
N ASP B 270 -7.35 -5.67 -17.98
CA ASP B 270 -7.00 -6.27 -16.69
C ASP B 270 -5.65 -6.97 -16.75
N LEU B 271 -5.37 -7.64 -17.88
CA LEU B 271 -4.08 -8.30 -18.09
C LEU B 271 -2.94 -7.29 -18.20
N LYS B 272 -3.20 -6.15 -18.84
CA LYS B 272 -2.20 -5.09 -18.97
C LYS B 272 -1.86 -4.43 -17.63
N ILE B 273 -2.82 -4.41 -16.71
CA ILE B 273 -2.58 -3.92 -15.35
C ILE B 273 -1.67 -4.90 -14.59
N GLN B 274 -1.94 -6.20 -14.73
CA GLN B 274 -1.13 -7.24 -14.10
C GLN B 274 0.29 -7.26 -14.67
N LEU B 275 0.39 -7.17 -16.00
CA LEU B 275 1.67 -7.19 -16.68
C LEU B 275 2.54 -6.00 -16.25
N LYS B 276 1.93 -4.83 -16.10
CA LYS B 276 2.64 -3.65 -15.63
C LYS B 276 3.09 -3.82 -14.18
N GLY B 277 2.31 -4.57 -13.40
CA GLY B 277 2.63 -4.85 -12.00
C GLY B 277 3.83 -5.78 -11.81
N VAL B 278 3.81 -6.93 -12.48
CA VAL B 278 4.90 -7.91 -12.34
C VAL B 278 6.22 -7.34 -12.87
N GLU B 279 6.14 -6.52 -13.91
CA GLU B 279 7.31 -5.98 -14.58
C GLU B 279 7.99 -4.91 -13.73
N GLN B 280 7.22 -4.26 -12.86
CA GLN B 280 7.79 -3.36 -11.85
C GLN B 280 8.48 -4.17 -10.75
N ARG B 281 7.85 -5.27 -10.34
CA ARG B 281 8.42 -6.15 -9.32
C ARG B 281 9.68 -6.86 -9.82
N ILE B 282 9.69 -7.24 -11.10
CA ILE B 282 10.90 -7.78 -11.74
C ILE B 282 12.02 -6.73 -11.72
N ALA B 283 11.68 -5.50 -12.04
CA ALA B 283 12.64 -4.38 -11.98
C ALA B 283 13.13 -4.16 -10.55
N GLY B 284 12.24 -4.35 -9.58
CA GLY B 284 12.58 -4.21 -8.17
C GLY B 284 13.54 -5.29 -7.69
N ILE B 285 13.33 -6.52 -8.14
CA ILE B 285 14.20 -7.65 -7.77
C ILE B 285 15.59 -7.50 -8.39
N GLU B 286 15.65 -6.96 -9.62
CA GLU B 286 16.94 -6.70 -10.26
C GLU B 286 17.71 -5.57 -9.56
N ASP B 287 16.98 -4.61 -8.98
CA ASP B 287 17.59 -3.56 -8.17
C ASP B 287 18.17 -4.13 -6.87
N VAL B 288 17.49 -5.13 -6.30
CA VAL B 288 17.99 -5.80 -5.08
C VAL B 288 19.27 -6.58 -5.38
N HIS B 289 19.31 -7.23 -6.54
CA HIS B 289 20.54 -7.88 -7.01
C HIS B 289 21.67 -6.87 -7.20
N GLN B 290 21.32 -5.68 -7.70
CA GLN B 290 22.31 -4.62 -7.89
C GLN B 290 22.82 -4.09 -6.55
N ILE B 291 21.93 -3.97 -5.57
CA ILE B 291 22.32 -3.58 -4.21
C ILE B 291 23.36 -4.55 -3.63
N ASP B 292 23.18 -5.85 -3.90
CA ASP B 292 24.15 -6.86 -3.47
C ASP B 292 25.47 -6.72 -4.23
N LYS B 293 25.39 -6.41 -5.52
CA LYS B 293 26.59 -6.17 -6.33
C LYS B 293 27.32 -4.93 -5.85
N GLU B 294 26.57 -3.86 -5.55
CA GLU B 294 27.17 -2.63 -5.01
C GLU B 294 27.74 -2.87 -3.61
N ARG B 295 27.05 -3.68 -2.81
CA ARG B 295 27.53 -4.03 -1.48
C ARG B 295 28.85 -4.79 -1.56
N THR B 296 28.91 -5.79 -2.44
CA THR B 296 30.14 -6.58 -2.64
C THR B 296 31.31 -5.69 -3.08
N THR B 297 31.01 -4.69 -3.92
CA THR B 297 32.04 -3.79 -4.45
C THR B 297 32.66 -2.92 -3.37
N LEU B 298 31.82 -2.27 -2.55
CA LEU B 298 32.32 -1.38 -1.50
C LEU B 298 33.01 -2.15 -0.38
N LEU B 299 32.61 -3.40 -0.18
CA LEU B 299 33.12 -4.22 0.91
C LEU B 299 34.54 -4.75 0.64
N LEU B 300 34.94 -4.77 -0.63
CA LEU B 300 36.33 -5.06 -1.00
C LEU B 300 37.22 -3.92 -0.54
N GLN B 301 36.79 -2.69 -0.83
CA GLN B 301 37.56 -1.49 -0.49
C GLN B 301 37.60 -1.30 1.02
N ALA B 302 36.48 -1.60 1.69
CA ALA B 302 36.39 -1.53 3.14
C ALA B 302 37.30 -2.55 3.82
N ALA B 303 37.30 -3.78 3.30
CA ALA B 303 38.15 -4.85 3.83
C ALA B 303 39.64 -4.52 3.72
N LYS B 304 40.01 -3.80 2.66
CA LYS B 304 41.39 -3.38 2.44
C LYS B 304 41.79 -2.23 3.38
N LEU B 305 40.84 -1.36 3.71
CA LEU B 305 41.08 -0.29 4.71
C LEU B 305 41.40 -0.88 6.07
N GLU B 306 40.62 -1.88 6.48
CA GLU B 306 40.88 -2.62 7.72
C GLU B 306 42.26 -3.27 7.66
N GLN B 307 42.53 -3.94 6.56
CA GLN B 307 43.84 -4.58 6.31
C GLN B 307 44.98 -3.57 6.39
N ALA B 308 44.78 -2.40 5.79
CA ALA B 308 45.82 -1.35 5.77
C ALA B 308 46.26 -0.94 7.16
N TRP B 309 45.29 -0.72 8.05
CA TRP B 309 45.58 -0.27 9.41
C TRP B 309 46.28 -1.35 10.24
N ASN B 310 45.91 -2.61 10.02
CA ASN B 310 46.54 -3.74 10.71
C ASN B 310 47.97 -4.01 10.23
N ILE B 311 48.23 -3.72 8.96
CA ILE B 311 49.60 -3.77 8.43
C ILE B 311 50.41 -2.63 9.02
N PHE B 312 49.84 -1.43 9.00
CA PHE B 312 50.47 -0.24 9.60
C PHE B 312 50.81 -0.48 11.07
N ALA B 313 49.84 -1.01 11.80
CA ALA B 313 49.97 -1.21 13.25
C ALA B 313 51.07 -2.21 13.62
N LYS B 314 51.21 -3.28 12.83
CA LYS B 314 52.23 -4.30 13.10
C LYS B 314 53.60 -3.89 12.56
N GLN B 315 53.62 -2.99 11.57
CA GLN B 315 54.86 -2.44 11.04
C GLN B 315 55.56 -1.60 12.11
N LEU B 316 54.82 -0.76 12.83
CA LEU B 316 55.42 0.04 13.90
C LEU B 316 55.79 -0.84 15.11
N GLN B 317 54.85 -1.72 15.39
CA GLN B 317 54.92 -2.62 16.52
C GLN B 317 56.13 -3.49 16.40
N ASN B 318 56.41 -3.94 15.19
CA ASN B 318 57.57 -4.78 15.01
C ASN B 318 58.79 -3.98 15.39
N THR B 319 58.85 -2.72 14.96
CA THR B 319 60.02 -1.94 15.24
C THR B 319 60.30 -1.83 16.72
N ILE B 320 59.32 -1.36 17.48
CA ILE B 320 59.46 -1.21 18.92
C ILE B 320 59.71 -2.53 19.64
N ASP B 321 59.08 -3.60 19.18
CA ASP B 321 59.28 -4.90 19.80
C ASP B 321 60.76 -5.23 19.69
N GLY B 322 61.35 -4.79 18.60
CA GLY B 322 62.76 -4.97 18.36
C GLY B 322 63.48 -3.77 18.96
N LYS B 323 64.76 -3.67 18.68
CA LYS B 323 65.58 -2.53 19.13
C LYS B 323 65.32 -1.29 18.26
N ILE B 324 65.40 -0.12 18.85
CA ILE B 324 65.11 1.15 18.18
C ILE B 324 66.00 1.58 17.01
N ASP B 325 65.43 2.38 16.11
CA ASP B 325 66.15 2.89 14.94
C ASP B 325 65.89 4.38 14.71
N GLN B 326 66.82 5.05 14.04
CA GLN B 326 66.74 6.50 13.77
C GLN B 326 65.98 7.04 12.55
N GLN B 327 66.17 6.41 11.40
CA GLN B 327 65.59 6.78 10.13
C GLN B 327 64.66 5.65 9.73
N ASP B 328 64.89 4.46 10.26
CA ASP B 328 64.03 3.35 9.93
C ASP B 328 62.63 3.67 10.38
N LEU B 329 62.49 4.13 11.63
CA LEU B 329 61.17 4.50 12.09
C LEU B 329 60.65 5.69 11.31
N THR B 330 61.51 6.64 10.96
CA THR B 330 61.02 7.82 10.21
C THR B 330 60.40 7.54 8.83
N LYS B 331 60.95 6.61 8.08
CA LYS B 331 60.44 6.16 6.79
C LYS B 331 59.07 5.50 6.93
N ILE B 332 58.91 4.69 7.97
CA ILE B 332 57.65 3.98 8.22
C ILE B 332 56.51 4.97 8.44
N ILE B 333 56.76 6.01 9.23
CA ILE B 333 55.76 7.05 9.49
C ILE B 333 55.41 7.82 8.23
N HIS B 334 56.43 8.21 7.47
CA HIS B 334 56.22 9.02 6.27
C HIS B 334 55.62 8.21 5.11
N LYS B 335 55.96 6.93 5.03
CA LYS B 335 55.38 6.03 4.03
C LYS B 335 53.92 5.75 4.34
N GLN B 336 53.60 5.62 5.62
CA GLN B 336 52.22 5.49 6.08
C GLN B 336 51.43 6.79 5.84
N LEU B 337 52.11 7.92 5.99
CA LEU B 337 51.51 9.24 5.69
C LEU B 337 51.30 9.45 4.19
N ASP B 338 52.16 8.85 3.36
CA ASP B 338 51.99 8.89 1.90
C ASP B 338 50.73 8.15 1.47
N PHE B 339 50.45 7.03 2.12
CA PHE B 339 49.26 6.23 1.83
C PHE B 339 47.98 6.97 2.24
N LEU B 340 48.01 7.62 3.40
CA LEU B 340 46.86 8.38 3.88
C LEU B 340 46.58 9.63 3.04
N ASP B 341 47.64 10.23 2.50
CA ASP B 341 47.49 11.39 1.61
C ASP B 341 46.98 11.01 0.23
N ASP B 342 47.21 9.76 -0.19
CA ASP B 342 46.63 9.25 -1.43
C ASP B 342 45.11 9.19 -1.32
N LEU B 343 44.61 8.81 -0.14
CA LEU B 343 43.17 8.75 0.12
C LEU B 343 42.60 10.15 0.29
N ALA B 344 43.29 10.98 1.07
CA ALA B 344 42.89 12.38 1.26
C ALA B 344 42.76 13.09 -0.07
N LEU B 345 43.65 12.77 -1.01
CA LEU B 345 43.61 13.33 -2.36
C LEU B 345 42.43 12.78 -3.16
N GLN B 346 42.21 11.47 -3.07
CA GLN B 346 41.07 10.82 -3.73
C GLN B 346 39.75 11.41 -3.24
N TYR B 347 39.60 11.53 -1.93
CA TYR B 347 38.41 12.14 -1.32
C TYR B 347 38.25 13.61 -1.71
N HIS B 348 39.37 14.32 -1.84
CA HIS B 348 39.34 15.74 -2.21
C HIS B 348 38.82 15.92 -3.64
N SER B 349 39.51 15.30 -4.59
CA SER B 349 39.08 15.30 -5.98
C SER B 349 38.06 14.18 -6.20
N MET B 350 36.82 14.43 -5.79
CA MET B 350 35.77 13.42 -5.80
C MET B 350 34.42 14.03 -6.15
N LEU B 351 33.92 13.70 -7.34
CA LEU B 351 32.59 14.12 -7.79
C LEU B 351 31.74 12.88 -8.05
N LEU B 352 30.80 12.61 -7.15
CA LEU B 352 29.91 11.44 -7.27
C LEU B 352 28.91 11.67 -8.40
N SER B 353 28.45 10.57 -9.01
CA SER B 353 27.52 10.62 -10.14
C SER B 353 26.24 9.83 -9.83
N VAL C 12 -37.72 21.35 -35.67
CA VAL C 12 -36.98 20.15 -35.16
C VAL C 12 -35.55 20.14 -35.70
N VAL C 13 -34.59 19.86 -34.82
CA VAL C 13 -33.17 19.78 -35.17
C VAL C 13 -32.46 18.74 -34.31
N TYR C 14 -31.56 17.98 -34.91
CA TYR C 14 -30.82 16.93 -34.21
C TYR C 14 -29.50 17.47 -33.64
N PRO C 15 -29.07 16.94 -32.48
CA PRO C 15 -27.78 17.36 -31.90
C PRO C 15 -26.57 16.92 -32.73
N GLU C 16 -25.48 17.69 -32.63
CA GLU C 16 -24.21 17.32 -33.25
C GLU C 16 -23.40 16.49 -32.25
N ILE C 17 -23.29 15.19 -32.52
CA ILE C 17 -22.65 14.25 -31.59
C ILE C 17 -21.33 13.73 -32.13
N ASN C 18 -20.31 13.70 -31.28
CA ASN C 18 -19.01 13.14 -31.61
C ASN C 18 -18.71 11.97 -30.67
N VAL C 19 -18.97 10.75 -31.15
CA VAL C 19 -18.79 9.55 -30.33
C VAL C 19 -17.32 9.20 -30.07
N LYS C 20 -16.42 9.67 -30.93
CA LYS C 20 -14.98 9.52 -30.71
C LYS C 20 -14.54 10.29 -29.48
N THR C 21 -15.01 11.53 -29.35
CA THR C 21 -14.73 12.35 -28.19
C THR C 21 -15.22 11.68 -26.91
N LEU C 22 -16.38 11.03 -27.00
CA LEU C 22 -16.95 10.28 -25.88
C LEU C 22 -16.07 9.09 -25.54
N SER C 23 -15.80 8.25 -26.55
CA SER C 23 -15.01 7.03 -26.37
C SER C 23 -13.58 7.30 -25.90
N GLN C 24 -12.99 8.38 -26.41
CA GLN C 24 -11.63 8.77 -26.03
C GLN C 24 -11.57 9.24 -24.58
N ALA C 25 -12.60 9.96 -24.15
CA ALA C 25 -12.70 10.42 -22.76
C ALA C 25 -12.80 9.24 -21.80
N VAL C 26 -13.57 8.22 -22.19
CA VAL C 26 -13.70 7.00 -21.40
C VAL C 26 -12.37 6.27 -21.31
N LYS C 27 -11.62 6.24 -22.42
CA LYS C 27 -10.29 5.63 -22.47
C LYS C 27 -9.32 6.37 -21.54
N ASN C 28 -9.38 7.70 -21.57
CA ASN C 28 -8.52 8.54 -20.72
C ASN C 28 -8.82 8.36 -19.24
N ILE C 29 -10.10 8.25 -18.88
CA ILE C 29 -10.51 8.03 -17.50
C ILE C 29 -9.97 6.71 -16.95
N TRP C 30 -10.03 5.66 -17.77
CA TRP C 30 -9.45 4.36 -17.40
C TRP C 30 -7.95 4.48 -17.15
N ARG C 31 -7.26 5.14 -18.08
CA ARG C 31 -5.81 5.31 -18.00
C ARG C 31 -5.40 6.10 -16.76
N LEU C 32 -6.10 7.20 -16.50
CA LEU C 32 -5.80 8.07 -15.36
C LEU C 32 -6.12 7.41 -14.01
N SER C 33 -7.22 6.65 -13.97
CA SER C 33 -7.66 6.01 -12.72
C SER C 33 -6.72 4.91 -12.23
N HIS C 34 -5.93 4.33 -13.13
CA HIS C 34 -4.94 3.30 -12.77
C HIS C 34 -3.51 3.87 -12.74
N GLN C 35 -3.37 5.12 -13.17
CA GLN C 35 -2.10 5.85 -13.13
C GLN C 35 -2.01 6.66 -11.83
N GLN C 36 -3.13 7.24 -11.43
CA GLN C 36 -3.25 8.06 -10.21
C GLN C 36 -2.65 7.39 -8.98
N LYS C 37 -1.86 8.17 -8.22
CA LYS C 37 -1.38 7.76 -6.90
C LYS C 37 -1.41 8.97 -5.98
N SER C 38 -2.62 9.44 -5.68
CA SER C 38 -2.83 10.68 -4.91
C SER C 38 -2.63 10.51 -3.41
N GLY C 39 -2.75 9.28 -2.92
CA GLY C 39 -2.58 8.98 -1.50
C GLY C 39 -3.89 8.92 -0.72
N ILE C 40 -4.99 9.31 -1.36
CA ILE C 40 -6.30 9.30 -0.72
C ILE C 40 -7.02 8.03 -1.15
N GLU C 41 -7.32 7.16 -0.18
CA GLU C 41 -7.80 5.80 -0.46
C GLU C 41 -9.20 5.77 -1.07
N ILE C 42 -10.10 6.61 -0.56
CA ILE C 42 -11.47 6.69 -1.08
C ILE C 42 -11.50 7.28 -2.49
N ILE C 43 -10.55 8.17 -2.80
CA ILE C 43 -10.47 8.79 -4.12
C ILE C 43 -10.01 7.78 -5.17
N GLN C 44 -9.13 6.87 -4.78
CA GLN C 44 -8.73 5.76 -5.65
C GLN C 44 -9.92 4.87 -5.95
N GLU C 45 -10.72 4.59 -4.92
CA GLU C 45 -11.91 3.76 -5.06
C GLU C 45 -13.00 4.45 -5.88
N LYS C 46 -13.17 5.76 -5.69
CA LYS C 46 -14.20 6.51 -6.40
C LYS C 46 -13.89 6.72 -7.88
N THR C 47 -12.61 6.93 -8.23
CA THR C 47 -12.22 7.08 -9.64
C THR C 47 -12.39 5.76 -10.40
N LEU C 48 -12.17 4.63 -9.72
CA LEU C 48 -12.41 3.31 -10.31
C LEU C 48 -13.89 3.09 -10.58
N ARG C 49 -14.77 3.67 -9.76
CA ARG C 49 -16.22 3.61 -10.01
C ARG C 49 -16.58 4.44 -11.23
N ILE C 50 -15.94 5.60 -11.37
CA ILE C 50 -16.14 6.49 -12.52
C ILE C 50 -15.67 5.83 -13.81
N SER C 51 -14.51 5.18 -13.77
CA SER C 51 -13.97 4.49 -14.96
C SER C 51 -14.85 3.30 -15.33
N LEU C 52 -15.34 2.58 -14.33
CA LEU C 52 -16.19 1.40 -14.55
C LEU C 52 -17.52 1.78 -15.17
N TYR C 53 -18.16 2.81 -14.63
CA TYR C 53 -19.45 3.29 -15.14
C TYR C 53 -19.30 3.98 -16.50
N SER C 54 -18.15 4.59 -16.73
CA SER C 54 -17.85 5.20 -18.04
C SER C 54 -17.70 4.15 -19.12
N ARG C 55 -17.07 3.02 -18.77
CA ARG C 55 -17.00 1.86 -19.65
C ARG C 55 -18.41 1.35 -19.98
N ASP C 56 -19.22 1.19 -18.94
CA ASP C 56 -20.62 0.76 -19.12
C ASP C 56 -21.41 1.74 -19.98
N LEU C 57 -21.13 3.04 -19.82
CA LEU C 57 -21.78 4.08 -20.61
C LEU C 57 -21.38 3.98 -22.08
N ASP C 58 -20.09 3.80 -22.34
CA ASP C 58 -19.57 3.63 -23.69
C ASP C 58 -20.19 2.41 -24.38
N GLU C 59 -20.32 1.31 -23.64
CA GLU C 59 -20.90 0.08 -24.16
C GLU C 59 -22.35 0.25 -24.60
N ALA C 60 -23.12 1.03 -23.86
CA ALA C 60 -24.53 1.25 -24.17
C ALA C 60 -24.71 2.12 -25.41
N ALA C 61 -23.93 3.20 -25.49
CA ALA C 61 -23.97 4.11 -26.64
C ALA C 61 -23.64 3.38 -27.93
N ARG C 62 -22.60 2.55 -27.89
CA ARG C 62 -22.21 1.74 -29.04
C ARG C 62 -23.29 0.73 -29.40
N ALA C 63 -24.00 0.22 -28.40
CA ALA C 63 -25.06 -0.76 -28.59
C ALA C 63 -26.35 -0.12 -29.10
N SER C 64 -26.59 1.14 -28.72
CA SER C 64 -27.82 1.84 -29.09
C SER C 64 -27.95 2.06 -30.59
N VAL C 65 -26.83 2.27 -31.27
CA VAL C 65 -26.82 2.56 -32.71
C VAL C 65 -27.39 1.39 -33.54
N PRO C 66 -26.76 0.20 -33.49
CA PRO C 66 -27.29 -0.92 -34.27
C PRO C 66 -28.68 -1.38 -33.81
N GLN C 67 -28.98 -1.20 -32.52
CA GLN C 67 -30.30 -1.56 -31.98
C GLN C 67 -31.39 -0.70 -32.59
N LEU C 68 -31.18 0.62 -32.60
CA LEU C 68 -32.15 1.55 -33.19
C LEU C 68 -32.20 1.46 -34.71
N GLN C 69 -31.05 1.23 -35.34
CA GLN C 69 -31.02 0.93 -36.78
C GLN C 69 -31.91 -0.28 -37.08
N THR C 70 -31.68 -1.38 -36.37
CA THR C 70 -32.44 -2.61 -36.55
C THR C 70 -33.95 -2.41 -36.35
N VAL C 71 -34.31 -1.61 -35.35
CA VAL C 71 -35.72 -1.31 -35.07
C VAL C 71 -36.34 -0.42 -36.15
N LEU C 72 -35.62 0.60 -36.59
CA LEU C 72 -36.14 1.56 -37.58
C LEU C 72 -36.20 1.00 -39.00
N ARG C 73 -35.39 -0.01 -39.29
CA ARG C 73 -35.36 -0.63 -40.62
C ARG C 73 -36.50 -1.61 -40.86
N GLN C 74 -37.28 -1.91 -39.82
CA GLN C 74 -38.42 -2.83 -39.93
C GLN C 74 -39.69 -2.17 -40.43
N LEU C 75 -39.85 -0.86 -40.18
CA LEU C 75 -41.05 -0.12 -40.58
C LEU C 75 -41.21 0.06 -42.10
N PRO C 76 -40.17 0.58 -42.79
CA PRO C 76 -40.29 0.82 -44.24
C PRO C 76 -40.75 -0.37 -45.09
N PRO C 77 -40.18 -1.58 -44.86
CA PRO C 77 -40.58 -2.71 -45.71
C PRO C 77 -41.99 -3.29 -45.44
N GLN C 78 -42.70 -2.78 -44.43
CA GLN C 78 -44.04 -3.31 -44.11
C GLN C 78 -45.03 -3.13 -45.26
N ASP C 79 -46.08 -3.95 -45.24
CA ASP C 79 -47.02 -4.06 -46.36
C ASP C 79 -47.95 -2.85 -46.53
N TYR C 80 -48.19 -2.12 -45.43
CA TYR C 80 -49.15 -1.00 -45.46
C TYR C 80 -48.60 0.31 -46.07
N PHE C 81 -47.30 0.35 -46.40
CA PHE C 81 -46.73 1.55 -47.04
C PHE C 81 -47.06 1.62 -48.52
N LEU C 82 -46.94 0.49 -49.22
CA LEU C 82 -47.28 0.41 -50.64
C LEU C 82 -48.80 0.40 -50.83
N THR C 83 -49.51 -0.30 -49.95
CA THR C 83 -50.96 -0.48 -50.04
C THR C 83 -51.74 0.79 -49.71
N LEU C 84 -51.43 1.39 -48.56
CA LEU C 84 -52.21 2.53 -48.04
C LEU C 84 -52.19 3.76 -48.94
N THR C 85 -51.19 3.86 -49.82
CA THR C 85 -51.17 4.90 -50.86
C THR C 85 -52.28 4.66 -51.88
N GLU C 86 -52.51 3.40 -52.23
CA GLU C 86 -53.56 3.02 -53.17
C GLU C 86 -54.96 3.19 -52.59
N ILE C 87 -55.07 3.04 -51.26
CA ILE C 87 -56.36 3.15 -50.58
C ILE C 87 -56.85 4.61 -50.57
N ASP C 88 -55.95 5.54 -50.33
CA ASP C 88 -56.29 6.97 -50.31
C ASP C 88 -56.51 7.54 -51.71
N THR C 89 -55.55 7.31 -52.60
CA THR C 89 -55.59 7.87 -53.95
C THR C 89 -56.76 7.35 -54.78
N GLU C 90 -57.10 6.08 -54.60
CA GLU C 90 -58.23 5.46 -55.30
C GLU C 90 -59.52 5.63 -54.48
N LEU C 91 -59.88 6.89 -54.21
CA LEU C 91 -61.09 7.20 -53.46
C LEU C 91 -61.46 8.68 -53.63
N GLU C 92 -61.64 9.09 -54.89
CA GLU C 92 -62.01 10.47 -55.22
C GLU C 92 -63.16 10.50 -56.21
N ASN C 102 -66.84 0.36 -50.37
CA ASN C 102 -66.62 0.91 -49.04
C ASN C 102 -65.68 0.05 -48.18
N THR C 103 -65.15 -1.02 -48.77
CA THR C 103 -64.16 -1.87 -48.09
C THR C 103 -62.84 -1.13 -47.89
N LEU C 104 -62.55 -0.18 -48.78
CA LEU C 104 -61.31 0.60 -48.72
C LEU C 104 -61.21 1.44 -47.45
N LEU C 105 -62.34 2.01 -47.02
CA LEU C 105 -62.36 2.88 -45.84
C LEU C 105 -62.14 2.10 -44.54
N GLU C 106 -62.65 0.87 -44.47
CA GLU C 106 -62.47 0.01 -43.29
C GLU C 106 -61.11 -0.71 -43.32
N ALA C 107 -60.61 -1.01 -44.51
CA ALA C 107 -59.28 -1.59 -44.68
C ALA C 107 -58.20 -0.60 -44.26
N ARG C 108 -58.43 0.68 -44.56
CA ARG C 108 -57.55 1.77 -44.13
C ARG C 108 -57.45 1.84 -42.60
N SER C 109 -58.59 1.65 -41.93
CA SER C 109 -58.64 1.66 -40.46
C SER C 109 -57.80 0.53 -39.85
N GLU C 110 -57.77 -0.61 -40.53
CA GLU C 110 -56.95 -1.75 -40.10
C GLU C 110 -55.46 -1.49 -40.34
N HIS C 111 -55.15 -0.91 -41.50
CA HIS C 111 -53.76 -0.62 -41.88
C HIS C 111 -53.13 0.46 -41.01
N ILE C 112 -53.90 1.48 -40.65
CA ILE C 112 -53.44 2.52 -39.72
C ILE C 112 -53.28 1.96 -38.31
N ARG C 113 -54.16 1.04 -37.91
CA ARG C 113 -54.06 0.40 -36.59
C ARG C 113 -52.77 -0.41 -36.46
N ASN C 114 -52.37 -1.07 -37.55
CA ASN C 114 -51.08 -1.77 -37.59
C ASN C 114 -49.90 -0.79 -37.62
N LEU C 115 -50.07 0.32 -38.36
CA LEU C 115 -49.03 1.34 -38.44
C LEU C 115 -48.81 2.01 -37.09
N LYS C 116 -49.90 2.36 -36.41
CA LYS C 116 -49.82 2.92 -35.05
C LYS C 116 -49.09 1.98 -34.10
N LYS C 117 -49.41 0.69 -34.17
CA LYS C 117 -48.83 -0.31 -33.27
C LYS C 117 -47.34 -0.53 -33.54
N ASP C 118 -46.96 -0.53 -34.82
CA ASP C 118 -45.55 -0.69 -35.21
C ASP C 118 -44.72 0.54 -34.82
N VAL C 119 -45.27 1.73 -35.05
CA VAL C 119 -44.60 2.98 -34.69
C VAL C 119 -44.53 3.14 -33.16
N LYS C 120 -45.57 2.71 -32.46
CA LYS C 120 -45.55 2.67 -31.00
C LYS C 120 -44.38 1.83 -30.47
N GLY C 121 -44.05 0.76 -31.20
CA GLY C 121 -42.95 -0.12 -30.85
C GLY C 121 -41.58 0.54 -30.92
N VAL C 122 -41.34 1.30 -31.99
CA VAL C 122 -40.05 1.96 -32.17
C VAL C 122 -39.90 3.17 -31.24
N ILE C 123 -41.04 3.74 -30.82
CA ILE C 123 -41.06 4.81 -29.82
C ILE C 123 -40.60 4.27 -28.47
N ARG C 124 -41.07 3.07 -28.12
CA ARG C 124 -40.66 2.39 -26.88
C ARG C 124 -39.18 2.01 -26.93
N SER C 125 -38.68 1.62 -28.11
CA SER C 125 -37.27 1.30 -28.29
C SER C 125 -36.40 2.53 -28.06
N LEU C 126 -36.81 3.66 -28.63
CA LEU C 126 -36.12 4.93 -28.42
C LEU C 126 -36.19 5.37 -26.95
N ARG C 127 -37.37 5.21 -26.35
CA ARG C 127 -37.57 5.52 -24.93
C ARG C 127 -36.70 4.63 -24.03
N LYS C 128 -36.58 3.36 -24.39
CA LYS C 128 -35.73 2.42 -23.64
C LYS C 128 -34.27 2.85 -23.71
N GLU C 129 -33.82 3.26 -24.89
CA GLU C 129 -32.43 3.70 -25.09
C GLU C 129 -32.17 5.03 -24.41
N ALA C 130 -33.18 5.89 -24.33
CA ALA C 130 -33.07 7.17 -23.63
C ALA C 130 -32.98 6.96 -22.11
N ASN C 131 -33.80 6.05 -21.59
CA ASN C 131 -33.82 5.75 -20.15
C ASN C 131 -32.58 5.01 -19.68
N LEU C 132 -32.03 4.15 -20.53
CA LEU C 132 -30.78 3.45 -20.24
C LEU C 132 -29.62 4.46 -20.21
N MET C 133 -29.57 5.32 -21.24
CA MET C 133 -28.56 6.37 -21.32
C MET C 133 -28.64 7.33 -20.14
N ALA C 134 -29.86 7.56 -19.65
CA ALA C 134 -30.08 8.40 -18.47
C ALA C 134 -29.48 7.75 -17.22
N SER C 135 -29.68 6.44 -17.08
CA SER C 135 -29.15 5.70 -15.93
C SER C 135 -27.63 5.66 -15.94
N ARG C 136 -27.03 5.57 -17.13
CA ARG C 136 -25.58 5.56 -17.27
C ARG C 136 -24.96 6.90 -16.93
N ILE C 137 -25.63 7.98 -17.35
CA ILE C 137 -25.23 9.35 -16.97
C ILE C 137 -25.36 9.53 -15.46
N ALA C 138 -26.44 9.01 -14.89
CA ALA C 138 -26.70 9.13 -13.46
C ALA C 138 -25.60 8.47 -12.63
N ASP C 139 -25.15 7.29 -13.07
CA ASP C 139 -24.13 6.53 -12.34
C ASP C 139 -22.76 7.22 -12.35
N VAL C 140 -22.31 7.67 -13.52
CA VAL C 140 -21.00 8.32 -13.65
C VAL C 140 -20.93 9.67 -12.94
N SER C 141 -22.02 10.43 -12.98
CA SER C 141 -22.03 11.79 -12.46
C SER C 141 -22.32 11.88 -10.96
N ASN C 142 -22.89 10.82 -10.38
CA ASN C 142 -23.16 10.78 -8.93
C ASN C 142 -21.92 10.60 -8.06
N VAL C 143 -20.82 10.13 -8.65
CA VAL C 143 -19.58 9.92 -7.91
C VAL C 143 -18.89 11.27 -7.68
N VAL C 144 -18.90 11.73 -6.43
CA VAL C 144 -18.32 13.02 -6.07
C VAL C 144 -16.83 12.86 -5.74
N ILE C 145 -15.98 13.46 -6.56
CA ILE C 145 -14.52 13.41 -6.37
C ILE C 145 -13.87 14.78 -6.12
N LEU C 146 -14.46 15.85 -6.65
CA LEU C 146 -13.87 17.19 -6.52
C LEU C 146 -13.99 17.81 -5.12
N GLU C 147 -14.81 17.22 -4.26
CA GLU C 147 -15.00 17.76 -2.91
C GLU C 147 -13.69 17.73 -2.12
N ARG C 148 -13.35 18.87 -1.54
CA ARG C 148 -12.06 19.12 -0.88
C ARG C 148 -10.84 18.48 -1.58
N LEU C 149 -10.68 18.82 -2.86
CA LEU C 149 -9.46 18.56 -3.62
C LEU C 149 -8.63 19.84 -3.73
N GLU C 150 -9.31 20.97 -3.95
CA GLU C 150 -8.69 22.29 -3.85
C GLU C 150 -7.97 22.43 -2.50
N SER C 151 -8.61 21.91 -1.46
CA SER C 151 -8.02 21.88 -0.11
C SER C 151 -6.83 20.92 -0.04
N SER C 152 -7.04 19.68 -0.48
CA SER C 152 -6.00 18.65 -0.42
C SER C 152 -4.79 18.96 -1.31
N LEU C 153 -5.04 19.57 -2.47
CA LEU C 153 -3.98 19.95 -3.39
C LEU C 153 -3.11 21.04 -2.78
N LYS C 154 -3.74 22.14 -2.38
CA LYS C 154 -3.02 23.32 -1.87
C LYS C 154 -2.19 22.99 -0.62
N GLU C 155 -2.71 22.10 0.23
CA GLU C 155 -1.95 21.61 1.38
C GLU C 155 -0.64 20.94 0.96
N GLU C 156 -0.70 20.15 -0.11
CA GLU C 156 0.48 19.47 -0.64
C GLU C 156 1.41 20.42 -1.40
N GLN C 157 0.82 21.43 -2.05
CA GLN C 157 1.62 22.45 -2.74
C GLN C 157 2.42 23.29 -1.73
N GLU C 158 1.85 23.48 -0.55
CA GLU C 158 2.53 24.20 0.53
C GLU C 158 3.62 23.35 1.16
N ARG C 159 3.43 22.04 1.19
CA ARG C 159 4.45 21.12 1.71
C ARG C 159 5.61 20.98 0.72
N LYS C 160 5.31 21.03 -0.58
CA LYS C 160 6.33 21.05 -1.61
C LYS C 160 7.18 22.31 -1.54
N ALA C 161 6.53 23.43 -1.25
CA ALA C 161 7.22 24.73 -1.18
C ALA C 161 8.21 24.80 -0.01
N GLU C 162 7.75 24.39 1.18
CA GLU C 162 8.58 24.48 2.38
C GLU C 162 9.71 23.45 2.40
N ILE C 163 9.52 22.32 1.70
CA ILE C 163 10.58 21.32 1.54
C ILE C 163 11.66 21.87 0.59
N GLN C 164 11.24 22.49 -0.51
CA GLN C 164 12.17 23.12 -1.44
C GLN C 164 12.93 24.29 -0.80
N ALA C 165 12.27 25.00 0.11
CA ALA C 165 12.91 26.06 0.87
C ALA C 165 13.88 25.50 1.91
N ASP C 166 13.46 24.41 2.58
CA ASP C 166 14.31 23.75 3.57
C ASP C 166 15.54 23.12 2.91
N ILE C 167 15.35 22.58 1.70
CA ILE C 167 16.46 22.03 0.91
C ILE C 167 17.39 23.14 0.43
N ALA C 168 16.82 24.25 -0.04
CA ALA C 168 17.61 25.37 -0.56
C ALA C 168 18.46 26.04 0.53
N GLN C 169 17.92 26.14 1.71
CA GLN C 169 18.70 26.72 2.74
C GLN C 169 19.85 25.80 3.01
N GLN C 170 19.52 24.59 3.35
CA GLN C 170 20.55 23.61 3.71
C GLN C 170 21.69 23.60 2.68
N GLU C 171 21.34 23.77 1.41
CA GLU C 171 22.32 23.82 0.33
C GLU C 171 23.21 25.05 0.41
N LYS C 172 22.64 26.17 0.85
CA LYS C 172 23.43 27.38 1.12
C LYS C 172 24.39 27.18 2.29
N ASN C 173 23.91 26.51 3.34
CA ASN C 173 24.72 26.21 4.52
C ASN C 173 25.86 25.24 4.20
N LYS C 174 25.55 24.19 3.45
CA LYS C 174 26.55 23.17 3.11
C LYS C 174 27.68 23.75 2.25
N ALA C 175 27.31 24.58 1.28
CA ALA C 175 28.29 25.22 0.39
C ALA C 175 29.19 26.21 1.14
N LYS C 176 28.61 26.90 2.12
CA LYS C 176 29.35 27.84 2.96
C LYS C 176 30.26 27.11 3.94
N LEU C 177 29.78 25.98 4.47
CA LEU C 177 30.61 25.11 5.32
C LEU C 177 31.68 24.38 4.51
N VAL C 178 31.42 24.18 3.23
CA VAL C 178 32.38 23.52 2.31
C VAL C 178 33.61 24.40 2.06
N VAL C 179 33.39 25.69 1.82
CA VAL C 179 34.50 26.62 1.59
C VAL C 179 35.32 26.83 2.87
N ASP C 180 34.65 26.88 4.02
CA ASP C 180 35.32 26.96 5.32
C ASP C 180 36.19 25.73 5.58
N ARG C 181 35.67 24.57 5.17
CA ARG C 181 36.42 23.30 5.25
C ARG C 181 37.63 23.34 4.32
N ASN C 182 37.46 23.91 3.13
CA ASN C 182 38.56 24.06 2.17
C ASN C 182 39.66 25.00 2.67
N LYS C 183 39.28 26.05 3.40
CA LYS C 183 40.26 26.99 3.96
C LYS C 183 41.17 26.30 4.98
N ILE C 184 40.59 25.41 5.79
CA ILE C 184 41.36 24.67 6.79
C ILE C 184 42.28 23.64 6.14
N ILE C 185 41.77 22.97 5.11
CA ILE C 185 42.57 22.00 4.34
C ILE C 185 43.66 22.72 3.54
N GLU C 186 43.38 23.96 3.13
CA GLU C 186 44.40 24.80 2.48
C GLU C 186 45.57 25.05 3.42
N SER C 187 45.27 25.28 4.70
CA SER C 187 46.30 25.51 5.72
C SER C 187 47.07 24.23 6.06
N GLN C 188 46.36 23.10 6.11
CA GLN C 188 46.99 21.81 6.38
C GLN C 188 47.96 21.38 5.28
N ASP C 189 47.72 21.85 4.06
CA ASP C 189 48.61 21.57 2.93
C ASP C 189 49.94 22.30 3.08
N VAL C 190 49.87 23.62 3.30
CA VAL C 190 51.08 24.45 3.43
C VAL C 190 51.90 24.14 4.68
N ILE C 191 51.24 23.65 5.74
CA ILE C 191 51.93 23.21 6.94
C ILE C 191 52.67 21.89 6.69
N ARG C 192 52.01 20.99 5.98
CA ARG C 192 52.60 19.68 5.65
C ARG C 192 53.61 19.77 4.50
N GLN C 193 53.47 20.80 3.66
CA GLN C 193 54.35 20.98 2.50
C GLN C 193 55.72 21.55 2.89
N TYR C 194 55.70 22.68 3.59
CA TYR C 194 56.93 23.39 3.97
C TYR C 194 57.48 22.98 5.35
N ASN C 195 56.92 21.91 5.92
CA ASN C 195 57.35 21.38 7.23
C ASN C 195 57.30 22.42 8.35
N LEU C 196 56.15 23.07 8.51
CA LEU C 196 55.93 24.01 9.61
C LEU C 196 55.70 23.28 10.94
N ALA C 197 55.29 22.01 10.87
CA ALA C 197 55.03 21.21 12.07
C ALA C 197 56.32 20.89 12.83
N ASP C 198 57.35 20.48 12.10
CA ASP C 198 58.63 20.11 12.70
C ASP C 198 59.46 21.32 13.13
N MET C 199 59.37 22.41 12.37
CA MET C 199 60.08 23.65 12.69
C MET C 199 59.45 24.34 13.90
N PHE C 200 58.16 24.64 13.80
CA PHE C 200 57.41 25.29 14.89
C PHE C 200 56.60 24.24 15.65
N LYS C 201 57.08 23.84 16.82
CA LYS C 201 56.48 22.77 17.61
C LYS C 201 55.10 23.15 18.15
N ASP C 202 54.18 22.19 18.10
CA ASP C 202 52.84 22.30 18.72
C ASP C 202 51.93 23.39 18.13
N TYR C 203 52.33 24.64 18.26
CA TYR C 203 51.50 25.77 17.82
C TYR C 203 51.82 26.23 16.40
N ILE C 204 50.81 26.78 15.73
CA ILE C 204 50.95 27.29 14.37
C ILE C 204 51.73 28.61 14.42
N PRO C 205 52.65 28.83 13.46
CA PRO C 205 53.48 30.04 13.47
C PRO C 205 52.69 31.36 13.49
N ASN C 206 53.31 32.40 14.03
CA ASN C 206 52.68 33.72 14.13
C ASN C 206 52.66 34.40 12.75
N ILE C 207 51.76 35.36 12.58
CA ILE C 207 51.58 36.03 11.28
C ILE C 207 52.80 36.88 10.89
N SER C 208 53.41 37.55 11.86
CA SER C 208 54.62 38.34 11.61
C SER C 208 55.87 37.47 11.54
N ASP C 209 55.80 36.29 12.17
CA ASP C 209 56.92 35.34 12.21
C ASP C 209 57.23 34.70 10.84
N LEU C 210 56.24 34.68 9.94
CA LEU C 210 56.36 33.99 8.65
C LEU C 210 57.48 34.50 7.73
N ASP C 211 58.02 35.68 8.01
CA ASP C 211 59.05 36.28 7.17
C ASP C 211 60.44 35.64 7.31
N LYS C 212 60.63 34.80 8.33
CA LYS C 212 61.95 34.22 8.62
C LYS C 212 62.21 32.94 7.82
N LEU C 213 62.19 33.07 6.49
CA LEU C 213 62.47 31.94 5.59
C LEU C 213 63.13 32.45 4.31
N ASN C 217 59.15 35.31 -1.49
CA ASN C 217 58.37 36.53 -1.31
C ASN C 217 56.97 36.44 -1.92
N PRO C 218 56.85 35.96 -3.18
CA PRO C 218 55.51 35.69 -3.70
C PRO C 218 54.83 34.49 -3.02
N LYS C 219 55.59 33.45 -2.73
CA LYS C 219 55.07 32.27 -2.04
C LYS C 219 54.95 32.45 -0.53
N LYS C 220 55.64 33.46 0.02
CA LYS C 220 55.40 33.88 1.40
C LYS C 220 54.04 34.57 1.48
N GLU C 221 53.72 35.34 0.44
CA GLU C 221 52.42 36.00 0.31
C GLU C 221 51.29 34.95 0.27
N LEU C 222 51.57 33.80 -0.36
CA LEU C 222 50.60 32.71 -0.46
C LEU C 222 50.24 32.13 0.91
N ILE C 223 51.26 31.72 1.67
CA ILE C 223 51.02 31.06 2.96
C ILE C 223 50.63 32.03 4.08
N LYS C 224 50.78 33.34 3.84
CA LYS C 224 50.44 34.34 4.84
C LYS C 224 48.95 34.34 5.14
N GLN C 225 48.14 34.56 4.10
CA GLN C 225 46.69 34.60 4.27
C GLN C 225 46.07 33.20 4.25
N ALA C 226 46.73 32.25 3.58
CA ALA C 226 46.25 30.87 3.54
C ALA C 226 46.23 30.24 4.93
N ILE C 227 47.28 30.51 5.72
CA ILE C 227 47.32 30.10 7.13
C ILE C 227 46.31 30.93 7.94
N LYS C 228 46.28 32.24 7.69
CA LYS C 228 45.38 33.15 8.40
C LYS C 228 43.93 32.71 8.27
N GLN C 229 43.48 32.54 7.03
CA GLN C 229 42.10 32.14 6.73
C GLN C 229 41.71 30.85 7.46
N GLY C 230 42.55 29.83 7.36
CA GLY C 230 42.31 28.56 8.02
C GLY C 230 42.27 28.66 9.54
N VAL C 231 43.19 29.44 10.09
CA VAL C 231 43.24 29.69 11.53
C VAL C 231 42.06 30.55 11.99
N GLU C 232 41.61 31.47 11.13
CA GLU C 232 40.57 32.43 11.50
C GLU C 232 39.20 31.79 11.73
N ILE C 233 38.82 30.84 10.87
CA ILE C 233 37.52 30.18 11.00
C ILE C 233 37.61 29.03 12.01
N ALA C 234 38.74 28.34 12.04
CA ALA C 234 38.99 27.28 13.03
C ALA C 234 38.92 27.83 14.45
N LYS C 235 39.32 29.08 14.62
CA LYS C 235 39.15 29.80 15.89
C LYS C 235 37.68 30.05 16.19
N LYS C 236 36.94 30.54 15.20
CA LYS C 236 35.52 30.85 15.36
C LYS C 236 34.66 29.60 15.60
N ILE C 237 35.03 28.49 14.95
CA ILE C 237 34.32 27.22 15.13
C ILE C 237 34.50 26.70 16.57
N LEU C 238 35.75 26.72 17.05
CA LEU C 238 36.05 26.29 18.42
C LEU C 238 35.68 27.36 19.46
N GLY C 239 35.46 28.60 19.00
CA GLY C 239 35.00 29.68 19.87
C GLY C 239 36.14 30.38 20.59
N ASN C 240 37.07 30.92 19.81
CA ASN C 240 38.24 31.60 20.36
C ASN C 240 38.48 32.98 19.73
N ILE C 241 38.58 33.99 20.59
CA ILE C 241 39.12 35.30 20.20
C ILE C 241 40.26 35.64 21.16
N SER C 242 41.09 34.65 21.44
CA SER C 242 42.14 34.77 22.47
C SER C 242 43.39 33.95 22.14
N LYS C 243 43.36 32.64 22.41
CA LYS C 243 44.56 31.80 22.35
C LYS C 243 45.02 31.48 20.92
N GLY C 244 46.30 31.15 20.80
CA GLY C 244 46.87 30.70 19.54
C GLY C 244 46.45 29.27 19.24
N LEU C 245 46.45 28.91 17.96
CA LEU C 245 45.88 27.64 17.52
C LEU C 245 46.94 26.54 17.42
N LYS C 246 46.62 25.37 17.99
CA LYS C 246 47.48 24.19 17.89
C LYS C 246 47.24 23.44 16.58
N TYR C 247 48.04 22.41 16.34
CA TYR C 247 47.86 21.56 15.16
C TYR C 247 46.72 20.55 15.34
N ILE C 248 46.53 20.07 16.57
CA ILE C 248 45.42 19.15 16.86
C ILE C 248 44.07 19.87 16.80
N GLU C 249 44.08 21.15 17.17
CA GLU C 249 42.85 21.95 17.22
C GLU C 249 42.39 22.38 15.83
N LEU C 250 43.33 22.53 14.90
CA LEU C 250 43.00 22.81 13.50
C LEU C 250 42.35 21.58 12.85
N ALA C 251 42.76 20.40 13.30
CA ALA C 251 42.14 19.14 12.87
C ALA C 251 40.82 18.89 13.59
N ASP C 252 40.74 19.31 14.85
CA ASP C 252 39.53 19.13 15.65
C ASP C 252 38.37 19.99 15.13
N ALA C 253 38.69 21.20 14.67
CA ALA C 253 37.71 22.09 14.06
C ALA C 253 37.25 21.55 12.71
N ARG C 254 38.18 20.94 11.97
CA ARG C 254 37.89 20.33 10.67
C ARG C 254 36.95 19.12 10.83
N ALA C 255 37.26 18.25 11.80
CA ALA C 255 36.47 17.05 12.05
C ALA C 255 35.00 17.39 12.36
N LYS C 256 34.79 18.44 13.15
CA LYS C 256 33.44 18.89 13.49
C LYS C 256 32.75 19.59 12.32
N LEU C 257 33.53 20.15 11.40
CA LEU C 257 32.97 20.82 10.22
C LEU C 257 32.48 19.79 9.19
N ASP C 258 33.23 18.71 9.03
CA ASP C 258 32.80 17.58 8.20
C ASP C 258 31.62 16.86 8.84
N GLU C 259 31.56 16.88 10.17
CA GLU C 259 30.46 16.27 10.92
C GLU C 259 29.12 16.97 10.65
N ARG C 260 29.15 18.30 10.51
CA ARG C 260 27.96 19.07 10.16
C ARG C 260 27.56 18.83 8.70
N ILE C 261 28.55 18.81 7.81
CA ILE C 261 28.31 18.61 6.38
C ILE C 261 27.71 17.22 6.12
N ASN C 262 28.22 16.23 6.84
CA ASN C 262 27.69 14.86 6.78
C ASN C 262 26.24 14.79 7.30
N GLN C 263 25.94 15.59 8.32
CA GLN C 263 24.59 15.64 8.90
C GLN C 263 23.60 16.29 7.94
N ILE C 264 24.04 17.33 7.23
CA ILE C 264 23.20 18.03 6.27
C ILE C 264 22.90 17.15 5.05
N ASN C 265 23.89 16.39 4.60
CA ASN C 265 23.70 15.44 3.49
C ASN C 265 22.65 14.39 3.81
N LYS C 266 22.65 13.90 5.05
CA LYS C 266 21.62 12.97 5.52
C LYS C 266 20.23 13.61 5.52
N ASP C 267 20.14 14.85 6.00
CA ASP C 267 18.86 15.58 6.03
C ASP C 267 18.37 15.93 4.63
N CYS C 268 19.27 16.34 3.74
CA CYS C 268 18.90 16.70 2.37
C CYS C 268 18.41 15.50 1.55
N ASP C 269 18.99 14.33 1.79
CA ASP C 269 18.53 13.11 1.14
C ASP C 269 17.12 12.75 1.59
N ASP C 270 16.83 12.95 2.88
CA ASP C 270 15.50 12.69 3.43
C ASP C 270 14.45 13.65 2.87
N LEU C 271 14.80 14.92 2.78
CA LEU C 271 13.89 15.93 2.22
C LEU C 271 13.61 15.67 0.74
N LYS C 272 14.61 15.17 0.02
CA LYS C 272 14.44 14.79 -1.39
C LYS C 272 13.48 13.61 -1.54
N ILE C 273 13.52 12.68 -0.59
CA ILE C 273 12.57 11.56 -0.55
C ILE C 273 11.16 12.08 -0.24
N GLN C 274 11.06 13.00 0.72
CA GLN C 274 9.78 13.64 1.03
C GLN C 274 9.24 14.42 -0.16
N LEU C 275 10.12 15.13 -0.85
CA LEU C 275 9.75 15.89 -2.04
C LEU C 275 9.27 14.96 -3.15
N LYS C 276 9.87 13.77 -3.23
CA LYS C 276 9.46 12.76 -4.20
C LYS C 276 8.05 12.27 -3.89
N GLY C 277 7.73 12.17 -2.59
CA GLY C 277 6.40 11.76 -2.15
C GLY C 277 5.30 12.77 -2.48
N VAL C 278 5.52 14.04 -2.11
CA VAL C 278 4.51 15.08 -2.32
C VAL C 278 4.23 15.32 -3.80
N GLU C 279 5.27 15.26 -4.64
CA GLU C 279 5.10 15.48 -6.07
C GLU C 279 4.35 14.34 -6.75
N GLN C 280 4.46 13.13 -6.21
CA GLN C 280 3.69 11.99 -6.70
C GLN C 280 2.22 12.14 -6.29
N ARG C 281 1.98 12.65 -5.08
CA ARG C 281 0.62 12.89 -4.60
C ARG C 281 -0.01 14.12 -5.26
N ILE C 282 0.81 15.13 -5.57
CA ILE C 282 0.34 16.29 -6.33
C ILE C 282 -0.03 15.87 -7.75
N ALA C 283 0.83 15.07 -8.37
CA ALA C 283 0.56 14.51 -9.69
C ALA C 283 -0.68 13.60 -9.67
N GLY C 284 -0.88 12.90 -8.56
CA GLY C 284 -2.08 12.08 -8.36
C GLY C 284 -3.35 12.90 -8.33
N ILE C 285 -3.32 14.01 -7.59
CA ILE C 285 -4.47 14.92 -7.50
C ILE C 285 -4.77 15.57 -8.85
N GLU C 286 -3.73 15.83 -9.64
CA GLU C 286 -3.89 16.38 -10.99
C GLU C 286 -4.64 15.41 -11.92
N ASP C 287 -4.41 14.11 -11.74
CA ASP C 287 -5.10 13.09 -12.52
C ASP C 287 -6.58 12.98 -12.13
N VAL C 288 -6.89 13.20 -10.85
CA VAL C 288 -8.28 13.17 -10.39
C VAL C 288 -9.04 14.37 -10.93
N HIS C 289 -8.40 15.54 -10.94
CA HIS C 289 -8.96 16.73 -11.59
C HIS C 289 -9.20 16.48 -13.08
N GLN C 290 -8.25 15.80 -13.72
CA GLN C 290 -8.36 15.48 -15.15
C GLN C 290 -9.52 14.53 -15.42
N ILE C 291 -9.71 13.55 -14.53
CA ILE C 291 -10.83 12.61 -14.64
C ILE C 291 -12.17 13.33 -14.64
N ASP C 292 -12.28 14.39 -13.83
CA ASP C 292 -13.48 15.22 -13.81
C ASP C 292 -13.70 15.94 -15.14
N LYS C 293 -12.61 16.48 -15.70
CA LYS C 293 -12.67 17.15 -17.01
C LYS C 293 -13.03 16.17 -18.12
N GLU C 294 -12.49 14.95 -18.03
CA GLU C 294 -12.81 13.89 -19.00
C GLU C 294 -14.24 13.42 -18.82
N ARG C 295 -14.70 13.31 -17.57
CA ARG C 295 -16.09 12.95 -17.28
C ARG C 295 -17.06 13.98 -17.83
N THR C 296 -16.74 15.26 -17.63
CA THR C 296 -17.58 16.36 -18.15
C THR C 296 -17.69 16.25 -19.68
N THR C 297 -16.57 15.96 -20.34
CA THR C 297 -16.52 15.83 -21.80
C THR C 297 -17.43 14.70 -22.30
N LEU C 298 -17.31 13.52 -21.71
CA LEU C 298 -18.10 12.36 -22.14
C LEU C 298 -19.59 12.55 -21.84
N LEU C 299 -19.88 13.21 -20.72
CA LEU C 299 -21.27 13.47 -20.33
C LEU C 299 -21.99 14.48 -21.24
N LEU C 300 -21.25 15.40 -21.84
CA LEU C 300 -21.81 16.31 -22.84
C LEU C 300 -22.36 15.52 -24.02
N GLN C 301 -21.56 14.58 -24.51
CA GLN C 301 -21.97 13.71 -25.61
C GLN C 301 -23.09 12.77 -25.17
N ALA C 302 -22.98 12.28 -23.94
CA ALA C 302 -23.98 11.34 -23.37
C ALA C 302 -25.37 11.96 -23.34
N ALA C 303 -25.47 13.21 -22.89
CA ALA C 303 -26.74 13.93 -22.84
C ALA C 303 -27.34 14.12 -24.23
N LYS C 304 -26.49 14.42 -25.22
CA LYS C 304 -26.93 14.60 -26.60
C LYS C 304 -27.49 13.32 -27.19
N LEU C 305 -26.92 12.17 -26.82
CA LEU C 305 -27.44 10.88 -27.25
C LEU C 305 -28.85 10.64 -26.68
N GLU C 306 -28.99 10.82 -25.37
CA GLU C 306 -30.29 10.72 -24.70
C GLU C 306 -31.30 11.71 -25.29
N GLN C 307 -30.85 12.94 -25.49
CA GLN C 307 -31.66 13.99 -26.10
C GLN C 307 -32.15 13.57 -27.49
N ALA C 308 -31.25 13.01 -28.28
CA ALA C 308 -31.58 12.59 -29.65
C ALA C 308 -32.68 11.53 -29.69
N TRP C 309 -32.60 10.54 -28.81
CA TRP C 309 -33.56 9.43 -28.81
C TRP C 309 -34.95 9.89 -28.37
N ASN C 310 -35.01 10.80 -27.40
CA ASN C 310 -36.29 11.37 -26.95
C ASN C 310 -36.92 12.29 -28.00
N ILE C 311 -36.08 13.00 -28.76
CA ILE C 311 -36.54 13.82 -29.88
C ILE C 311 -37.13 12.92 -30.98
N PHE C 312 -36.40 11.86 -31.32
CA PHE C 312 -36.85 10.88 -32.31
C PHE C 312 -38.22 10.30 -31.92
N ALA C 313 -38.36 9.95 -30.64
CA ALA C 313 -39.60 9.38 -30.13
C ALA C 313 -40.77 10.35 -30.25
N LYS C 314 -40.55 11.60 -29.83
CA LYS C 314 -41.58 12.62 -29.90
C LYS C 314 -41.92 12.99 -31.35
N GLN C 315 -40.92 12.96 -32.22
CA GLN C 315 -41.11 13.23 -33.65
C GLN C 315 -42.05 12.20 -34.27
N LEU C 316 -41.85 10.93 -33.92
CA LEU C 316 -42.73 9.84 -34.41
C LEU C 316 -44.07 9.80 -33.67
N GLN C 317 -44.08 10.27 -32.42
CA GLN C 317 -45.32 10.38 -31.64
C GLN C 317 -46.27 11.38 -32.30
N ASN C 318 -45.73 12.53 -32.72
CA ASN C 318 -46.52 13.57 -33.39
C ASN C 318 -47.10 13.11 -34.72
N THR C 319 -46.35 12.27 -35.43
CA THR C 319 -46.79 11.74 -36.73
C THR C 319 -48.05 10.87 -36.61
N ILE C 320 -48.16 10.14 -35.51
CA ILE C 320 -49.30 9.23 -35.29
C ILE C 320 -50.36 9.77 -34.34
N ASP C 321 -50.15 10.96 -33.80
CA ASP C 321 -51.15 11.60 -32.92
C ASP C 321 -52.41 11.95 -33.70
N GLY C 322 -52.26 12.86 -34.67
CA GLY C 322 -53.38 13.27 -35.51
C GLY C 322 -53.60 12.30 -36.67
N LYS C 323 -53.79 12.84 -37.87
CA LYS C 323 -54.00 12.02 -39.06
C LYS C 323 -52.67 11.51 -39.59
N ILE C 324 -52.69 10.29 -40.15
CA ILE C 324 -51.47 9.66 -40.65
C ILE C 324 -51.09 10.20 -42.02
N ASP C 325 -50.11 11.11 -42.04
CA ASP C 325 -49.46 11.52 -43.28
C ASP C 325 -48.40 10.46 -43.60
N GLN C 326 -48.84 9.40 -44.27
CA GLN C 326 -48.01 8.20 -44.47
C GLN C 326 -46.72 8.44 -45.26
N GLN C 327 -46.73 9.45 -46.13
CA GLN C 327 -45.55 9.80 -46.93
C GLN C 327 -44.56 10.64 -46.13
N ASP C 328 -45.07 11.44 -45.19
CA ASP C 328 -44.23 12.22 -44.29
C ASP C 328 -43.48 11.32 -43.29
N LEU C 329 -44.14 10.26 -42.86
CA LEU C 329 -43.56 9.29 -41.91
C LEU C 329 -42.27 8.65 -42.44
N THR C 330 -42.25 8.32 -43.73
CA THR C 330 -41.06 7.76 -44.37
C THR C 330 -39.88 8.73 -44.37
N LYS C 331 -40.15 10.03 -44.42
CA LYS C 331 -39.11 11.05 -44.37
C LYS C 331 -38.48 11.13 -42.98
N ILE C 332 -39.31 10.95 -41.93
CA ILE C 332 -38.83 10.96 -40.55
C ILE C 332 -37.94 9.75 -40.31
N ILE C 333 -38.39 8.59 -40.75
CA ILE C 333 -37.65 7.33 -40.59
C ILE C 333 -36.29 7.42 -41.29
N HIS C 334 -36.27 7.99 -42.50
CA HIS C 334 -35.02 8.16 -43.25
C HIS C 334 -34.07 9.15 -42.59
N LYS C 335 -34.60 10.28 -42.12
CA LYS C 335 -33.77 11.30 -41.48
C LYS C 335 -33.17 10.79 -40.17
N GLN C 336 -33.90 9.94 -39.47
CA GLN C 336 -33.42 9.32 -38.23
C GLN C 336 -32.37 8.25 -38.50
N LEU C 337 -32.55 7.48 -39.56
CA LEU C 337 -31.56 6.46 -39.96
C LEU C 337 -30.28 7.11 -40.48
N ASP C 338 -30.40 8.22 -41.19
CA ASP C 338 -29.24 8.99 -41.64
C ASP C 338 -28.39 9.46 -40.45
N PHE C 339 -29.06 9.80 -39.36
CA PHE C 339 -28.40 10.19 -38.11
C PHE C 339 -27.68 9.00 -37.48
N LEU C 340 -28.37 7.86 -37.42
CA LEU C 340 -27.78 6.63 -36.89
C LEU C 340 -26.62 6.14 -37.74
N ASP C 341 -26.77 6.23 -39.06
CA ASP C 341 -25.70 5.86 -39.99
C ASP C 341 -24.44 6.70 -39.78
N ASP C 342 -24.62 7.98 -39.45
CA ASP C 342 -23.50 8.87 -39.18
C ASP C 342 -22.75 8.43 -37.92
N LEU C 343 -23.49 8.10 -36.87
CA LEU C 343 -22.90 7.60 -35.63
C LEU C 343 -22.20 6.27 -35.87
N ALA C 344 -22.80 5.41 -36.69
CA ALA C 344 -22.21 4.13 -37.05
C ALA C 344 -20.91 4.30 -37.84
N LEU C 345 -20.90 5.30 -38.73
CA LEU C 345 -19.70 5.63 -39.51
C LEU C 345 -18.56 6.14 -38.63
N GLN C 346 -18.91 6.92 -37.61
CA GLN C 346 -17.91 7.41 -36.66
C GLN C 346 -17.24 6.26 -35.92
N TYR C 347 -18.06 5.35 -35.38
CA TYR C 347 -17.55 4.16 -34.69
C TYR C 347 -16.68 3.30 -35.58
N HIS C 348 -17.02 3.23 -36.87
CA HIS C 348 -16.28 2.41 -37.85
C HIS C 348 -14.88 2.96 -38.11
N SER C 349 -14.79 4.27 -38.33
CA SER C 349 -13.52 4.92 -38.66
C SER C 349 -12.98 5.70 -37.46
N MET C 350 -12.82 5.00 -36.33
CA MET C 350 -12.32 5.61 -35.10
C MET C 350 -10.96 5.03 -34.74
N LEU C 351 -10.07 5.91 -34.25
CA LEU C 351 -8.77 5.49 -33.72
C LEU C 351 -8.51 6.20 -32.39
N LEU C 352 -8.50 5.43 -31.30
CA LEU C 352 -8.25 5.97 -29.97
C LEU C 352 -6.76 5.95 -29.65
N SER C 353 -6.34 6.84 -28.77
CA SER C 353 -4.95 6.96 -28.36
C SER C 353 -4.82 6.86 -26.84
N VAL D 12 -48.52 -24.31 -12.76
CA VAL D 12 -47.59 -23.16 -12.57
C VAL D 12 -47.22 -23.02 -11.09
N VAL D 13 -45.93 -22.79 -10.83
CA VAL D 13 -45.42 -22.69 -9.46
C VAL D 13 -44.35 -21.59 -9.38
N TYR D 14 -44.51 -20.67 -8.44
CA TYR D 14 -43.57 -19.56 -8.28
C TYR D 14 -42.36 -19.99 -7.43
N PRO D 15 -41.18 -19.40 -7.69
CA PRO D 15 -40.00 -19.76 -6.91
C PRO D 15 -40.05 -19.28 -5.46
N GLU D 16 -39.36 -19.99 -4.57
CA GLU D 16 -39.23 -19.58 -3.17
C GLU D 16 -38.02 -18.67 -3.03
N ILE D 17 -38.27 -17.37 -2.85
CA ILE D 17 -37.21 -16.36 -2.80
C ILE D 17 -37.04 -15.84 -1.37
N ASN D 18 -35.78 -15.64 -0.98
CA ASN D 18 -35.44 -15.01 0.29
C ASN D 18 -34.58 -13.77 0.04
N VAL D 19 -35.23 -12.61 0.00
CA VAL D 19 -34.53 -11.35 -0.27
C VAL D 19 -33.59 -10.92 0.87
N LYS D 20 -33.81 -11.44 2.07
CA LYS D 20 -32.90 -11.20 3.20
C LYS D 20 -31.54 -11.82 2.91
N THR D 21 -31.56 -13.07 2.44
CA THR D 21 -30.33 -13.78 2.08
C THR D 21 -29.56 -13.04 0.96
N LEU D 22 -30.30 -12.42 0.05
CA LEU D 22 -29.70 -11.63 -1.03
C LEU D 22 -29.05 -10.35 -0.48
N SER D 23 -29.84 -9.55 0.24
CA SER D 23 -29.35 -8.29 0.79
C SER D 23 -28.21 -8.48 1.80
N GLN D 24 -28.26 -9.57 2.56
CA GLN D 24 -27.21 -9.88 3.52
C GLN D 24 -25.91 -10.24 2.81
N ALA D 25 -26.02 -10.95 1.70
CA ALA D 25 -24.85 -11.35 0.92
C ALA D 25 -24.19 -10.14 0.24
N VAL D 26 -25.01 -9.20 -0.22
CA VAL D 26 -24.51 -7.96 -0.80
C VAL D 26 -23.82 -7.10 0.26
N LYS D 27 -24.38 -7.13 1.47
CA LYS D 27 -23.79 -6.45 2.64
C LYS D 27 -22.43 -7.06 3.00
N ASN D 28 -22.35 -8.39 2.99
CA ASN D 28 -21.10 -9.10 3.32
C ASN D 28 -19.99 -8.86 2.29
N ILE D 29 -20.36 -8.85 1.01
CA ILE D 29 -19.39 -8.59 -0.05
C ILE D 29 -18.78 -7.18 0.11
N TRP D 30 -19.59 -6.21 0.52
CA TRP D 30 -19.09 -4.86 0.79
C TRP D 30 -18.11 -4.87 1.97
N ARG D 31 -18.44 -5.60 3.02
CA ARG D 31 -17.59 -5.72 4.20
C ARG D 31 -16.29 -6.44 3.86
N LEU D 32 -16.39 -7.59 3.21
CA LEU D 32 -15.23 -8.41 2.87
C LEU D 32 -14.29 -7.70 1.90
N SER D 33 -14.85 -7.06 0.88
CA SER D 33 -14.05 -6.41 -0.17
C SER D 33 -13.27 -5.19 0.32
N HIS D 34 -13.72 -4.57 1.40
CA HIS D 34 -13.04 -3.39 1.95
C HIS D 34 -12.08 -3.71 3.11
N GLN D 35 -12.18 -4.91 3.67
CA GLN D 35 -11.24 -5.37 4.70
C GLN D 35 -10.13 -6.25 4.11
N GLN D 36 -10.42 -6.91 3.00
CA GLN D 36 -9.50 -7.86 2.36
C GLN D 36 -8.17 -7.20 1.96
N LYS D 37 -7.06 -7.84 2.34
CA LYS D 37 -5.72 -7.38 2.01
C LYS D 37 -4.85 -8.56 1.57
N SER D 38 -5.23 -9.17 0.45
CA SER D 38 -4.50 -10.32 -0.11
C SER D 38 -3.16 -9.94 -0.72
N GLY D 39 -3.01 -8.66 -1.08
CA GLY D 39 -1.76 -8.15 -1.65
C GLY D 39 -1.57 -8.58 -3.09
N ILE D 40 -2.64 -8.54 -3.88
CA ILE D 40 -2.59 -8.92 -5.29
C ILE D 40 -2.89 -7.72 -6.22
N GLU D 41 -3.70 -6.77 -5.74
CA GLU D 41 -3.99 -5.51 -6.46
C GLU D 41 -5.12 -5.64 -7.48
N ILE D 42 -4.98 -6.58 -8.41
CA ILE D 42 -6.01 -6.82 -9.42
C ILE D 42 -7.25 -7.47 -8.77
N ILE D 43 -7.01 -8.26 -7.73
CA ILE D 43 -8.10 -8.87 -6.96
C ILE D 43 -8.80 -7.81 -6.11
N GLN D 44 -8.02 -6.91 -5.52
CA GLN D 44 -8.57 -5.75 -4.79
C GLN D 44 -9.52 -4.96 -5.67
N GLU D 45 -9.08 -4.67 -6.90
CA GLU D 45 -9.90 -3.94 -7.86
C GLU D 45 -11.13 -4.75 -8.27
N LYS D 46 -10.91 -6.04 -8.58
CA LYS D 46 -11.99 -6.91 -9.03
C LYS D 46 -13.05 -7.18 -7.96
N THR D 47 -12.62 -7.30 -6.70
CA THR D 47 -13.57 -7.48 -5.59
C THR D 47 -14.42 -6.23 -5.37
N LEU D 48 -13.83 -5.06 -5.57
CA LEU D 48 -14.56 -3.79 -5.48
C LEU D 48 -15.61 -3.66 -6.59
N ARG D 49 -15.30 -4.18 -7.78
CA ARG D 49 -16.28 -4.24 -8.88
C ARG D 49 -17.48 -5.08 -8.48
N ILE D 50 -17.22 -6.21 -7.84
CA ILE D 50 -18.26 -7.15 -7.43
C ILE D 50 -19.20 -6.52 -6.40
N SER D 51 -18.62 -5.82 -5.42
CA SER D 51 -19.43 -5.11 -4.43
C SER D 51 -20.25 -4.00 -5.08
N LEU D 52 -19.65 -3.33 -6.07
CA LEU D 52 -20.30 -2.22 -6.79
C LEU D 52 -21.55 -2.72 -7.52
N TYR D 53 -21.39 -3.76 -8.33
CA TYR D 53 -22.49 -4.34 -9.10
C TYR D 53 -23.45 -5.13 -8.21
N SER D 54 -22.95 -5.72 -7.14
CA SER D 54 -23.80 -6.40 -6.15
C SER D 54 -24.76 -5.40 -5.50
N ARG D 55 -24.25 -4.21 -5.19
CA ARG D 55 -25.06 -3.15 -4.61
C ARG D 55 -26.11 -2.65 -5.62
N ASP D 56 -25.72 -2.56 -6.88
CA ASP D 56 -26.66 -2.19 -7.96
C ASP D 56 -27.73 -3.26 -8.16
N LEU D 57 -27.36 -4.53 -7.98
CA LEU D 57 -28.30 -5.64 -8.10
C LEU D 57 -29.31 -5.60 -6.96
N ASP D 58 -28.84 -5.35 -5.74
CA ASP D 58 -29.70 -5.20 -4.57
C ASP D 58 -30.69 -4.04 -4.76
N GLU D 59 -30.18 -2.91 -5.27
CA GLU D 59 -31.00 -1.73 -5.54
C GLU D 59 -32.08 -1.99 -6.58
N ALA D 60 -31.73 -2.77 -7.61
CA ALA D 60 -32.68 -3.12 -8.67
C ALA D 60 -33.80 -4.02 -8.14
N ALA D 61 -33.42 -5.02 -7.34
CA ALA D 61 -34.39 -5.93 -6.75
C ALA D 61 -35.37 -5.19 -5.83
N ARG D 62 -34.84 -4.29 -5.00
CA ARG D 62 -35.67 -3.48 -4.10
C ARG D 62 -36.64 -2.58 -4.86
N ALA D 63 -36.19 -2.05 -5.99
CA ALA D 63 -37.02 -1.15 -6.82
C ALA D 63 -38.09 -1.91 -7.59
N SER D 64 -37.78 -3.15 -7.99
CA SER D 64 -38.69 -3.96 -8.80
C SER D 64 -40.01 -4.28 -8.11
N VAL D 65 -39.97 -4.49 -6.79
CA VAL D 65 -41.15 -4.92 -6.03
C VAL D 65 -42.26 -3.84 -6.02
N PRO D 66 -41.98 -2.62 -5.52
CA PRO D 66 -43.01 -1.58 -5.53
C PRO D 66 -43.39 -1.10 -6.93
N GLN D 67 -42.45 -1.16 -7.87
CA GLN D 67 -42.72 -0.80 -9.27
C GLN D 67 -43.77 -1.75 -9.88
N LEU D 68 -43.51 -3.05 -9.77
CA LEU D 68 -44.43 -4.06 -10.30
C LEU D 68 -45.75 -4.10 -9.54
N GLN D 69 -45.72 -3.80 -8.24
CA GLN D 69 -46.95 -3.73 -7.44
C GLN D 69 -47.86 -2.62 -7.95
N THR D 70 -47.30 -1.45 -8.18
CA THR D 70 -48.05 -0.31 -8.74
C THR D 70 -48.66 -0.64 -10.10
N VAL D 71 -47.86 -1.25 -10.97
CA VAL D 71 -48.30 -1.58 -12.33
C VAL D 71 -49.43 -2.62 -12.36
N LEU D 72 -49.30 -3.66 -11.54
CA LEU D 72 -50.33 -4.71 -11.45
C LEU D 72 -51.63 -4.21 -10.81
N ARG D 73 -51.52 -3.29 -9.86
CA ARG D 73 -52.69 -2.79 -9.11
C ARG D 73 -53.53 -1.76 -9.87
N GLN D 74 -53.15 -1.45 -11.11
CA GLN D 74 -53.97 -0.60 -11.98
C GLN D 74 -54.96 -1.42 -12.83
N LEU D 75 -55.01 -2.74 -12.62
CA LEU D 75 -55.94 -3.62 -13.33
C LEU D 75 -57.21 -3.99 -12.56
N PRO D 76 -57.08 -4.40 -11.28
CA PRO D 76 -58.30 -4.76 -10.52
C PRO D 76 -59.35 -3.64 -10.37
N PRO D 77 -58.91 -2.37 -10.23
CA PRO D 77 -59.89 -1.26 -10.22
C PRO D 77 -60.55 -0.95 -11.57
N GLN D 78 -60.15 -1.63 -12.65
CA GLN D 78 -60.75 -1.40 -13.96
C GLN D 78 -62.21 -1.87 -14.00
N ASP D 79 -63.01 -1.19 -14.82
CA ASP D 79 -64.43 -1.51 -14.94
C ASP D 79 -64.68 -2.83 -15.67
N TYR D 80 -63.83 -3.16 -16.65
CA TYR D 80 -64.00 -4.37 -17.45
C TYR D 80 -63.82 -5.69 -16.67
N PHE D 81 -63.53 -5.60 -15.38
CA PHE D 81 -63.53 -6.77 -14.51
C PHE D 81 -64.95 -7.30 -14.27
N LEU D 82 -65.87 -6.39 -13.95
CA LEU D 82 -67.27 -6.76 -13.71
C LEU D 82 -68.28 -6.20 -14.72
N THR D 83 -67.89 -5.17 -15.48
CA THR D 83 -68.76 -4.65 -16.54
C THR D 83 -68.67 -5.48 -17.82
N LEU D 84 -67.80 -6.50 -17.83
CA LEU D 84 -67.84 -7.56 -18.85
C LEU D 84 -68.69 -8.74 -18.37
N THR D 85 -68.60 -9.04 -17.07
CA THR D 85 -69.35 -10.14 -16.46
C THR D 85 -70.86 -10.02 -16.71
N GLU D 86 -71.38 -8.81 -16.60
CA GLU D 86 -72.82 -8.56 -16.80
C GLU D 86 -73.21 -8.35 -18.26
N ILE D 87 -72.21 -8.19 -19.13
CA ILE D 87 -72.42 -8.20 -20.58
C ILE D 87 -72.55 -9.65 -21.08
N ASP D 88 -71.85 -10.56 -20.41
CA ASP D 88 -71.91 -11.99 -20.75
C ASP D 88 -73.24 -12.61 -20.35
N GLU D 99 -83.59 -11.67 -28.94
CA GLU D 99 -83.70 -10.22 -29.03
C GLU D 99 -82.40 -9.61 -29.54
N THR D 100 -82.49 -8.42 -30.12
CA THR D 100 -81.32 -7.70 -30.62
C THR D 100 -80.45 -7.23 -29.45
N ARG D 101 -79.63 -8.14 -28.95
CA ARG D 101 -78.59 -7.82 -27.97
C ARG D 101 -77.26 -7.75 -28.70
N ASN D 102 -77.30 -7.22 -29.92
CA ASN D 102 -76.13 -7.15 -30.80
C ASN D 102 -75.14 -6.08 -30.35
N THR D 103 -75.66 -5.05 -29.67
CA THR D 103 -74.82 -3.97 -29.15
C THR D 103 -73.90 -4.45 -28.03
N LEU D 104 -74.30 -5.53 -27.34
CA LEU D 104 -73.45 -6.16 -26.33
C LEU D 104 -72.17 -6.76 -26.93
N LEU D 105 -72.22 -7.12 -28.21
CA LEU D 105 -71.06 -7.63 -28.93
C LEU D 105 -70.03 -6.52 -29.17
N GLU D 106 -70.52 -5.32 -29.50
CA GLU D 106 -69.64 -4.16 -29.74
C GLU D 106 -68.99 -3.66 -28.44
N ALA D 107 -69.72 -3.77 -27.34
CA ALA D 107 -69.20 -3.41 -26.02
C ALA D 107 -68.11 -4.38 -25.57
N ARG D 108 -68.29 -5.66 -25.89
CA ARG D 108 -67.34 -6.71 -25.52
C ARG D 108 -66.03 -6.59 -26.32
N SER D 109 -66.13 -6.22 -27.60
CA SER D 109 -64.96 -6.07 -28.46
C SER D 109 -64.08 -4.89 -28.07
N GLU D 110 -64.67 -3.88 -27.45
CA GLU D 110 -63.92 -2.70 -26.97
C GLU D 110 -63.28 -3.00 -25.62
N HIS D 111 -64.07 -3.52 -24.69
CA HIS D 111 -63.58 -3.93 -23.36
C HIS D 111 -62.38 -4.87 -23.46
N ILE D 112 -62.45 -5.83 -24.37
CA ILE D 112 -61.39 -6.82 -24.55
C ILE D 112 -60.15 -6.20 -25.21
N ARG D 113 -60.34 -5.29 -26.15
CA ARG D 113 -59.22 -4.61 -26.81
C ARG D 113 -58.45 -3.71 -25.83
N ASN D 114 -59.16 -3.14 -24.86
CA ASN D 114 -58.52 -2.41 -23.76
C ASN D 114 -57.79 -3.34 -22.80
N LEU D 115 -58.43 -4.47 -22.48
CA LEU D 115 -57.86 -5.47 -21.57
C LEU D 115 -56.55 -6.03 -22.12
N LYS D 116 -56.55 -6.42 -23.39
CA LYS D 116 -55.32 -6.89 -24.05
C LYS D 116 -54.21 -5.84 -24.00
N LYS D 117 -54.59 -4.58 -24.20
CA LYS D 117 -53.62 -3.48 -24.23
C LYS D 117 -53.02 -3.17 -22.86
N ASP D 118 -53.85 -3.23 -21.82
CA ASP D 118 -53.40 -3.02 -20.45
C ASP D 118 -52.56 -4.20 -19.92
N VAL D 119 -52.93 -5.42 -20.30
CA VAL D 119 -52.18 -6.61 -19.92
C VAL D 119 -50.82 -6.63 -20.65
N LYS D 120 -50.83 -6.27 -21.93
CA LYS D 120 -49.58 -6.12 -22.68
C LYS D 120 -48.69 -5.04 -22.05
N GLY D 121 -49.32 -4.04 -21.44
CA GLY D 121 -48.62 -3.00 -20.69
C GLY D 121 -47.85 -3.52 -19.49
N VAL D 122 -48.46 -4.40 -18.70
CA VAL D 122 -47.80 -4.96 -17.52
C VAL D 122 -46.84 -6.08 -17.89
N ILE D 123 -47.11 -6.77 -19.00
CA ILE D 123 -46.19 -7.78 -19.54
C ILE D 123 -44.85 -7.13 -19.90
N ARG D 124 -44.90 -5.96 -20.52
CA ARG D 124 -43.69 -5.21 -20.87
C ARG D 124 -42.92 -4.77 -19.62
N SER D 125 -43.64 -4.41 -18.56
CA SER D 125 -43.03 -4.03 -17.28
C SER D 125 -42.37 -5.23 -16.60
N LEU D 126 -43.03 -6.38 -16.64
CA LEU D 126 -42.47 -7.62 -16.10
C LEU D 126 -41.24 -8.05 -16.88
N ARG D 127 -41.31 -7.93 -18.21
CA ARG D 127 -40.17 -8.23 -19.08
C ARG D 127 -39.01 -7.26 -18.84
N LYS D 128 -39.32 -6.01 -18.52
CA LYS D 128 -38.29 -5.01 -18.23
C LYS D 128 -37.51 -5.36 -16.96
N GLU D 129 -38.23 -5.74 -15.91
CA GLU D 129 -37.60 -6.09 -14.63
C GLU D 129 -36.78 -7.37 -14.73
N ALA D 130 -37.22 -8.30 -15.59
CA ALA D 130 -36.48 -9.53 -15.84
C ALA D 130 -35.18 -9.24 -16.58
N ASN D 131 -35.28 -8.45 -17.66
CA ASN D 131 -34.11 -8.09 -18.47
C ASN D 131 -33.13 -7.21 -17.71
N LEU D 132 -33.64 -6.34 -16.85
CA LEU D 132 -32.79 -5.51 -15.99
C LEU D 132 -32.02 -6.37 -15.00
N MET D 133 -32.72 -7.31 -14.37
CA MET D 133 -32.10 -8.23 -13.41
C MET D 133 -31.10 -9.17 -14.10
N ALA D 134 -31.38 -9.53 -15.34
CA ALA D 134 -30.47 -10.34 -16.14
C ALA D 134 -29.14 -9.62 -16.36
N SER D 135 -29.22 -8.32 -16.65
CA SER D 135 -28.04 -7.48 -16.84
C SER D 135 -27.25 -7.32 -15.54
N ARG D 136 -27.97 -7.18 -14.43
CA ARG D 136 -27.35 -7.06 -13.12
C ARG D 136 -26.63 -8.35 -12.73
N ILE D 137 -27.27 -9.49 -12.98
CA ILE D 137 -26.66 -10.79 -12.75
C ILE D 137 -25.45 -10.98 -13.67
N ALA D 138 -25.57 -10.57 -14.92
CA ALA D 138 -24.47 -10.64 -15.88
C ALA D 138 -23.26 -9.86 -15.39
N ASP D 139 -23.49 -8.66 -14.87
CA ASP D 139 -22.40 -7.78 -14.42
C ASP D 139 -21.62 -8.33 -13.22
N VAL D 140 -22.31 -8.92 -12.26
CA VAL D 140 -21.65 -9.44 -11.04
C VAL D 140 -20.96 -10.78 -11.29
N SER D 141 -21.56 -11.64 -12.11
CA SER D 141 -21.03 -12.99 -12.35
C SER D 141 -19.84 -13.00 -13.33
N ASN D 142 -19.78 -12.02 -14.22
CA ASN D 142 -18.70 -11.94 -15.22
C ASN D 142 -17.33 -11.54 -14.66
N VAL D 143 -17.29 -11.05 -13.43
CA VAL D 143 -16.02 -10.66 -12.80
C VAL D 143 -15.30 -11.92 -12.30
N VAL D 144 -14.19 -12.27 -12.96
CA VAL D 144 -13.45 -13.50 -12.65
C VAL D 144 -12.38 -13.25 -11.58
N ILE D 145 -12.49 -13.96 -10.46
CA ILE D 145 -11.54 -13.80 -9.34
C ILE D 145 -10.82 -15.08 -8.90
N LEU D 146 -11.42 -16.24 -9.16
CA LEU D 146 -10.89 -17.51 -8.65
C LEU D 146 -9.67 -18.06 -9.41
N GLU D 147 -9.40 -17.53 -10.61
CA GLU D 147 -8.29 -18.05 -11.42
C GLU D 147 -6.94 -17.91 -10.72
N ARG D 148 -6.14 -18.97 -10.80
CA ARG D 148 -4.87 -19.11 -10.08
C ARG D 148 -4.86 -18.48 -8.67
N LEU D 149 -5.97 -18.62 -7.95
CA LEU D 149 -6.07 -18.14 -6.57
C LEU D 149 -5.84 -19.31 -5.60
N GLU D 150 -6.22 -20.52 -6.03
CA GLU D 150 -5.87 -21.74 -5.30
C GLU D 150 -4.35 -21.94 -5.28
N SER D 151 -3.69 -21.58 -6.38
CA SER D 151 -2.23 -21.68 -6.47
C SER D 151 -1.54 -20.59 -5.66
N SER D 152 -2.18 -19.43 -5.56
CA SER D 152 -1.66 -18.33 -4.72
C SER D 152 -1.78 -18.68 -3.24
N LEU D 153 -2.88 -19.32 -2.86
CA LEU D 153 -3.06 -19.81 -1.49
C LEU D 153 -2.06 -20.92 -1.19
N LYS D 154 -1.88 -21.83 -2.16
CA LYS D 154 -0.88 -22.90 -2.05
C LYS D 154 0.52 -22.33 -1.84
N GLU D 155 0.83 -21.25 -2.55
CA GLU D 155 2.13 -20.58 -2.45
C GLU D 155 2.35 -20.00 -1.06
N GLU D 156 1.33 -19.33 -0.52
CA GLU D 156 1.42 -18.71 0.80
C GLU D 156 1.37 -19.75 1.93
N GLN D 157 0.64 -20.84 1.72
CA GLN D 157 0.62 -21.94 2.69
C GLN D 157 1.98 -22.65 2.76
N GLU D 158 2.69 -22.71 1.64
CA GLU D 158 4.05 -23.24 1.61
C GLU D 158 5.04 -22.29 2.28
N ARG D 159 4.87 -20.99 2.05
CA ARG D 159 5.75 -19.98 2.64
C ARG D 159 5.52 -19.89 4.16
N LYS D 160 4.25 -19.99 4.58
CA LYS D 160 3.92 -20.04 6.00
C LYS D 160 4.53 -21.26 6.68
N ALA D 161 4.52 -22.39 5.97
CA ALA D 161 5.06 -23.64 6.51
C ALA D 161 6.57 -23.55 6.72
N GLU D 162 7.29 -23.10 5.70
CA GLU D 162 8.75 -23.02 5.78
C GLU D 162 9.26 -21.92 6.71
N ILE D 163 8.45 -20.88 6.92
CA ILE D 163 8.76 -19.84 7.90
C ILE D 163 8.62 -20.39 9.33
N GLN D 164 7.51 -21.08 9.59
CA GLN D 164 7.25 -21.67 10.90
C GLN D 164 8.24 -22.77 11.26
N ALA D 165 8.68 -23.52 10.24
CA ALA D 165 9.71 -24.54 10.43
C ALA D 165 11.06 -23.91 10.74
N ASP D 166 11.34 -22.76 10.11
CA ASP D 166 12.57 -22.01 10.36
C ASP D 166 12.56 -21.44 11.78
N ILE D 167 11.44 -20.85 12.17
CA ILE D 167 11.27 -20.33 13.53
C ILE D 167 11.42 -21.44 14.57
N ALA D 168 10.88 -22.62 14.28
CA ALA D 168 10.98 -23.77 15.17
C ALA D 168 12.43 -24.23 15.36
N GLN D 169 13.20 -24.25 14.30
CA GLN D 169 14.57 -24.65 14.47
C GLN D 169 15.34 -23.56 15.16
N GLN D 170 15.22 -22.36 14.66
CA GLN D 170 15.97 -21.24 15.26
C GLN D 170 15.77 -21.17 16.78
N GLU D 171 14.56 -21.47 17.24
CA GLU D 171 14.24 -21.44 18.67
C GLU D 171 15.00 -22.50 19.46
N LYS D 172 15.14 -23.70 18.90
CA LYS D 172 15.86 -24.79 19.55
C LYS D 172 17.38 -24.66 19.43
N ASN D 173 17.84 -24.01 18.36
CA ASN D 173 19.25 -23.61 18.25
C ASN D 173 19.61 -22.61 19.33
N LYS D 174 18.71 -21.63 19.54
CA LYS D 174 18.91 -20.61 20.58
C LYS D 174 18.94 -21.26 21.96
N ALA D 175 17.95 -22.10 22.25
CA ALA D 175 17.83 -22.76 23.55
C ALA D 175 19.02 -23.67 23.87
N LYS D 176 19.64 -24.22 22.83
CA LYS D 176 20.87 -25.02 22.99
C LYS D 176 22.05 -24.12 23.32
N LEU D 177 22.16 -22.99 22.63
CA LEU D 177 23.21 -22.00 22.91
C LEU D 177 23.03 -21.35 24.28
N VAL D 178 21.77 -21.19 24.71
CA VAL D 178 21.48 -20.58 26.01
C VAL D 178 21.93 -21.47 27.17
N VAL D 179 21.66 -22.78 27.08
CA VAL D 179 22.13 -23.71 28.12
C VAL D 179 23.65 -23.89 28.10
N ASP D 180 24.24 -23.88 26.91
CA ASP D 180 25.70 -23.91 26.77
C ASP D 180 26.34 -22.63 27.31
N ARG D 181 25.67 -21.50 27.09
CA ARG D 181 26.14 -20.22 27.61
C ARG D 181 26.05 -20.16 29.13
N ASN D 182 24.97 -20.70 29.68
CA ASN D 182 24.78 -20.73 31.13
C ASN D 182 25.81 -21.59 31.87
N LYS D 183 26.31 -22.62 31.20
CA LYS D 183 27.35 -23.49 31.76
C LYS D 183 28.70 -22.77 31.84
N ILE D 184 28.98 -21.88 30.88
CA ILE D 184 30.17 -21.05 30.92
C ILE D 184 30.05 -19.99 32.00
N ILE D 185 28.85 -19.40 32.12
CA ILE D 185 28.57 -18.40 33.17
C ILE D 185 28.72 -19.03 34.57
N GLU D 186 28.26 -20.27 34.71
CA GLU D 186 28.37 -20.99 35.99
C GLU D 186 29.82 -21.38 36.30
N SER D 187 30.63 -21.59 35.26
CA SER D 187 32.06 -21.82 35.43
C SER D 187 32.77 -20.53 35.86
N GLN D 188 32.32 -19.40 35.31
CA GLN D 188 32.85 -18.10 35.70
C GLN D 188 32.47 -17.74 37.14
N ASP D 189 31.34 -18.28 37.63
CA ASP D 189 30.90 -18.05 39.00
C ASP D 189 31.82 -18.72 40.02
N VAL D 190 32.13 -19.99 39.81
CA VAL D 190 32.95 -20.75 40.75
C VAL D 190 34.42 -20.34 40.70
N ILE D 191 34.90 -19.91 39.53
CA ILE D 191 36.25 -19.36 39.40
C ILE D 191 36.41 -18.12 40.28
N ARG D 192 35.38 -17.28 40.30
CA ARG D 192 35.39 -16.07 41.12
C ARG D 192 35.07 -16.33 42.58
N GLN D 193 34.09 -17.22 42.83
CA GLN D 193 33.66 -17.52 44.18
C GLN D 193 34.76 -18.19 45.01
N TYR D 194 35.57 -19.03 44.36
CA TYR D 194 36.67 -19.72 45.03
C TYR D 194 38.04 -19.14 44.66
N ASN D 195 38.06 -17.94 44.07
CA ASN D 195 39.29 -17.22 43.75
C ASN D 195 40.37 -18.07 43.07
N LEU D 196 39.94 -18.89 42.10
CA LEU D 196 40.86 -19.77 41.38
C LEU D 196 41.93 -19.00 40.57
N ALA D 197 41.58 -17.79 40.14
CA ALA D 197 42.50 -16.95 39.37
C ALA D 197 43.74 -16.54 40.14
N ASP D 198 43.62 -16.39 41.46
CA ASP D 198 44.77 -16.08 42.33
C ASP D 198 45.75 -17.26 42.43
N MET D 199 45.21 -18.46 42.60
CA MET D 199 46.04 -19.67 42.69
C MET D 199 46.68 -20.02 41.35
N PHE D 200 45.83 -20.28 40.36
CA PHE D 200 46.27 -20.79 39.07
C PHE D 200 46.37 -19.65 38.06
N LYS D 201 47.59 -19.37 37.60
CA LYS D 201 47.87 -18.20 36.78
C LYS D 201 47.45 -18.42 35.34
N ASP D 202 46.64 -17.48 34.82
CA ASP D 202 46.20 -17.46 33.41
C ASP D 202 45.33 -18.65 32.99
N TYR D 203 45.89 -19.86 33.07
CA TYR D 203 45.16 -21.07 32.68
C TYR D 203 44.22 -21.57 33.76
N ILE D 204 43.06 -22.06 33.35
CA ILE D 204 42.06 -22.62 34.26
C ILE D 204 42.58 -23.95 34.80
N PRO D 205 42.43 -24.17 36.12
CA PRO D 205 42.92 -25.44 36.69
C PRO D 205 42.19 -26.66 36.14
N ASN D 206 42.92 -27.76 35.96
CA ASN D 206 42.32 -29.02 35.55
C ASN D 206 41.51 -29.64 36.69
N ILE D 207 40.75 -30.67 36.37
CA ILE D 207 39.83 -31.28 37.33
C ILE D 207 40.57 -32.07 38.43
N SER D 208 41.83 -32.42 38.17
CA SER D 208 42.69 -33.05 39.18
C SER D 208 43.26 -32.05 40.17
N ASP D 209 43.50 -30.82 39.70
CA ASP D 209 44.03 -29.74 40.55
C ASP D 209 43.00 -29.31 41.59
N LEU D 210 41.73 -29.27 41.18
CA LEU D 210 40.63 -28.88 42.06
C LEU D 210 40.42 -29.92 43.18
N ASP D 211 40.76 -31.17 42.91
CA ASP D 211 40.61 -32.25 43.87
C ASP D 211 41.60 -32.12 45.04
N LYS D 212 42.70 -31.41 44.82
CA LYS D 212 43.74 -31.20 45.83
C LYS D 212 43.49 -29.98 46.72
N LEU D 213 42.38 -29.27 46.48
CA LEU D 213 42.05 -28.07 47.26
C LEU D 213 41.38 -28.42 48.59
N ASP D 214 41.58 -27.55 49.59
CA ASP D 214 41.02 -27.73 50.93
C ASP D 214 39.52 -27.40 50.92
N LEU D 215 38.70 -28.39 50.59
CA LEU D 215 37.25 -28.21 50.51
C LEU D 215 36.53 -29.47 50.97
N ALA D 216 35.25 -29.32 51.31
CA ALA D 216 34.41 -30.46 51.66
C ALA D 216 34.27 -31.39 50.46
N ASN D 217 34.21 -32.69 50.71
CA ASN D 217 34.22 -33.69 49.63
C ASN D 217 33.07 -33.56 48.63
N PRO D 218 31.83 -33.33 49.11
CA PRO D 218 30.73 -33.07 48.17
C PRO D 218 30.80 -31.69 47.49
N LYS D 219 31.52 -30.75 48.10
CA LYS D 219 31.75 -29.44 47.50
C LYS D 219 32.68 -29.56 46.29
N LYS D 220 33.74 -30.36 46.43
CA LYS D 220 34.70 -30.62 45.34
C LYS D 220 33.99 -31.04 44.05
N GLU D 221 33.02 -31.95 44.19
CA GLU D 221 32.31 -32.49 43.02
C GLU D 221 31.51 -31.44 42.26
N LEU D 222 31.05 -30.40 42.96
CA LEU D 222 30.33 -29.30 42.32
C LEU D 222 31.22 -28.54 41.35
N ILE D 223 32.31 -27.98 41.84
CA ILE D 223 33.21 -27.17 41.01
C ILE D 223 34.00 -28.02 40.01
N LYS D 224 34.22 -29.30 40.33
CA LYS D 224 34.83 -30.23 39.37
C LYS D 224 33.95 -30.39 38.15
N GLN D 225 32.66 -30.67 38.36
CA GLN D 225 31.69 -30.82 37.28
C GLN D 225 31.34 -29.48 36.61
N ALA D 226 31.38 -28.39 37.38
CA ALA D 226 31.06 -27.06 36.85
C ALA D 226 32.17 -26.55 35.91
N ILE D 227 33.41 -26.63 36.37
CA ILE D 227 34.56 -26.18 35.58
C ILE D 227 34.72 -27.02 34.30
N LYS D 228 34.53 -28.33 34.42
CA LYS D 228 34.70 -29.26 33.29
C LYS D 228 33.72 -28.95 32.16
N GLN D 229 32.44 -28.76 32.51
CA GLN D 229 31.39 -28.53 31.50
C GLN D 229 31.59 -27.25 30.70
N GLY D 230 31.88 -26.15 31.40
CA GLY D 230 32.10 -24.85 30.76
C GLY D 230 33.36 -24.81 29.91
N VAL D 231 34.44 -25.37 30.44
CA VAL D 231 35.72 -25.44 29.71
C VAL D 231 35.59 -26.30 28.47
N GLU D 232 34.90 -27.45 28.59
CA GLU D 232 34.69 -28.35 27.48
C GLU D 232 33.89 -27.70 26.35
N ILE D 233 32.91 -26.87 26.72
CA ILE D 233 32.11 -26.12 25.76
C ILE D 233 32.93 -25.01 25.09
N ALA D 234 33.64 -24.23 25.90
CA ALA D 234 34.46 -23.13 25.39
C ALA D 234 35.58 -23.63 24.48
N LYS D 235 36.18 -24.76 24.84
CA LYS D 235 37.23 -25.39 24.03
C LYS D 235 36.71 -25.82 22.65
N LYS D 236 35.45 -26.25 22.60
CA LYS D 236 34.83 -26.71 21.35
C LYS D 236 34.51 -25.53 20.43
N ILE D 237 34.06 -24.42 21.02
CA ILE D 237 33.75 -23.20 20.26
C ILE D 237 35.02 -22.61 19.63
N LEU D 238 36.08 -22.53 20.42
CA LEU D 238 37.34 -21.92 19.97
C LEU D 238 38.15 -22.83 19.04
N GLY D 239 37.72 -24.08 18.92
CA GLY D 239 38.39 -25.05 18.08
C GLY D 239 39.69 -25.54 18.65
N ASN D 240 39.76 -25.41 19.95
CA ASN D 240 40.94 -25.78 20.66
C ASN D 240 40.86 -27.16 21.16
N ILE D 241 41.99 -27.80 21.05
CA ILE D 241 42.14 -29.11 21.56
C ILE D 241 43.67 -29.13 21.71
N SER D 242 44.19 -29.83 22.69
CA SER D 242 45.64 -29.87 22.94
C SER D 242 46.24 -28.72 23.73
N LYS D 243 45.39 -27.86 24.28
CA LYS D 243 45.90 -26.73 25.04
C LYS D 243 45.06 -26.43 26.27
N GLY D 244 45.66 -25.75 27.22
CA GLY D 244 44.97 -25.36 28.41
C GLY D 244 44.09 -24.22 28.00
N LEU D 245 43.05 -23.94 28.77
CA LEU D 245 42.17 -22.88 28.45
C LEU D 245 42.38 -21.75 29.41
N LYS D 246 42.56 -20.55 28.90
CA LYS D 246 42.76 -19.37 29.76
C LYS D 246 41.43 -18.82 30.22
N TYR D 247 41.48 -17.94 31.22
CA TYR D 247 40.26 -17.31 31.76
C TYR D 247 39.65 -16.36 30.73
N ILE D 248 40.50 -15.61 30.02
CA ILE D 248 40.04 -14.72 28.95
C ILE D 248 39.41 -15.47 27.78
N GLU D 249 39.88 -16.68 27.50
CA GLU D 249 39.35 -17.50 26.42
C GLU D 249 37.95 -18.01 26.76
N LEU D 250 37.72 -18.32 28.03
CA LEU D 250 36.40 -18.72 28.51
C LEU D 250 35.38 -17.59 28.31
N ALA D 251 35.80 -16.36 28.58
CA ALA D 251 34.98 -15.17 28.34
C ALA D 251 34.83 -14.90 26.85
N ASP D 252 35.88 -15.16 26.08
CA ASP D 252 35.85 -15.01 24.62
C ASP D 252 34.88 -15.98 23.98
N ALA D 253 34.88 -17.24 24.45
CA ALA D 253 33.97 -18.26 23.96
C ALA D 253 32.52 -17.89 24.28
N ARG D 254 32.30 -17.31 25.46
CA ARG D 254 30.97 -16.83 25.85
C ARG D 254 30.51 -15.67 24.98
N ALA D 255 31.44 -14.76 24.65
CA ALA D 255 31.12 -13.60 23.81
C ALA D 255 30.64 -14.02 22.42
N LYS D 256 31.29 -15.04 21.85
CA LYS D 256 30.85 -15.59 20.57
C LYS D 256 29.49 -16.28 20.70
N LEU D 257 29.28 -16.95 21.82
CA LEU D 257 28.02 -17.65 22.09
C LEU D 257 26.88 -16.66 22.32
N ASP D 258 27.20 -15.52 22.95
CA ASP D 258 26.24 -14.43 23.14
C ASP D 258 25.88 -13.75 21.83
N GLU D 259 26.86 -13.61 20.93
CA GLU D 259 26.64 -12.95 19.63
C GLU D 259 25.79 -13.80 18.70
N ARG D 260 25.94 -15.12 18.76
CA ARG D 260 25.10 -16.04 17.99
C ARG D 260 23.64 -15.97 18.46
N ILE D 261 23.45 -15.97 19.77
CA ILE D 261 22.11 -15.82 20.35
C ILE D 261 21.49 -14.48 19.95
N ASN D 262 22.32 -13.45 19.86
CA ASN D 262 21.89 -12.13 19.42
C ASN D 262 21.47 -12.14 17.96
N GLN D 263 22.28 -12.80 17.11
CA GLN D 263 22.00 -12.91 15.68
C GLN D 263 20.72 -13.69 15.40
N ILE D 264 20.50 -14.77 16.16
CA ILE D 264 19.30 -15.60 16.00
C ILE D 264 18.05 -14.81 16.38
N ASN D 265 18.15 -13.98 17.43
CA ASN D 265 17.04 -13.11 17.84
C ASN D 265 16.64 -12.10 16.77
N LYS D 266 17.61 -11.59 16.01
CA LYS D 266 17.32 -10.70 14.87
C LYS D 266 16.60 -11.46 13.76
N ASP D 267 17.08 -12.67 13.47
CA ASP D 267 16.52 -13.49 12.41
C ASP D 267 15.08 -13.93 12.72
N CYS D 268 14.82 -14.26 13.98
CA CYS D 268 13.47 -14.66 14.41
C CYS D 268 12.47 -13.49 14.34
N ASP D 269 12.95 -12.28 14.61
CA ASP D 269 12.11 -11.09 14.48
C ASP D 269 11.71 -10.86 13.03
N ASP D 270 12.67 -11.00 12.11
CA ASP D 270 12.40 -10.89 10.68
C ASP D 270 11.44 -11.98 10.21
N LEU D 271 11.64 -13.20 10.69
CA LEU D 271 10.75 -14.32 10.37
C LEU D 271 9.32 -14.08 10.89
N LYS D 272 9.21 -13.41 12.02
CA LYS D 272 7.89 -13.06 12.58
C LYS D 272 7.21 -11.93 11.82
N ILE D 273 7.99 -11.04 11.21
CA ILE D 273 7.45 -9.99 10.33
C ILE D 273 6.89 -10.63 9.06
N GLN D 274 7.65 -11.57 8.49
CA GLN D 274 7.22 -12.30 7.30
C GLN D 274 6.00 -13.17 7.59
N LEU D 275 6.02 -13.84 8.75
CA LEU D 275 4.89 -14.68 9.17
C LEU D 275 3.63 -13.84 9.38
N LYS D 276 3.80 -12.60 9.84
CA LYS D 276 2.68 -11.67 9.99
C LYS D 276 2.12 -11.27 8.62
N GLY D 277 3.00 -11.17 7.63
CA GLY D 277 2.61 -10.83 6.26
C GLY D 277 1.85 -11.93 5.55
N VAL D 278 2.35 -13.16 5.61
CA VAL D 278 1.71 -14.30 4.95
C VAL D 278 0.33 -14.61 5.56
N GLU D 279 0.24 -14.48 6.88
CA GLU D 279 -1.03 -14.70 7.59
C GLU D 279 -2.10 -13.70 7.12
N GLN D 280 -1.68 -12.45 6.88
CA GLN D 280 -2.58 -11.41 6.41
C GLN D 280 -3.05 -11.66 4.97
N ARG D 281 -2.13 -12.13 4.12
CA ARG D 281 -2.45 -12.44 2.73
C ARG D 281 -3.29 -13.71 2.60
N ILE D 282 -3.01 -14.70 3.45
CA ILE D 282 -3.86 -15.90 3.55
C ILE D 282 -5.27 -15.53 4.00
N ALA D 283 -5.35 -14.62 4.97
CA ALA D 283 -6.64 -14.10 5.44
C ALA D 283 -7.34 -13.31 4.33
N GLY D 284 -6.56 -12.62 3.52
CA GLY D 284 -7.08 -11.88 2.37
C GLY D 284 -7.62 -12.78 1.28
N ILE D 285 -6.89 -13.85 0.97
CA ILE D 285 -7.32 -14.82 -0.03
C ILE D 285 -8.62 -15.52 0.40
N GLU D 286 -8.74 -15.82 1.68
CA GLU D 286 -9.95 -16.43 2.22
C GLU D 286 -11.16 -15.49 2.16
N ASP D 287 -10.90 -14.19 2.28
CA ASP D 287 -11.96 -13.19 2.09
C ASP D 287 -12.45 -13.16 0.64
N VAL D 288 -11.52 -13.32 -0.30
CA VAL D 288 -11.85 -13.35 -1.72
C VAL D 288 -12.68 -14.61 -2.03
N HIS D 289 -12.27 -15.75 -1.47
CA HIS D 289 -13.04 -16.99 -1.59
C HIS D 289 -14.43 -16.84 -0.96
N GLN D 290 -14.51 -16.05 0.11
CA GLN D 290 -15.80 -15.80 0.78
C GLN D 290 -16.70 -14.93 -0.10
N ILE D 291 -16.13 -13.89 -0.70
CA ILE D 291 -16.87 -13.02 -1.62
C ILE D 291 -17.48 -13.82 -2.76
N ASP D 292 -16.78 -14.85 -3.22
CA ASP D 292 -17.32 -15.75 -4.25
C ASP D 292 -18.50 -16.58 -3.73
N LYS D 293 -18.41 -17.03 -2.48
CA LYS D 293 -19.51 -17.78 -1.85
C LYS D 293 -20.74 -16.91 -1.63
N GLU D 294 -20.51 -15.65 -1.23
CA GLU D 294 -21.60 -14.69 -1.06
C GLU D 294 -22.24 -14.36 -2.41
N ARG D 295 -21.41 -14.25 -3.46
CA ARG D 295 -21.92 -13.99 -4.81
C ARG D 295 -22.81 -15.12 -5.30
N THR D 296 -22.36 -16.37 -5.11
CA THR D 296 -23.13 -17.54 -5.49
C THR D 296 -24.45 -17.61 -4.74
N THR D 297 -24.43 -17.20 -3.47
CA THR D 297 -25.63 -17.19 -2.64
C THR D 297 -26.66 -16.16 -3.13
N LEU D 298 -26.20 -14.95 -3.43
CA LEU D 298 -27.10 -13.87 -3.85
C LEU D 298 -27.62 -14.09 -5.27
N LEU D 299 -26.77 -14.64 -6.14
CA LEU D 299 -27.16 -14.95 -7.52
C LEU D 299 -28.24 -16.03 -7.62
N LEU D 300 -28.26 -16.96 -6.66
CA LEU D 300 -29.34 -17.95 -6.58
C LEU D 300 -30.69 -17.29 -6.31
N GLN D 301 -30.69 -16.23 -5.51
CA GLN D 301 -31.90 -15.46 -5.22
C GLN D 301 -32.25 -14.56 -6.41
N ALA D 302 -31.25 -13.86 -6.93
CA ALA D 302 -31.40 -12.96 -8.06
C ALA D 302 -31.95 -13.67 -9.29
N ALA D 303 -31.43 -14.87 -9.55
CA ALA D 303 -31.91 -15.70 -10.66
C ALA D 303 -33.39 -16.04 -10.52
N LYS D 304 -33.83 -16.28 -9.27
CA LYS D 304 -35.24 -16.58 -9.01
C LYS D 304 -36.14 -15.36 -9.24
N LEU D 305 -35.64 -14.16 -8.94
CA LEU D 305 -36.39 -12.92 -9.21
C LEU D 305 -36.65 -12.76 -10.70
N GLU D 306 -35.60 -12.93 -11.50
CA GLU D 306 -35.72 -12.89 -12.96
C GLU D 306 -36.71 -13.96 -13.45
N GLN D 307 -36.57 -15.16 -12.92
CA GLN D 307 -37.44 -16.27 -13.28
C GLN D 307 -38.90 -15.98 -12.94
N ALA D 308 -39.12 -15.39 -11.77
CA ALA D 308 -40.47 -15.02 -11.32
C ALA D 308 -41.14 -14.04 -12.28
N TRP D 309 -40.41 -13.00 -12.68
CA TRP D 309 -40.97 -11.97 -13.57
C TRP D 309 -41.25 -12.51 -14.97
N ASN D 310 -40.42 -13.44 -15.45
CA ASN D 310 -40.67 -14.11 -16.73
C ASN D 310 -41.86 -15.07 -16.66
N ILE D 311 -42.04 -15.74 -15.53
CA ILE D 311 -43.20 -16.59 -15.30
C ILE D 311 -44.48 -15.74 -15.30
N PHE D 312 -44.42 -14.59 -14.64
CA PHE D 312 -45.56 -13.67 -14.57
C PHE D 312 -45.99 -13.20 -15.95
N ALA D 313 -45.02 -12.77 -16.75
CA ALA D 313 -45.28 -12.31 -18.12
C ALA D 313 -45.82 -13.44 -19.00
N LYS D 314 -45.27 -14.64 -18.84
CA LYS D 314 -45.72 -15.82 -19.58
C LYS D 314 -47.16 -16.17 -19.18
N GLN D 315 -47.46 -16.05 -17.89
CA GLN D 315 -48.77 -16.40 -17.35
C GLN D 315 -49.86 -15.45 -17.86
N LEU D 316 -49.53 -14.16 -17.92
CA LEU D 316 -50.47 -13.15 -18.41
C LEU D 316 -50.60 -13.18 -19.94
N GLN D 317 -49.50 -13.49 -20.63
CA GLN D 317 -49.53 -13.60 -22.09
C GLN D 317 -50.49 -14.71 -22.52
N ASN D 318 -50.44 -15.86 -21.84
CA ASN D 318 -51.34 -16.98 -22.12
C ASN D 318 -52.81 -16.65 -21.88
N THR D 319 -53.07 -15.74 -20.95
CA THR D 319 -54.45 -15.32 -20.64
C THR D 319 -55.06 -14.49 -21.77
N ILE D 320 -54.25 -13.65 -22.41
CA ILE D 320 -54.73 -12.76 -23.47
C ILE D 320 -54.62 -13.34 -24.89
N ASP D 321 -54.05 -14.54 -25.02
CA ASP D 321 -53.92 -15.18 -26.33
C ASP D 321 -55.27 -15.67 -26.84
N GLY D 322 -55.87 -16.61 -26.10
CA GLY D 322 -57.16 -17.18 -26.48
C GLY D 322 -58.34 -16.37 -25.96
N LYS D 323 -59.39 -17.06 -25.53
CA LYS D 323 -60.57 -16.42 -24.97
C LYS D 323 -60.28 -15.96 -23.54
N ILE D 324 -60.89 -14.84 -23.15
CA ILE D 324 -60.62 -14.24 -21.85
C ILE D 324 -61.67 -14.66 -20.82
N ASP D 325 -61.22 -15.35 -19.76
CA ASP D 325 -62.07 -15.64 -18.61
C ASP D 325 -61.67 -14.69 -17.49
N GLN D 326 -62.66 -14.08 -16.84
CA GLN D 326 -62.41 -13.08 -15.81
C GLN D 326 -61.72 -13.67 -14.60
N GLN D 327 -62.31 -14.73 -14.04
CA GLN D 327 -61.80 -15.37 -12.83
C GLN D 327 -60.42 -16.03 -13.02
N ASP D 328 -60.04 -16.30 -14.27
CA ASP D 328 -58.67 -16.72 -14.58
C ASP D 328 -57.71 -15.54 -14.45
N LEU D 329 -58.08 -14.40 -15.02
CA LEU D 329 -57.24 -13.20 -15.01
C LEU D 329 -57.15 -12.56 -13.63
N THR D 330 -58.28 -12.48 -12.93
CA THR D 330 -58.34 -11.84 -11.60
C THR D 330 -57.53 -12.62 -10.57
N LYS D 331 -57.65 -13.95 -10.64
CA LYS D 331 -56.90 -14.83 -9.74
C LYS D 331 -55.40 -14.73 -9.97
N ILE D 332 -54.98 -14.74 -11.24
CA ILE D 332 -53.57 -14.63 -11.61
C ILE D 332 -52.94 -13.35 -11.08
N ILE D 333 -53.62 -12.22 -11.29
CA ILE D 333 -53.11 -10.92 -10.85
C ILE D 333 -52.95 -10.87 -9.33
N HIS D 334 -53.96 -11.33 -8.60
CA HIS D 334 -53.92 -11.34 -7.13
C HIS D 334 -52.96 -12.40 -6.57
N LYS D 335 -52.71 -13.47 -7.33
CA LYS D 335 -51.69 -14.45 -6.96
C LYS D 335 -50.30 -13.88 -7.15
N GLN D 336 -50.14 -13.02 -8.16
CA GLN D 336 -48.89 -12.30 -8.40
C GLN D 336 -48.66 -11.22 -7.36
N LEU D 337 -49.71 -10.50 -7.00
CA LEU D 337 -49.61 -9.44 -5.98
C LEU D 337 -49.31 -10.02 -4.60
N ASP D 338 -49.89 -11.18 -4.30
CA ASP D 338 -49.55 -11.90 -3.05
C ASP D 338 -48.08 -12.28 -3.02
N PHE D 339 -47.52 -12.62 -4.17
CA PHE D 339 -46.09 -12.91 -4.31
C PHE D 339 -45.27 -11.64 -4.06
N LEU D 340 -45.72 -10.51 -4.61
CA LEU D 340 -45.05 -9.23 -4.41
C LEU D 340 -45.17 -8.75 -2.96
N ASP D 341 -46.33 -8.96 -2.34
CA ASP D 341 -46.54 -8.60 -0.94
C ASP D 341 -45.65 -9.40 0.00
N ASP D 342 -45.36 -10.65 -0.35
CA ASP D 342 -44.43 -11.48 0.42
C ASP D 342 -43.02 -10.92 0.35
N LEU D 343 -42.59 -10.51 -0.84
CA LEU D 343 -41.27 -9.89 -1.03
C LEU D 343 -41.19 -8.55 -0.31
N ALA D 344 -42.26 -7.75 -0.42
CA ALA D 344 -42.33 -6.45 0.26
C ALA D 344 -42.32 -6.61 1.78
N LEU D 345 -42.97 -7.66 2.27
CA LEU D 345 -43.00 -7.96 3.70
C LEU D 345 -41.60 -8.31 4.22
N GLN D 346 -40.85 -9.05 3.42
CA GLN D 346 -39.47 -9.43 3.78
C GLN D 346 -38.56 -8.20 3.89
N TYR D 347 -38.71 -7.26 2.96
CA TYR D 347 -37.94 -6.01 2.98
C TYR D 347 -38.30 -5.12 4.17
N HIS D 348 -39.59 -5.11 4.52
CA HIS D 348 -40.09 -4.24 5.59
C HIS D 348 -39.59 -4.66 6.98
N SER D 349 -39.47 -5.97 7.21
CA SER D 349 -39.05 -6.50 8.50
C SER D 349 -37.63 -7.07 8.46
N MET D 350 -36.76 -6.47 7.65
CA MET D 350 -35.41 -6.97 7.44
C MET D 350 -34.44 -6.38 8.45
N LEU D 351 -33.74 -7.26 9.17
CA LEU D 351 -32.64 -6.85 10.05
C LEU D 351 -31.35 -7.47 9.54
N LEU D 352 -30.56 -6.68 8.82
CA LEU D 352 -29.25 -7.12 8.33
C LEU D 352 -28.19 -7.02 9.42
N SER D 353 -27.07 -7.69 9.21
CA SER D 353 -25.95 -7.68 10.15
C SER D 353 -24.62 -7.57 9.39
#